data_5TA2
# 
_entry.id   5TA2 
# 
_audit_conform.dict_name       mmcif_pdbx.dic 
_audit_conform.dict_version    5.387 
_audit_conform.dict_location   http://mmcif.pdb.org/dictionaries/ascii/mmcif_pdbx.dic 
# 
loop_
_database_2.database_id 
_database_2.database_code 
_database_2.pdbx_database_accession 
_database_2.pdbx_DOI 
PDB   5TA2         pdb_00005ta2 10.2210/pdb5ta2/pdb 
WWPDB D_1000223954 ?            ?                   
# 
loop_
_pdbx_audit_revision_history.ordinal 
_pdbx_audit_revision_history.data_content_type 
_pdbx_audit_revision_history.major_revision 
_pdbx_audit_revision_history.minor_revision 
_pdbx_audit_revision_history.revision_date 
1 'Structure model' 1 0 2017-01-25 
2 'Structure model' 1 1 2017-02-08 
3 'Structure model' 1 2 2017-02-15 
4 'Structure model' 1 3 2017-03-29 
5 'Structure model' 1 4 2024-03-06 
# 
_pdbx_audit_revision_details.ordinal             1 
_pdbx_audit_revision_details.revision_ordinal    1 
_pdbx_audit_revision_details.data_content_type   'Structure model' 
_pdbx_audit_revision_details.provider            repository 
_pdbx_audit_revision_details.type                'Initial release' 
_pdbx_audit_revision_details.description         ? 
_pdbx_audit_revision_details.details             ? 
# 
loop_
_pdbx_audit_revision_group.ordinal 
_pdbx_audit_revision_group.revision_ordinal 
_pdbx_audit_revision_group.data_content_type 
_pdbx_audit_revision_group.group 
1 2 'Structure model' 'Database references' 
2 3 'Structure model' 'Database references' 
3 4 'Structure model' 'Structure summary'   
4 5 'Structure model' 'Data collection'     
5 5 'Structure model' 'Database references' 
# 
loop_
_pdbx_audit_revision_category.ordinal 
_pdbx_audit_revision_category.revision_ordinal 
_pdbx_audit_revision_category.data_content_type 
_pdbx_audit_revision_category.category 
1 5 'Structure model' chem_comp_atom 
2 5 'Structure model' chem_comp_bond 
3 5 'Structure model' database_2     
# 
loop_
_pdbx_audit_revision_item.ordinal 
_pdbx_audit_revision_item.revision_ordinal 
_pdbx_audit_revision_item.data_content_type 
_pdbx_audit_revision_item.item 
1 5 'Structure model' '_database_2.pdbx_DOI'                
2 5 'Structure model' '_database_2.pdbx_database_accession' 
# 
_pdbx_database_status.status_code                     REL 
_pdbx_database_status.status_code_sf                  REL 
_pdbx_database_status.status_code_mr                  ? 
_pdbx_database_status.entry_id                        5TA2 
_pdbx_database_status.recvd_initial_deposition_date   2016-09-09 
_pdbx_database_status.SG_entry                        N 
_pdbx_database_status.deposit_site                    RCSB 
_pdbx_database_status.process_site                    RCSB 
_pdbx_database_status.status_code_cs                  ? 
_pdbx_database_status.methods_development_category    ? 
_pdbx_database_status.pdb_format_compatible           Y 
_pdbx_database_status.status_code_nmr_data            ? 
# 
loop_
_pdbx_database_related.db_name 
_pdbx_database_related.details 
_pdbx_database_related.db_id 
_pdbx_database_related.content_type 
PDB . 5T9U unspecified 
PDB . 5T9W unspecified 
PDB . 5T9Z unspecified 
PDB . 5TA4 unspecified 
# 
loop_
_audit_author.name 
_audit_author.pdbx_ordinal 
_audit_author.identifier_ORCID 
'Appleby, T.C.' 1 ? 
'Steadman, V.'  2 ? 
'Pettit, S.'    3 ? 
'Schmitz, U.'   4 ? 
'Mackman, R.L.' 5 ? 
'Schultz, B.'   6 ? 
# 
_citation.abstract                  ? 
_citation.abstract_id_CAS           ? 
_citation.book_id_ISBN              ? 
_citation.book_publisher            ? 
_citation.book_publisher_city       ? 
_citation.book_title                ? 
_citation.coordinate_linkage        ? 
_citation.country                   US 
_citation.database_id_Medline       ? 
_citation.details                   ? 
_citation.id                        primary 
_citation.journal_abbrev            'J. Med. Chem.' 
_citation.journal_id_ASTM           JMCMAR 
_citation.journal_id_CSD            0151 
_citation.journal_id_ISSN           1520-4804 
_citation.journal_full              ? 
_citation.journal_issue             ? 
_citation.journal_volume            60 
_citation.language                  ? 
_citation.page_first                1000 
_citation.page_last                 1017 
_citation.title                     
'Discovery of Potent Cyclophilin Inhibitors Based on the Structural Simplification of Sanglifehrin A.' 
_citation.year                      2017 
_citation.database_id_CSD           ? 
_citation.pdbx_database_id_DOI      10.1021/acs.jmedchem.6b01329 
_citation.pdbx_database_id_PubMed   28075591 
_citation.unpublished_flag          ? 
# 
loop_
_citation_author.citation_id 
_citation_author.name 
_citation_author.ordinal 
_citation_author.identifier_ORCID 
primary 'Steadman, V.A.'   1  ? 
primary 'Pettit, S.B.'     2  ? 
primary 'Poullennec, K.G.' 3  ? 
primary 'Lazarides, L.'    4  ? 
primary 'Keats, A.J.'      5  ? 
primary 'Dean, D.K.'       6  ? 
primary 'Stanway, S.J.'    7  ? 
primary 'Austin, C.A.'     8  ? 
primary 'Sanvoisin, J.A.'  9  ? 
primary 'Watt, G.M.'       10 ? 
primary 'Fliri, H.G.'      11 ? 
primary 'Liclican, A.C.'   12 ? 
primary 'Jin, D.'          13 ? 
primary 'Wong, M.H.'       14 ? 
primary 'Leavitt, S.A.'    15 ? 
primary 'Lee, Y.J.'        16 ? 
primary 'Tian, Y.'         17 ? 
primary 'Frey, C.R.'       18 ? 
primary 'Appleby, T.C.'    19 ? 
primary 'Schmitz, U.'      20 ? 
primary 'Jansa, P.'        21 ? 
primary 'Mackman, R.L.'    22 ? 
primary 'Schultz, B.E.'    23 ? 
# 
loop_
_entity.id 
_entity.type 
_entity.src_method 
_entity.pdbx_description 
_entity.formula_weight 
_entity.pdbx_number_of_molecules 
_entity.pdbx_ec 
_entity.pdbx_mutation 
_entity.pdbx_fragment 
_entity.details 
1 polymer     man 'Peptidyl-prolyl cis-trans isomerase A' 17776.193 1   5.2.1.8 ? ? ? 
2 non-polymer syn 
;11-[(3-hydroxyphenyl)methyl]-18-methoxy-2,17-dimethyl-14-(propan-2-yl)-3-oxa-9,12,15,28-tetraazatricyclo[21.3.1.1~5,9~]octacosa-1(27),21,23,25-tetraene-4,10,13,16-tetrone
;
648.789   1   ?       ? ? ? 
3 water       nat water 18.015    227 ?       ? ? ? 
# 
_entity_name_com.entity_id   1 
_entity_name_com.name        'PPIase A,Cyclophilin A,Cyclosporin A-binding protein,Rotamase A' 
# 
_entity_poly.entity_id                      1 
_entity_poly.type                           'polypeptide(L)' 
_entity_poly.nstd_linkage                   no 
_entity_poly.nstd_monomer                   no 
_entity_poly.pdbx_seq_one_letter_code       
;VNPTVFFDIAVDGEPLGRVSFELFADKVPKTAENFRALSTGEKGFGYKGSCFHRIIPGFMCQGGDFTRHNGTGGKSIYGE
KFEDENFILKHTGPGILSMANAGPNTNGSQFFICTAKTEWLDGKHVVFGKVKEGMNIVEAMERFGSRNGKTSKKITIADC
GQL
;
_entity_poly.pdbx_seq_one_letter_code_can   
;VNPTVFFDIAVDGEPLGRVSFELFADKVPKTAENFRALSTGEKGFGYKGSCFHRIIPGFMCQGGDFTRHNGTGGKSIYGE
KFEDENFILKHTGPGILSMANAGPNTNGSQFFICTAKTEWLDGKHVVFGKVKEGMNIVEAMERFGSRNGKTSKKITIADC
GQL
;
_entity_poly.pdbx_strand_id                 A 
_entity_poly.pdbx_target_identifier         ? 
# 
loop_
_pdbx_entity_nonpoly.entity_id 
_pdbx_entity_nonpoly.name 
_pdbx_entity_nonpoly.comp_id 
2 
;11-[(3-hydroxyphenyl)methyl]-18-methoxy-2,17-dimethyl-14-(propan-2-yl)-3-oxa-9,12,15,28-tetraazatricyclo[21.3.1.1~5,9~]octacosa-1(27),21,23,25-tetraene-4,10,13,16-tetrone
;
78X 
3 water HOH 
# 
loop_
_entity_poly_seq.entity_id 
_entity_poly_seq.num 
_entity_poly_seq.mon_id 
_entity_poly_seq.hetero 
1 1   VAL n 
1 2   ASN n 
1 3   PRO n 
1 4   THR n 
1 5   VAL n 
1 6   PHE n 
1 7   PHE n 
1 8   ASP n 
1 9   ILE n 
1 10  ALA n 
1 11  VAL n 
1 12  ASP n 
1 13  GLY n 
1 14  GLU n 
1 15  PRO n 
1 16  LEU n 
1 17  GLY n 
1 18  ARG n 
1 19  VAL n 
1 20  SER n 
1 21  PHE n 
1 22  GLU n 
1 23  LEU n 
1 24  PHE n 
1 25  ALA n 
1 26  ASP n 
1 27  LYS n 
1 28  VAL n 
1 29  PRO n 
1 30  LYS n 
1 31  THR n 
1 32  ALA n 
1 33  GLU n 
1 34  ASN n 
1 35  PHE n 
1 36  ARG n 
1 37  ALA n 
1 38  LEU n 
1 39  SER n 
1 40  THR n 
1 41  GLY n 
1 42  GLU n 
1 43  LYS n 
1 44  GLY n 
1 45  PHE n 
1 46  GLY n 
1 47  TYR n 
1 48  LYS n 
1 49  GLY n 
1 50  SER n 
1 51  CYS n 
1 52  PHE n 
1 53  HIS n 
1 54  ARG n 
1 55  ILE n 
1 56  ILE n 
1 57  PRO n 
1 58  GLY n 
1 59  PHE n 
1 60  MET n 
1 61  CYS n 
1 62  GLN n 
1 63  GLY n 
1 64  GLY n 
1 65  ASP n 
1 66  PHE n 
1 67  THR n 
1 68  ARG n 
1 69  HIS n 
1 70  ASN n 
1 71  GLY n 
1 72  THR n 
1 73  GLY n 
1 74  GLY n 
1 75  LYS n 
1 76  SER n 
1 77  ILE n 
1 78  TYR n 
1 79  GLY n 
1 80  GLU n 
1 81  LYS n 
1 82  PHE n 
1 83  GLU n 
1 84  ASP n 
1 85  GLU n 
1 86  ASN n 
1 87  PHE n 
1 88  ILE n 
1 89  LEU n 
1 90  LYS n 
1 91  HIS n 
1 92  THR n 
1 93  GLY n 
1 94  PRO n 
1 95  GLY n 
1 96  ILE n 
1 97  LEU n 
1 98  SER n 
1 99  MET n 
1 100 ALA n 
1 101 ASN n 
1 102 ALA n 
1 103 GLY n 
1 104 PRO n 
1 105 ASN n 
1 106 THR n 
1 107 ASN n 
1 108 GLY n 
1 109 SER n 
1 110 GLN n 
1 111 PHE n 
1 112 PHE n 
1 113 ILE n 
1 114 CYS n 
1 115 THR n 
1 116 ALA n 
1 117 LYS n 
1 118 THR n 
1 119 GLU n 
1 120 TRP n 
1 121 LEU n 
1 122 ASP n 
1 123 GLY n 
1 124 LYS n 
1 125 HIS n 
1 126 VAL n 
1 127 VAL n 
1 128 PHE n 
1 129 GLY n 
1 130 LYS n 
1 131 VAL n 
1 132 LYS n 
1 133 GLU n 
1 134 GLY n 
1 135 MET n 
1 136 ASN n 
1 137 ILE n 
1 138 VAL n 
1 139 GLU n 
1 140 ALA n 
1 141 MET n 
1 142 GLU n 
1 143 ARG n 
1 144 PHE n 
1 145 GLY n 
1 146 SER n 
1 147 ARG n 
1 148 ASN n 
1 149 GLY n 
1 150 LYS n 
1 151 THR n 
1 152 SER n 
1 153 LYS n 
1 154 LYS n 
1 155 ILE n 
1 156 THR n 
1 157 ILE n 
1 158 ALA n 
1 159 ASP n 
1 160 CYS n 
1 161 GLY n 
1 162 GLN n 
1 163 LEU n 
# 
_entity_src_gen.entity_id                          1 
_entity_src_gen.pdbx_src_id                        1 
_entity_src_gen.pdbx_alt_source_flag               sample 
_entity_src_gen.pdbx_seq_type                      'Biological sequence' 
_entity_src_gen.pdbx_beg_seq_num                   1 
_entity_src_gen.pdbx_end_seq_num                   163 
_entity_src_gen.gene_src_common_name               Human 
_entity_src_gen.gene_src_genus                     ? 
_entity_src_gen.pdbx_gene_src_gene                 'PPIA, CYPA' 
_entity_src_gen.gene_src_species                   ? 
_entity_src_gen.gene_src_strain                    ? 
_entity_src_gen.gene_src_tissue                    ? 
_entity_src_gen.gene_src_tissue_fraction           ? 
_entity_src_gen.gene_src_details                   ? 
_entity_src_gen.pdbx_gene_src_fragment             ? 
_entity_src_gen.pdbx_gene_src_scientific_name      'Homo sapiens' 
_entity_src_gen.pdbx_gene_src_ncbi_taxonomy_id     9606 
_entity_src_gen.pdbx_gene_src_variant              ? 
_entity_src_gen.pdbx_gene_src_cell_line            ? 
_entity_src_gen.pdbx_gene_src_atcc                 ? 
_entity_src_gen.pdbx_gene_src_organ                ? 
_entity_src_gen.pdbx_gene_src_organelle            ? 
_entity_src_gen.pdbx_gene_src_cell                 ? 
_entity_src_gen.pdbx_gene_src_cellular_location    ? 
_entity_src_gen.host_org_common_name               ? 
_entity_src_gen.pdbx_host_org_scientific_name      'Escherichia coli' 
_entity_src_gen.pdbx_host_org_ncbi_taxonomy_id     469008 
_entity_src_gen.host_org_genus                     ? 
_entity_src_gen.pdbx_host_org_gene                 ? 
_entity_src_gen.pdbx_host_org_organ                ? 
_entity_src_gen.host_org_species                   ? 
_entity_src_gen.pdbx_host_org_tissue               ? 
_entity_src_gen.pdbx_host_org_tissue_fraction      ? 
_entity_src_gen.pdbx_host_org_strain               ? 
_entity_src_gen.pdbx_host_org_variant              ? 
_entity_src_gen.pdbx_host_org_cell_line            ? 
_entity_src_gen.pdbx_host_org_atcc                 ? 
_entity_src_gen.pdbx_host_org_culture_collection   ? 
_entity_src_gen.pdbx_host_org_cell                 ? 
_entity_src_gen.pdbx_host_org_organelle            ? 
_entity_src_gen.pdbx_host_org_cellular_location    ? 
_entity_src_gen.pdbx_host_org_vector_type          ? 
_entity_src_gen.pdbx_host_org_vector               ? 
_entity_src_gen.host_org_details                   ? 
_entity_src_gen.expression_system_id               ? 
_entity_src_gen.plasmid_name                       ? 
_entity_src_gen.plasmid_details                    ? 
_entity_src_gen.pdbx_description                   ? 
# 
loop_
_chem_comp.id 
_chem_comp.type 
_chem_comp.mon_nstd_flag 
_chem_comp.name 
_chem_comp.pdbx_synonyms 
_chem_comp.formula 
_chem_comp.formula_weight 
78X peptide-like        . 
;11-[(3-hydroxyphenyl)methyl]-18-methoxy-2,17-dimethyl-14-(propan-2-yl)-3-oxa-9,12,15,28-tetraazatricyclo[21.3.1.1~5,9~]octacosa-1(27),21,23,25-tetraene-4,10,13,16-tetrone
;
? 'C36 H48 N4 O7'  648.789 
ALA 'L-peptide linking' y ALANINE ? 'C3 H7 N O2'     89.093  
ARG 'L-peptide linking' y ARGININE ? 'C6 H15 N4 O2 1' 175.209 
ASN 'L-peptide linking' y ASPARAGINE ? 'C4 H8 N2 O3'    132.118 
ASP 'L-peptide linking' y 'ASPARTIC ACID' ? 'C4 H7 N O4'     133.103 
CYS 'L-peptide linking' y CYSTEINE ? 'C3 H7 N O2 S'   121.158 
GLN 'L-peptide linking' y GLUTAMINE ? 'C5 H10 N2 O3'   146.144 
GLU 'L-peptide linking' y 'GLUTAMIC ACID' ? 'C5 H9 N O4'     147.129 
GLY 'peptide linking'   y GLYCINE ? 'C2 H5 N O2'     75.067  
HIS 'L-peptide linking' y HISTIDINE ? 'C6 H10 N3 O2 1' 156.162 
HOH non-polymer         . WATER ? 'H2 O'           18.015  
ILE 'L-peptide linking' y ISOLEUCINE ? 'C6 H13 N O2'    131.173 
LEU 'L-peptide linking' y LEUCINE ? 'C6 H13 N O2'    131.173 
LYS 'L-peptide linking' y LYSINE ? 'C6 H15 N2 O2 1' 147.195 
MET 'L-peptide linking' y METHIONINE ? 'C5 H11 N O2 S'  149.211 
PHE 'L-peptide linking' y PHENYLALANINE ? 'C9 H11 N O2'    165.189 
PRO 'L-peptide linking' y PROLINE ? 'C5 H9 N O2'     115.130 
SER 'L-peptide linking' y SERINE ? 'C3 H7 N O3'     105.093 
THR 'L-peptide linking' y THREONINE ? 'C4 H9 N O3'     119.119 
TRP 'L-peptide linking' y TRYPTOPHAN ? 'C11 H12 N2 O2'  204.225 
TYR 'L-peptide linking' y TYROSINE ? 'C9 H11 N O3'    181.189 
VAL 'L-peptide linking' y VALINE ? 'C5 H11 N O2'    117.146 
# 
loop_
_pdbx_poly_seq_scheme.asym_id 
_pdbx_poly_seq_scheme.entity_id 
_pdbx_poly_seq_scheme.seq_id 
_pdbx_poly_seq_scheme.mon_id 
_pdbx_poly_seq_scheme.ndb_seq_num 
_pdbx_poly_seq_scheme.pdb_seq_num 
_pdbx_poly_seq_scheme.auth_seq_num 
_pdbx_poly_seq_scheme.pdb_mon_id 
_pdbx_poly_seq_scheme.auth_mon_id 
_pdbx_poly_seq_scheme.pdb_strand_id 
_pdbx_poly_seq_scheme.pdb_ins_code 
_pdbx_poly_seq_scheme.hetero 
A 1 1   VAL 1   2   2   VAL VAL A . n 
A 1 2   ASN 2   3   3   ASN ASN A . n 
A 1 3   PRO 3   4   4   PRO PRO A . n 
A 1 4   THR 4   5   5   THR THR A . n 
A 1 5   VAL 5   6   6   VAL VAL A . n 
A 1 6   PHE 6   7   7   PHE PHE A . n 
A 1 7   PHE 7   8   8   PHE PHE A . n 
A 1 8   ASP 8   9   9   ASP ASP A . n 
A 1 9   ILE 9   10  10  ILE ILE A . n 
A 1 10  ALA 10  11  11  ALA ALA A . n 
A 1 11  VAL 11  12  12  VAL VAL A . n 
A 1 12  ASP 12  13  13  ASP ASP A . n 
A 1 13  GLY 13  14  14  GLY GLY A . n 
A 1 14  GLU 14  15  15  GLU GLU A . n 
A 1 15  PRO 15  16  16  PRO PRO A . n 
A 1 16  LEU 16  17  17  LEU LEU A . n 
A 1 17  GLY 17  18  18  GLY GLY A . n 
A 1 18  ARG 18  19  19  ARG ARG A . n 
A 1 19  VAL 19  20  20  VAL VAL A . n 
A 1 20  SER 20  21  21  SER SER A . n 
A 1 21  PHE 21  22  22  PHE PHE A . n 
A 1 22  GLU 22  23  23  GLU GLU A . n 
A 1 23  LEU 23  24  24  LEU LEU A . n 
A 1 24  PHE 24  25  25  PHE PHE A . n 
A 1 25  ALA 25  26  26  ALA ALA A . n 
A 1 26  ASP 26  27  27  ASP ASP A . n 
A 1 27  LYS 27  28  28  LYS LYS A . n 
A 1 28  VAL 28  29  29  VAL VAL A . n 
A 1 29  PRO 29  30  30  PRO PRO A . n 
A 1 30  LYS 30  31  31  LYS LYS A . n 
A 1 31  THR 31  32  32  THR THR A . n 
A 1 32  ALA 32  33  33  ALA ALA A . n 
A 1 33  GLU 33  34  34  GLU GLU A . n 
A 1 34  ASN 34  35  35  ASN ASN A . n 
A 1 35  PHE 35  36  36  PHE PHE A . n 
A 1 36  ARG 36  37  37  ARG ARG A . n 
A 1 37  ALA 37  38  38  ALA ALA A . n 
A 1 38  LEU 38  39  39  LEU LEU A . n 
A 1 39  SER 39  40  40  SER SER A . n 
A 1 40  THR 40  41  41  THR THR A . n 
A 1 41  GLY 41  42  42  GLY GLY A . n 
A 1 42  GLU 42  43  43  GLU GLU A . n 
A 1 43  LYS 43  44  44  LYS LYS A . n 
A 1 44  GLY 44  45  45  GLY GLY A . n 
A 1 45  PHE 45  46  46  PHE PHE A . n 
A 1 46  GLY 46  47  47  GLY GLY A . n 
A 1 47  TYR 47  48  48  TYR TYR A . n 
A 1 48  LYS 48  49  49  LYS LYS A . n 
A 1 49  GLY 49  50  50  GLY GLY A . n 
A 1 50  SER 50  51  51  SER SER A . n 
A 1 51  CYS 51  52  52  CYS CYS A . n 
A 1 52  PHE 52  53  53  PHE PHE A . n 
A 1 53  HIS 53  54  54  HIS HIS A . n 
A 1 54  ARG 54  55  55  ARG ARG A . n 
A 1 55  ILE 55  56  56  ILE ILE A . n 
A 1 56  ILE 56  57  57  ILE ILE A . n 
A 1 57  PRO 57  58  58  PRO PRO A . n 
A 1 58  GLY 58  59  59  GLY GLY A . n 
A 1 59  PHE 59  60  60  PHE PHE A . n 
A 1 60  MET 60  61  61  MET MET A . n 
A 1 61  CYS 61  62  62  CYS CYS A . n 
A 1 62  GLN 62  63  63  GLN GLN A . n 
A 1 63  GLY 63  64  64  GLY GLY A . n 
A 1 64  GLY 64  65  65  GLY GLY A . n 
A 1 65  ASP 65  66  66  ASP ASP A . n 
A 1 66  PHE 66  67  67  PHE PHE A . n 
A 1 67  THR 67  68  68  THR THR A . n 
A 1 68  ARG 68  69  69  ARG ARG A . n 
A 1 69  HIS 69  70  70  HIS HIS A . n 
A 1 70  ASN 70  71  71  ASN ASN A . n 
A 1 71  GLY 71  72  72  GLY GLY A . n 
A 1 72  THR 72  73  73  THR THR A . n 
A 1 73  GLY 73  74  74  GLY GLY A . n 
A 1 74  GLY 74  75  75  GLY GLY A . n 
A 1 75  LYS 75  76  76  LYS LYS A . n 
A 1 76  SER 76  77  77  SER SER A . n 
A 1 77  ILE 77  78  78  ILE ILE A . n 
A 1 78  TYR 78  79  79  TYR TYR A . n 
A 1 79  GLY 79  80  80  GLY GLY A . n 
A 1 80  GLU 80  81  81  GLU GLU A . n 
A 1 81  LYS 81  82  82  LYS LYS A . n 
A 1 82  PHE 82  83  83  PHE PHE A . n 
A 1 83  GLU 83  84  84  GLU GLU A . n 
A 1 84  ASP 84  85  85  ASP ASP A . n 
A 1 85  GLU 85  86  86  GLU GLU A . n 
A 1 86  ASN 86  87  87  ASN ASN A . n 
A 1 87  PHE 87  88  88  PHE PHE A . n 
A 1 88  ILE 88  89  89  ILE ILE A . n 
A 1 89  LEU 89  90  90  LEU LEU A . n 
A 1 90  LYS 90  91  91  LYS LYS A . n 
A 1 91  HIS 91  92  92  HIS HIS A . n 
A 1 92  THR 92  93  93  THR THR A . n 
A 1 93  GLY 93  94  94  GLY GLY A . n 
A 1 94  PRO 94  95  95  PRO PRO A . n 
A 1 95  GLY 95  96  96  GLY GLY A . n 
A 1 96  ILE 96  97  97  ILE ILE A . n 
A 1 97  LEU 97  98  98  LEU LEU A . n 
A 1 98  SER 98  99  99  SER SER A . n 
A 1 99  MET 99  100 100 MET MET A . n 
A 1 100 ALA 100 101 101 ALA ALA A . n 
A 1 101 ASN 101 102 102 ASN ASN A . n 
A 1 102 ALA 102 103 103 ALA ALA A . n 
A 1 103 GLY 103 104 104 GLY GLY A . n 
A 1 104 PRO 104 105 105 PRO PRO A . n 
A 1 105 ASN 105 106 106 ASN ASN A . n 
A 1 106 THR 106 107 107 THR THR A . n 
A 1 107 ASN 107 108 108 ASN ASN A . n 
A 1 108 GLY 108 109 109 GLY GLY A . n 
A 1 109 SER 109 110 110 SER SER A . n 
A 1 110 GLN 110 111 111 GLN GLN A . n 
A 1 111 PHE 111 112 112 PHE PHE A . n 
A 1 112 PHE 112 113 113 PHE PHE A . n 
A 1 113 ILE 113 114 114 ILE ILE A . n 
A 1 114 CYS 114 115 115 CYS CYS A . n 
A 1 115 THR 115 116 116 THR THR A . n 
A 1 116 ALA 116 117 117 ALA ALA A . n 
A 1 117 LYS 117 118 118 LYS LYS A . n 
A 1 118 THR 118 119 119 THR THR A . n 
A 1 119 GLU 119 120 120 GLU GLU A . n 
A 1 120 TRP 120 121 121 TRP TRP A . n 
A 1 121 LEU 121 122 122 LEU LEU A . n 
A 1 122 ASP 122 123 123 ASP ASP A . n 
A 1 123 GLY 123 124 124 GLY GLY A . n 
A 1 124 LYS 124 125 125 LYS LYS A . n 
A 1 125 HIS 125 126 126 HIS HIS A . n 
A 1 126 VAL 126 127 127 VAL VAL A . n 
A 1 127 VAL 127 128 128 VAL VAL A . n 
A 1 128 PHE 128 129 129 PHE PHE A . n 
A 1 129 GLY 129 130 130 GLY GLY A . n 
A 1 130 LYS 130 131 131 LYS LYS A . n 
A 1 131 VAL 131 132 132 VAL VAL A . n 
A 1 132 LYS 132 133 133 LYS LYS A . n 
A 1 133 GLU 133 134 134 GLU GLU A . n 
A 1 134 GLY 134 135 135 GLY GLY A . n 
A 1 135 MET 135 136 136 MET MET A . n 
A 1 136 ASN 136 137 137 ASN ASN A . n 
A 1 137 ILE 137 138 138 ILE ILE A . n 
A 1 138 VAL 138 139 139 VAL VAL A . n 
A 1 139 GLU 139 140 140 GLU GLU A . n 
A 1 140 ALA 140 141 141 ALA ALA A . n 
A 1 141 MET 141 142 142 MET MET A . n 
A 1 142 GLU 142 143 143 GLU GLU A . n 
A 1 143 ARG 143 144 144 ARG ARG A . n 
A 1 144 PHE 144 145 145 PHE PHE A . n 
A 1 145 GLY 145 146 146 GLY GLY A . n 
A 1 146 SER 146 147 147 SER SER A . n 
A 1 147 ARG 147 148 148 ARG ARG A . n 
A 1 148 ASN 148 149 149 ASN ASN A . n 
A 1 149 GLY 149 150 150 GLY GLY A . n 
A 1 150 LYS 150 151 151 LYS LYS A . n 
A 1 151 THR 151 152 152 THR THR A . n 
A 1 152 SER 152 153 153 SER SER A . n 
A 1 153 LYS 153 154 154 LYS LYS A . n 
A 1 154 LYS 154 155 155 LYS LYS A . n 
A 1 155 ILE 155 156 156 ILE ILE A . n 
A 1 156 THR 156 157 157 THR THR A . n 
A 1 157 ILE 157 158 158 ILE ILE A . n 
A 1 158 ALA 158 159 159 ALA ALA A . n 
A 1 159 ASP 159 160 160 ASP ASP A . n 
A 1 160 CYS 160 161 161 CYS CYS A . n 
A 1 161 GLY 161 162 162 GLY GLY A . n 
A 1 162 GLN 162 163 163 GLN GLN A . n 
A 1 163 LEU 163 164 164 LEU LEU A . n 
# 
loop_
_pdbx_nonpoly_scheme.asym_id 
_pdbx_nonpoly_scheme.entity_id 
_pdbx_nonpoly_scheme.mon_id 
_pdbx_nonpoly_scheme.ndb_seq_num 
_pdbx_nonpoly_scheme.pdb_seq_num 
_pdbx_nonpoly_scheme.auth_seq_num 
_pdbx_nonpoly_scheme.pdb_mon_id 
_pdbx_nonpoly_scheme.auth_mon_id 
_pdbx_nonpoly_scheme.pdb_strand_id 
_pdbx_nonpoly_scheme.pdb_ins_code 
B 2 78X 1   300 300 78X 658 A . 
C 3 HOH 1   401 95  HOH HOH A . 
C 3 HOH 2   402 184 HOH HOH A . 
C 3 HOH 3   403 175 HOH HOH A . 
C 3 HOH 4   404 159 HOH HOH A . 
C 3 HOH 5   405 215 HOH HOH A . 
C 3 HOH 6   406 99  HOH HOH A . 
C 3 HOH 7   407 104 HOH HOH A . 
C 3 HOH 8   408 167 HOH HOH A . 
C 3 HOH 9   409 122 HOH HOH A . 
C 3 HOH 10  410 183 HOH HOH A . 
C 3 HOH 11  411 227 HOH HOH A . 
C 3 HOH 12  412 55  HOH HOH A . 
C 3 HOH 13  413 37  HOH HOH A . 
C 3 HOH 14  414 96  HOH HOH A . 
C 3 HOH 15  415 16  HOH HOH A . 
C 3 HOH 16  416 191 HOH HOH A . 
C 3 HOH 17  417 190 HOH HOH A . 
C 3 HOH 18  418 50  HOH HOH A . 
C 3 HOH 19  419 145 HOH HOH A . 
C 3 HOH 20  420 194 HOH HOH A . 
C 3 HOH 21  421 6   HOH HOH A . 
C 3 HOH 22  422 146 HOH HOH A . 
C 3 HOH 23  423 19  HOH HOH A . 
C 3 HOH 24  424 43  HOH HOH A . 
C 3 HOH 25  425 136 HOH HOH A . 
C 3 HOH 26  426 34  HOH HOH A . 
C 3 HOH 27  427 108 HOH HOH A . 
C 3 HOH 28  428 7   HOH HOH A . 
C 3 HOH 29  429 115 HOH HOH A . 
C 3 HOH 30  430 62  HOH HOH A . 
C 3 HOH 31  431 11  HOH HOH A . 
C 3 HOH 32  432 49  HOH HOH A . 
C 3 HOH 33  433 80  HOH HOH A . 
C 3 HOH 34  434 200 HOH HOH A . 
C 3 HOH 35  435 130 HOH HOH A . 
C 3 HOH 36  436 110 HOH HOH A . 
C 3 HOH 37  437 2   HOH HOH A . 
C 3 HOH 38  438 151 HOH HOH A . 
C 3 HOH 39  439 40  HOH HOH A . 
C 3 HOH 40  440 121 HOH HOH A . 
C 3 HOH 41  441 67  HOH HOH A . 
C 3 HOH 42  442 4   HOH HOH A . 
C 3 HOH 43  443 174 HOH HOH A . 
C 3 HOH 44  444 35  HOH HOH A . 
C 3 HOH 45  445 172 HOH HOH A . 
C 3 HOH 46  446 83  HOH HOH A . 
C 3 HOH 47  447 42  HOH HOH A . 
C 3 HOH 48  448 3   HOH HOH A . 
C 3 HOH 49  449 14  HOH HOH A . 
C 3 HOH 50  450 173 HOH HOH A . 
C 3 HOH 51  451 210 HOH HOH A . 
C 3 HOH 52  452 126 HOH HOH A . 
C 3 HOH 53  453 45  HOH HOH A . 
C 3 HOH 54  454 36  HOH HOH A . 
C 3 HOH 55  455 24  HOH HOH A . 
C 3 HOH 56  456 98  HOH HOH A . 
C 3 HOH 57  457 86  HOH HOH A . 
C 3 HOH 58  458 73  HOH HOH A . 
C 3 HOH 59  459 111 HOH HOH A . 
C 3 HOH 60  460 214 HOH HOH A . 
C 3 HOH 61  461 20  HOH HOH A . 
C 3 HOH 62  462 100 HOH HOH A . 
C 3 HOH 63  463 8   HOH HOH A . 
C 3 HOH 64  464 61  HOH HOH A . 
C 3 HOH 65  465 66  HOH HOH A . 
C 3 HOH 66  466 72  HOH HOH A . 
C 3 HOH 67  467 58  HOH HOH A . 
C 3 HOH 68  468 188 HOH HOH A . 
C 3 HOH 69  469 106 HOH HOH A . 
C 3 HOH 70  470 71  HOH HOH A . 
C 3 HOH 71  471 18  HOH HOH A . 
C 3 HOH 72  472 54  HOH HOH A . 
C 3 HOH 73  473 117 HOH HOH A . 
C 3 HOH 74  474 87  HOH HOH A . 
C 3 HOH 75  475 15  HOH HOH A . 
C 3 HOH 76  476 65  HOH HOH A . 
C 3 HOH 77  477 226 HOH HOH A . 
C 3 HOH 78  478 82  HOH HOH A . 
C 3 HOH 79  479 39  HOH HOH A . 
C 3 HOH 80  480 32  HOH HOH A . 
C 3 HOH 81  481 201 HOH HOH A . 
C 3 HOH 82  482 165 HOH HOH A . 
C 3 HOH 83  483 17  HOH HOH A . 
C 3 HOH 84  484 56  HOH HOH A . 
C 3 HOH 85  485 127 HOH HOH A . 
C 3 HOH 86  486 41  HOH HOH A . 
C 3 HOH 87  487 85  HOH HOH A . 
C 3 HOH 88  488 47  HOH HOH A . 
C 3 HOH 89  489 5   HOH HOH A . 
C 3 HOH 90  490 68  HOH HOH A . 
C 3 HOH 91  491 22  HOH HOH A . 
C 3 HOH 92  492 102 HOH HOH A . 
C 3 HOH 93  493 192 HOH HOH A . 
C 3 HOH 94  494 13  HOH HOH A . 
C 3 HOH 95  495 202 HOH HOH A . 
C 3 HOH 96  496 187 HOH HOH A . 
C 3 HOH 97  497 107 HOH HOH A . 
C 3 HOH 98  498 9   HOH HOH A . 
C 3 HOH 99  499 1   HOH HOH A . 
C 3 HOH 100 500 181 HOH HOH A . 
C 3 HOH 101 501 46  HOH HOH A . 
C 3 HOH 102 502 23  HOH HOH A . 
C 3 HOH 103 503 26  HOH HOH A . 
C 3 HOH 104 504 84  HOH HOH A . 
C 3 HOH 105 505 91  HOH HOH A . 
C 3 HOH 106 506 74  HOH HOH A . 
C 3 HOH 107 507 193 HOH HOH A . 
C 3 HOH 108 508 38  HOH HOH A . 
C 3 HOH 109 509 44  HOH HOH A . 
C 3 HOH 110 510 81  HOH HOH A . 
C 3 HOH 111 511 103 HOH HOH A . 
C 3 HOH 112 512 57  HOH HOH A . 
C 3 HOH 113 513 97  HOH HOH A . 
C 3 HOH 114 514 64  HOH HOH A . 
C 3 HOH 115 515 205 HOH HOH A . 
C 3 HOH 116 516 10  HOH HOH A . 
C 3 HOH 117 517 203 HOH HOH A . 
C 3 HOH 118 518 78  HOH HOH A . 
C 3 HOH 119 519 21  HOH HOH A . 
C 3 HOH 120 520 109 HOH HOH A . 
C 3 HOH 121 521 89  HOH HOH A . 
C 3 HOH 122 522 223 HOH HOH A . 
C 3 HOH 123 523 31  HOH HOH A . 
C 3 HOH 124 524 12  HOH HOH A . 
C 3 HOH 125 525 169 HOH HOH A . 
C 3 HOH 126 526 189 HOH HOH A . 
C 3 HOH 127 527 133 HOH HOH A . 
C 3 HOH 128 528 59  HOH HOH A . 
C 3 HOH 129 529 30  HOH HOH A . 
C 3 HOH 130 530 123 HOH HOH A . 
C 3 HOH 131 531 195 HOH HOH A . 
C 3 HOH 132 532 77  HOH HOH A . 
C 3 HOH 133 533 112 HOH HOH A . 
C 3 HOH 134 534 113 HOH HOH A . 
C 3 HOH 135 535 158 HOH HOH A . 
C 3 HOH 136 536 160 HOH HOH A . 
C 3 HOH 137 537 33  HOH HOH A . 
C 3 HOH 138 538 228 HOH HOH A . 
C 3 HOH 139 539 142 HOH HOH A . 
C 3 HOH 140 540 137 HOH HOH A . 
C 3 HOH 141 541 75  HOH HOH A . 
C 3 HOH 142 542 48  HOH HOH A . 
C 3 HOH 143 543 148 HOH HOH A . 
C 3 HOH 144 544 147 HOH HOH A . 
C 3 HOH 145 545 132 HOH HOH A . 
C 3 HOH 146 546 25  HOH HOH A . 
C 3 HOH 147 547 197 HOH HOH A . 
C 3 HOH 148 548 88  HOH HOH A . 
C 3 HOH 149 549 161 HOH HOH A . 
C 3 HOH 150 550 129 HOH HOH A . 
C 3 HOH 151 551 186 HOH HOH A . 
C 3 HOH 152 552 29  HOH HOH A . 
C 3 HOH 153 553 138 HOH HOH A . 
C 3 HOH 154 554 168 HOH HOH A . 
C 3 HOH 155 555 90  HOH HOH A . 
C 3 HOH 156 556 120 HOH HOH A . 
C 3 HOH 157 557 124 HOH HOH A . 
C 3 HOH 158 558 199 HOH HOH A . 
C 3 HOH 159 559 93  HOH HOH A . 
C 3 HOH 160 560 128 HOH HOH A . 
C 3 HOH 161 561 28  HOH HOH A . 
C 3 HOH 162 562 162 HOH HOH A . 
C 3 HOH 163 563 224 HOH HOH A . 
C 3 HOH 164 564 141 HOH HOH A . 
C 3 HOH 165 565 211 HOH HOH A . 
C 3 HOH 166 566 185 HOH HOH A . 
C 3 HOH 167 567 196 HOH HOH A . 
C 3 HOH 168 568 139 HOH HOH A . 
C 3 HOH 169 569 154 HOH HOH A . 
C 3 HOH 170 570 198 HOH HOH A . 
C 3 HOH 171 571 149 HOH HOH A . 
C 3 HOH 172 572 220 HOH HOH A . 
C 3 HOH 173 573 217 HOH HOH A . 
C 3 HOH 174 574 207 HOH HOH A . 
C 3 HOH 175 575 131 HOH HOH A . 
C 3 HOH 176 576 63  HOH HOH A . 
C 3 HOH 177 577 216 HOH HOH A . 
C 3 HOH 178 578 27  HOH HOH A . 
C 3 HOH 179 579 125 HOH HOH A . 
C 3 HOH 180 580 219 HOH HOH A . 
C 3 HOH 181 581 156 HOH HOH A . 
C 3 HOH 182 582 170 HOH HOH A . 
C 3 HOH 183 583 140 HOH HOH A . 
C 3 HOH 184 584 157 HOH HOH A . 
C 3 HOH 185 585 51  HOH HOH A . 
C 3 HOH 186 586 221 HOH HOH A . 
C 3 HOH 187 587 212 HOH HOH A . 
C 3 HOH 188 588 94  HOH HOH A . 
C 3 HOH 189 589 92  HOH HOH A . 
C 3 HOH 190 590 101 HOH HOH A . 
C 3 HOH 191 591 70  HOH HOH A . 
C 3 HOH 192 592 176 HOH HOH A . 
C 3 HOH 193 593 209 HOH HOH A . 
C 3 HOH 194 594 204 HOH HOH A . 
C 3 HOH 195 595 52  HOH HOH A . 
C 3 HOH 196 596 76  HOH HOH A . 
C 3 HOH 197 597 206 HOH HOH A . 
C 3 HOH 198 598 213 HOH HOH A . 
C 3 HOH 199 599 155 HOH HOH A . 
C 3 HOH 200 600 118 HOH HOH A . 
C 3 HOH 201 601 119 HOH HOH A . 
C 3 HOH 202 602 135 HOH HOH A . 
C 3 HOH 203 603 150 HOH HOH A . 
C 3 HOH 204 604 171 HOH HOH A . 
C 3 HOH 205 605 208 HOH HOH A . 
C 3 HOH 206 606 179 HOH HOH A . 
C 3 HOH 207 607 166 HOH HOH A . 
C 3 HOH 208 608 144 HOH HOH A . 
C 3 HOH 209 609 152 HOH HOH A . 
C 3 HOH 210 610 114 HOH HOH A . 
C 3 HOH 211 611 229 HOH HOH A . 
C 3 HOH 212 612 134 HOH HOH A . 
C 3 HOH 213 613 163 HOH HOH A . 
C 3 HOH 214 614 182 HOH HOH A . 
C 3 HOH 215 615 79  HOH HOH A . 
C 3 HOH 216 616 177 HOH HOH A . 
C 3 HOH 217 617 218 HOH HOH A . 
C 3 HOH 218 618 69  HOH HOH A . 
C 3 HOH 219 619 116 HOH HOH A . 
C 3 HOH 220 620 53  HOH HOH A . 
C 3 HOH 221 621 178 HOH HOH A . 
C 3 HOH 222 622 153 HOH HOH A . 
C 3 HOH 223 623 60  HOH HOH A . 
C 3 HOH 224 624 105 HOH HOH A . 
C 3 HOH 225 625 143 HOH HOH A . 
C 3 HOH 226 626 180 HOH HOH A . 
C 3 HOH 227 627 164 HOH HOH A . 
# 
loop_
_software.citation_id 
_software.classification 
_software.compiler_name 
_software.compiler_version 
_software.contact_author 
_software.contact_author_email 
_software.date 
_software.description 
_software.dependencies 
_software.hardware 
_software.language 
_software.location 
_software.mods 
_software.name 
_software.os 
_software.os_version 
_software.type 
_software.version 
_software.pdbx_ordinal 
? 'data collection' ? ? ? ? ? ? ? ? ? ? ? HKL-2000    ? ? ? .        1 
? 'data scaling'    ? ? ? ? ? ? ? ? ? ? ? SCALEPACK   ? ? ? .        2 
? refinement        ? ? ? ? ? ? ? ? ? ? ? PHENIX      ? ? ? 1.9_1692 3 
? 'data extraction' ? ? ? ? ? ? ? ? ? ? ? PDB_EXTRACT ? ? ? 3.20     4 
# 
_cell.angle_alpha                  90.000 
_cell.angle_alpha_esd              ? 
_cell.angle_beta                   90.000 
_cell.angle_beta_esd               ? 
_cell.angle_gamma                  90.000 
_cell.angle_gamma_esd              ? 
_cell.entry_id                     5TA2 
_cell.details                      ? 
_cell.formula_units_Z              ? 
_cell.length_a                     36.249 
_cell.length_a_esd                 ? 
_cell.length_b                     52.356 
_cell.length_b_esd                 ? 
_cell.length_c                     81.774 
_cell.length_c_esd                 ? 
_cell.volume                       ? 
_cell.volume_esd                   ? 
_cell.Z_PDB                        4 
_cell.reciprocal_angle_alpha       ? 
_cell.reciprocal_angle_beta        ? 
_cell.reciprocal_angle_gamma       ? 
_cell.reciprocal_angle_alpha_esd   ? 
_cell.reciprocal_angle_beta_esd    ? 
_cell.reciprocal_angle_gamma_esd   ? 
_cell.reciprocal_length_a          ? 
_cell.reciprocal_length_b          ? 
_cell.reciprocal_length_c          ? 
_cell.reciprocal_length_a_esd      ? 
_cell.reciprocal_length_b_esd      ? 
_cell.reciprocal_length_c_esd      ? 
_cell.pdbx_unique_axis             ? 
# 
_symmetry.entry_id                         5TA2 
_symmetry.cell_setting                     ? 
_symmetry.Int_Tables_number                19 
_symmetry.space_group_name_Hall            ? 
_symmetry.space_group_name_H-M             'P 21 21 21' 
_symmetry.pdbx_full_space_group_name_H-M   ? 
# 
_exptl.absorpt_coefficient_mu     ? 
_exptl.absorpt_correction_T_max   ? 
_exptl.absorpt_correction_T_min   ? 
_exptl.absorpt_correction_type    ? 
_exptl.absorpt_process_details    ? 
_exptl.entry_id                   5TA2 
_exptl.crystals_number            1 
_exptl.details                    ? 
_exptl.method                     'X-RAY DIFFRACTION' 
_exptl.method_details             ? 
# 
_exptl_crystal.colour                      ? 
_exptl_crystal.density_diffrn              ? 
_exptl_crystal.density_Matthews            2.18 
_exptl_crystal.density_method              ? 
_exptl_crystal.density_percent_sol         43.65 
_exptl_crystal.description                 ? 
_exptl_crystal.F_000                       ? 
_exptl_crystal.id                          1 
_exptl_crystal.preparation                 ? 
_exptl_crystal.size_max                    ? 
_exptl_crystal.size_mid                    ? 
_exptl_crystal.size_min                    ? 
_exptl_crystal.size_rad                    ? 
_exptl_crystal.colour_lustre               ? 
_exptl_crystal.colour_modifier             ? 
_exptl_crystal.colour_primary              ? 
_exptl_crystal.density_meas                ? 
_exptl_crystal.density_meas_esd            ? 
_exptl_crystal.density_meas_gt             ? 
_exptl_crystal.density_meas_lt             ? 
_exptl_crystal.density_meas_temp           ? 
_exptl_crystal.density_meas_temp_esd       ? 
_exptl_crystal.density_meas_temp_gt        ? 
_exptl_crystal.density_meas_temp_lt        ? 
_exptl_crystal.pdbx_crystal_image_url      ? 
_exptl_crystal.pdbx_crystal_image_format   ? 
_exptl_crystal.pdbx_mosaicity              ? 
_exptl_crystal.pdbx_mosaicity_esd          ? 
# 
_exptl_crystal_grow.apparatus       ? 
_exptl_crystal_grow.atmosphere      ? 
_exptl_crystal_grow.crystal_id      1 
_exptl_crystal_grow.details         ? 
_exptl_crystal_grow.method          'VAPOR DIFFUSION' 
_exptl_crystal_grow.method_ref      ? 
_exptl_crystal_grow.pH              ? 
_exptl_crystal_grow.pressure        ? 
_exptl_crystal_grow.pressure_esd    ? 
_exptl_crystal_grow.seeding         ? 
_exptl_crystal_grow.seeding_ref     ? 
_exptl_crystal_grow.temp            293 
_exptl_crystal_grow.temp_details    ? 
_exptl_crystal_grow.temp_esd        ? 
_exptl_crystal_grow.time            ? 
_exptl_crystal_grow.pdbx_details    
;sodium citrate, pH 4.2
25% (w/v) PEG 3350
;
_exptl_crystal_grow.pdbx_pH_range   ? 
# 
_diffrn.ambient_environment    ? 
_diffrn.ambient_temp           100 
_diffrn.ambient_temp_details   ? 
_diffrn.ambient_temp_esd       ? 
_diffrn.crystal_id             1 
_diffrn.crystal_support        ? 
_diffrn.crystal_treatment      ? 
_diffrn.details                ? 
_diffrn.id                     1 
_diffrn.ambient_pressure       ? 
_diffrn.ambient_pressure_esd   ? 
_diffrn.ambient_pressure_gt    ? 
_diffrn.ambient_pressure_lt    ? 
_diffrn.ambient_temp_gt        ? 
_diffrn.ambient_temp_lt        ? 
# 
_diffrn_detector.details                      ? 
_diffrn_detector.detector                     CCD 
_diffrn_detector.diffrn_id                    1 
_diffrn_detector.type                         'ADSC QUANTUM 315' 
_diffrn_detector.area_resol_mean              ? 
_diffrn_detector.dtime                        ? 
_diffrn_detector.pdbx_frames_total            ? 
_diffrn_detector.pdbx_collection_time_total   ? 
_diffrn_detector.pdbx_collection_date         2010-12-02 
# 
_diffrn_radiation.collimation                      ? 
_diffrn_radiation.diffrn_id                        1 
_diffrn_radiation.filter_edge                      ? 
_diffrn_radiation.inhomogeneity                    ? 
_diffrn_radiation.monochromator                    ? 
_diffrn_radiation.polarisn_norm                    ? 
_diffrn_radiation.polarisn_ratio                   ? 
_diffrn_radiation.probe                            ? 
_diffrn_radiation.type                             ? 
_diffrn_radiation.xray_symbol                      ? 
_diffrn_radiation.wavelength_id                    1 
_diffrn_radiation.pdbx_monochromatic_or_laue_m_l   M 
_diffrn_radiation.pdbx_wavelength_list             ? 
_diffrn_radiation.pdbx_wavelength                  ? 
_diffrn_radiation.pdbx_diffrn_protocol             'SINGLE WAVELENGTH' 
_diffrn_radiation.pdbx_analyzer                    ? 
_diffrn_radiation.pdbx_scattering_type             x-ray 
# 
_diffrn_radiation_wavelength.id           1 
_diffrn_radiation_wavelength.wavelength   0.979 
_diffrn_radiation_wavelength.wt           1.0 
# 
_diffrn_source.current                     ? 
_diffrn_source.details                     ? 
_diffrn_source.diffrn_id                   1 
_diffrn_source.power                       ? 
_diffrn_source.size                        ? 
_diffrn_source.source                      SYNCHROTRON 
_diffrn_source.target                      ? 
_diffrn_source.type                        'ALS BEAMLINE 5.0.1' 
_diffrn_source.voltage                     ? 
_diffrn_source.take-off_angle              ? 
_diffrn_source.pdbx_wavelength_list        0.979 
_diffrn_source.pdbx_wavelength             ? 
_diffrn_source.pdbx_synchrotron_beamline   5.0.1 
_diffrn_source.pdbx_synchrotron_site       ALS 
# 
_reflns.B_iso_Wilson_estimate            ? 
_reflns.entry_id                         5TA2 
_reflns.data_reduction_details           ? 
_reflns.data_reduction_method            ? 
_reflns.d_resolution_high                1.480 
_reflns.d_resolution_low                 50.000 
_reflns.details                          ? 
_reflns.limit_h_max                      ? 
_reflns.limit_h_min                      ? 
_reflns.limit_k_max                      ? 
_reflns.limit_k_min                      ? 
_reflns.limit_l_max                      ? 
_reflns.limit_l_min                      ? 
_reflns.number_all                       ? 
_reflns.number_obs                       26709 
_reflns.observed_criterion               ? 
_reflns.observed_criterion_F_max         ? 
_reflns.observed_criterion_F_min         ? 
_reflns.observed_criterion_I_max         ? 
_reflns.observed_criterion_I_min         ? 
_reflns.observed_criterion_sigma_F       ? 
_reflns.observed_criterion_sigma_I       ? 
_reflns.percent_possible_obs             99.900 
_reflns.R_free_details                   ? 
_reflns.Rmerge_F_all                     ? 
_reflns.Rmerge_F_obs                     ? 
_reflns.Friedel_coverage                 ? 
_reflns.number_gt                        ? 
_reflns.threshold_expression             ? 
_reflns.pdbx_redundancy                  5.900 
_reflns.pdbx_Rmerge_I_obs                0.045 
_reflns.pdbx_Rmerge_I_all                ? 
_reflns.pdbx_Rsym_value                  ? 
_reflns.pdbx_netI_over_av_sigmaI         34.082 
_reflns.pdbx_netI_over_sigmaI            17.400 
_reflns.pdbx_res_netI_over_av_sigmaI_2   ? 
_reflns.pdbx_res_netI_over_sigmaI_2      ? 
_reflns.pdbx_chi_squared                 ? 
_reflns.pdbx_scaling_rejects             ? 
_reflns.pdbx_d_res_high_opt              ? 
_reflns.pdbx_d_res_low_opt               ? 
_reflns.pdbx_d_res_opt_method            ? 
_reflns.phase_calculation_details        ? 
_reflns.pdbx_Rrim_I_all                  ? 
_reflns.pdbx_Rpim_I_all                  ? 
_reflns.pdbx_d_opt                       ? 
_reflns.pdbx_number_measured_all         ? 
_reflns.pdbx_diffrn_id                   1 
_reflns.pdbx_ordinal                     1 
_reflns.pdbx_CC_half                     ? 
_reflns.pdbx_R_split                     ? 
# 
loop_
_reflns_shell.d_res_high 
_reflns_shell.d_res_low 
_reflns_shell.meanI_over_sigI_all 
_reflns_shell.meanI_over_sigI_obs 
_reflns_shell.number_measured_all 
_reflns_shell.number_measured_obs 
_reflns_shell.number_possible 
_reflns_shell.number_unique_all 
_reflns_shell.number_unique_obs 
_reflns_shell.percent_possible_all 
_reflns_shell.percent_possible_obs 
_reflns_shell.Rmerge_F_all 
_reflns_shell.Rmerge_F_obs 
_reflns_shell.Rmerge_I_all 
_reflns_shell.Rmerge_I_obs 
_reflns_shell.meanI_over_sigI_gt 
_reflns_shell.meanI_over_uI_all 
_reflns_shell.meanI_over_uI_gt 
_reflns_shell.number_measured_gt 
_reflns_shell.number_unique_gt 
_reflns_shell.percent_possible_gt 
_reflns_shell.Rmerge_F_gt 
_reflns_shell.Rmerge_I_gt 
_reflns_shell.pdbx_redundancy 
_reflns_shell.pdbx_Rsym_value 
_reflns_shell.pdbx_chi_squared 
_reflns_shell.pdbx_netI_over_sigmaI_all 
_reflns_shell.pdbx_netI_over_sigmaI_obs 
_reflns_shell.pdbx_Rrim_I_all 
_reflns_shell.pdbx_Rpim_I_all 
_reflns_shell.pdbx_rejects 
_reflns_shell.pdbx_ordinal 
_reflns_shell.pdbx_diffrn_id 
_reflns_shell.pdbx_CC_half 
_reflns_shell.pdbx_R_split 
1.480 1.520  ? ? ? ? ? ? ? 98.600  ? ? ? ? 0.158 ? ? ? ? ? ? ? ? 5.200 ? ? ? ? ? ? ? 1  1 ? ? 
1.520 1.560  ? ? ? ? ? ? ? 100.000 ? ? ? ? 0.133 ? ? ? ? ? ? ? ? 6.000 ? ? ? ? ? ? ? 2  1 ? ? 
1.560 1.600  ? ? ? ? ? ? ? 100.000 ? ? ? ? 0.110 ? ? ? ? ? ? ? ? 5.900 ? ? ? ? ? ? ? 3  1 ? ? 
1.600 1.660  ? ? ? ? ? ? ? 100.000 ? ? ? ? 0.092 ? ? ? ? ? ? ? ? 5.900 ? ? ? ? ? ? ? 4  1 ? ? 
1.660 1.710  ? ? ? ? ? ? ? 100.000 ? ? ? ? 0.080 ? ? ? ? ? ? ? ? 6.000 ? ? ? ? ? ? ? 5  1 ? ? 
1.710 1.780  ? ? ? ? ? ? ? 100.000 ? ? ? ? 0.068 ? ? ? ? ? ? ? ? 6.000 ? ? ? ? ? ? ? 6  1 ? ? 
1.780 1.860  ? ? ? ? ? ? ? 100.000 ? ? ? ? 0.058 ? ? ? ? ? ? ? ? 6.000 ? ? ? ? ? ? ? 7  1 ? ? 
1.860 1.960  ? ? ? ? ? ? ? 100.000 ? ? ? ? 0.046 ? ? ? ? ? ? ? ? 6.000 ? ? ? ? ? ? ? 8  1 ? ? 
1.960 2.090  ? ? ? ? ? ? ? 100.000 ? ? ? ? 0.039 ? ? ? ? ? ? ? ? 6.000 ? ? ? ? ? ? ? 9  1 ? ? 
2.090 2.250  ? ? ? ? ? ? ? 100.000 ? ? ? ? 0.036 ? ? ? ? ? ? ? ? 6.000 ? ? ? ? ? ? ? 10 1 ? ? 
2.250 2.470  ? ? ? ? ? ? ? 100.000 ? ? ? ? 0.048 ? ? ? ? ? ? ? ? 5.900 ? ? ? ? ? ? ? 11 1 ? ? 
2.470 2.830  ? ? ? ? ? ? ? 100.000 ? ? ? ? 0.071 ? ? ? ? ? ? ? ? 5.900 ? ? ? ? ? ? ? 12 1 ? ? 
2.830 3.570  ? ? ? ? ? ? ? 99.900  ? ? ? ? 0.051 ? ? ? ? ? ? ? ? 5.800 ? ? ? ? ? ? ? 13 1 ? ? 
3.570 50.000 ? ? ? ? ? ? ? 99.700  ? ? ? ? 0.019 ? ? ? ? ? ? ? ? 5.600 ? ? ? ? ? ? ? 14 1 ? ? 
# 
_refine.aniso_B[1][1]                            ? 
_refine.aniso_B[1][2]                            ? 
_refine.aniso_B[1][3]                            ? 
_refine.aniso_B[2][2]                            ? 
_refine.aniso_B[2][3]                            ? 
_refine.aniso_B[3][3]                            ? 
_refine.B_iso_max                                94.270 
_refine.B_iso_mean                               13.5589 
_refine.B_iso_min                                4.300 
_refine.correlation_coeff_Fo_to_Fc               ? 
_refine.correlation_coeff_Fo_to_Fc_free          ? 
_refine.details                                  ? 
_refine.diff_density_max                         ? 
_refine.diff_density_max_esd                     ? 
_refine.diff_density_min                         ? 
_refine.diff_density_min_esd                     ? 
_refine.diff_density_rms                         ? 
_refine.diff_density_rms_esd                     ? 
_refine.entry_id                                 5TA2 
_refine.pdbx_refine_id                           'X-RAY DIFFRACTION' 
_refine.ls_abs_structure_details                 ? 
_refine.ls_abs_structure_Flack                   ? 
_refine.ls_abs_structure_Flack_esd               ? 
_refine.ls_abs_structure_Rogers                  ? 
_refine.ls_abs_structure_Rogers_esd              ? 
_refine.ls_d_res_high                            1.4800 
_refine.ls_d_res_low                             44.0930 
_refine.ls_extinction_coef                       ? 
_refine.ls_extinction_coef_esd                   ? 
_refine.ls_extinction_expression                 ? 
_refine.ls_extinction_method                     ? 
_refine.ls_goodness_of_fit_all                   ? 
_refine.ls_goodness_of_fit_all_esd               ? 
_refine.ls_goodness_of_fit_obs                   ? 
_refine.ls_goodness_of_fit_obs_esd               ? 
_refine.ls_hydrogen_treatment                    ? 
_refine.ls_matrix_type                           ? 
_refine.ls_number_constraints                    ? 
_refine.ls_number_parameters                     ? 
_refine.ls_number_reflns_all                     ? 
_refine.ls_number_reflns_obs                     26651 
_refine.ls_number_reflns_R_free                  2000 
_refine.ls_number_reflns_R_work                  ? 
_refine.ls_number_restraints                     ? 
_refine.ls_percent_reflns_obs                    99.8700 
_refine.ls_percent_reflns_R_free                 7.5000 
_refine.ls_R_factor_all                          ? 
_refine.ls_R_factor_obs                          0.1658 
_refine.ls_R_factor_R_free                       0.1834 
_refine.ls_R_factor_R_free_error                 ? 
_refine.ls_R_factor_R_free_error_details         ? 
_refine.ls_R_factor_R_work                       0.1643 
_refine.ls_R_Fsqd_factor_obs                     ? 
_refine.ls_R_I_factor_obs                        ? 
_refine.ls_redundancy_reflns_all                 ? 
_refine.ls_redundancy_reflns_obs                 ? 
_refine.ls_restrained_S_all                      ? 
_refine.ls_restrained_S_obs                      ? 
_refine.ls_shift_over_esd_max                    ? 
_refine.ls_shift_over_esd_mean                   ? 
_refine.ls_structure_factor_coef                 ? 
_refine.ls_weighting_details                     ? 
_refine.ls_weighting_scheme                      ? 
_refine.ls_wR_factor_all                         ? 
_refine.ls_wR_factor_obs                         ? 
_refine.ls_wR_factor_R_free                      ? 
_refine.ls_wR_factor_R_work                      ? 
_refine.occupancy_max                            ? 
_refine.occupancy_min                            ? 
_refine.solvent_model_details                    ? 
_refine.solvent_model_param_bsol                 ? 
_refine.solvent_model_param_ksol                 ? 
_refine.ls_R_factor_gt                           ? 
_refine.ls_goodness_of_fit_gt                    ? 
_refine.ls_goodness_of_fit_ref                   ? 
_refine.ls_shift_over_su_max                     ? 
_refine.ls_shift_over_su_max_lt                  ? 
_refine.ls_shift_over_su_mean                    ? 
_refine.ls_shift_over_su_mean_lt                 ? 
_refine.pdbx_ls_sigma_I                          ? 
_refine.pdbx_ls_sigma_F                          1.340 
_refine.pdbx_ls_sigma_Fsqd                       ? 
_refine.pdbx_data_cutoff_high_absF               ? 
_refine.pdbx_data_cutoff_high_rms_absF           ? 
_refine.pdbx_data_cutoff_low_absF                ? 
_refine.pdbx_isotropic_thermal_model             ? 
_refine.pdbx_ls_cross_valid_method               'FREE R-VALUE' 
_refine.pdbx_method_to_determine_struct          ? 
_refine.pdbx_starting_model                      ? 
_refine.pdbx_stereochemistry_target_values       ? 
_refine.pdbx_R_Free_selection_details            ? 
_refine.pdbx_stereochem_target_val_spec_case     ? 
_refine.pdbx_overall_ESU_R                       ? 
_refine.pdbx_overall_ESU_R_Free                  ? 
_refine.pdbx_solvent_vdw_probe_radii             1.1100 
_refine.pdbx_solvent_ion_probe_radii             ? 
_refine.pdbx_solvent_shrinkage_radii             0.9000 
_refine.pdbx_real_space_R                        ? 
_refine.pdbx_density_correlation                 ? 
_refine.pdbx_pd_number_of_powder_patterns        ? 
_refine.pdbx_pd_number_of_points                 ? 
_refine.pdbx_pd_meas_number_of_points            ? 
_refine.pdbx_pd_proc_ls_prof_R_factor            ? 
_refine.pdbx_pd_proc_ls_prof_wR_factor           ? 
_refine.pdbx_pd_Marquardt_correlation_coeff      ? 
_refine.pdbx_pd_Fsqrd_R_factor                   ? 
_refine.pdbx_pd_ls_matrix_band_width             ? 
_refine.pdbx_overall_phase_error                 17.0400 
_refine.pdbx_overall_SU_R_free_Cruickshank_DPI   ? 
_refine.pdbx_overall_SU_R_free_Blow_DPI          ? 
_refine.pdbx_overall_SU_R_Blow_DPI               ? 
_refine.pdbx_TLS_residual_ADP_flag               ? 
_refine.pdbx_diffrn_id                           1 
_refine.overall_SU_B                             ? 
_refine.overall_SU_ML                            0.1100 
_refine.overall_SU_R_Cruickshank_DPI             ? 
_refine.overall_SU_R_free                        ? 
_refine.overall_FOM_free_R_set                   ? 
_refine.overall_FOM_work_R_set                   ? 
_refine.pdbx_average_fsc_overall                 ? 
_refine.pdbx_average_fsc_work                    ? 
_refine.pdbx_average_fsc_free                    ? 
# 
_refine_hist.cycle_id                         final 
_refine_hist.pdbx_refine_id                   'X-RAY DIFFRACTION' 
_refine_hist.d_res_high                       1.4800 
_refine_hist.d_res_low                        44.0930 
_refine_hist.pdbx_number_atoms_ligand         47 
_refine_hist.number_atoms_solvent             227 
_refine_hist.number_atoms_total               1522 
_refine_hist.pdbx_number_residues_total       163 
_refine_hist.pdbx_B_iso_mean_ligand           11.58 
_refine_hist.pdbx_B_iso_mean_solvent          23.36 
_refine_hist.pdbx_number_atoms_protein        1248 
_refine_hist.pdbx_number_atoms_nucleic_acid   0 
# 
loop_
_refine_ls_restr.pdbx_refine_id 
_refine_ls_restr.criterion 
_refine_ls_restr.dev_ideal 
_refine_ls_restr.dev_ideal_target 
_refine_ls_restr.number 
_refine_ls_restr.rejects 
_refine_ls_restr.type 
_refine_ls_restr.weight 
_refine_ls_restr.pdbx_restraint_function 
'X-RAY DIFFRACTION' ? 0.005  ? 1334 ? f_bond_d           ? ? 
'X-RAY DIFFRACTION' ? 0.970  ? 1794 ? f_angle_d          ? ? 
'X-RAY DIFFRACTION' ? 0.041  ? 185  ? f_chiral_restr     ? ? 
'X-RAY DIFFRACTION' ? 0.004  ? 235  ? f_plane_restr      ? ? 
'X-RAY DIFFRACTION' ? 10.779 ? 470  ? f_dihedral_angle_d ? ? 
# 
loop_
_refine_ls_shell.pdbx_refine_id 
_refine_ls_shell.d_res_high 
_refine_ls_shell.d_res_low 
_refine_ls_shell.number_reflns_all 
_refine_ls_shell.number_reflns_obs 
_refine_ls_shell.number_reflns_R_free 
_refine_ls_shell.number_reflns_R_work 
_refine_ls_shell.percent_reflns_obs 
_refine_ls_shell.percent_reflns_R_free 
_refine_ls_shell.R_factor_all 
_refine_ls_shell.R_factor_obs 
_refine_ls_shell.R_factor_R_free 
_refine_ls_shell.R_factor_R_free_error 
_refine_ls_shell.R_factor_R_work 
_refine_ls_shell.redundancy_reflns_all 
_refine_ls_shell.redundancy_reflns_obs 
_refine_ls_shell.wR_factor_all 
_refine_ls_shell.wR_factor_obs 
_refine_ls_shell.wR_factor_R_free 
_refine_ls_shell.wR_factor_R_work 
_refine_ls_shell.pdbx_total_number_of_bins_used 
_refine_ls_shell.pdbx_phase_error 
_refine_ls_shell.pdbx_fsc_work 
_refine_ls_shell.pdbx_fsc_free 
'X-RAY DIFFRACTION' 1.4797 1.5167  1869 . 140 1729 99.0000  . . . 0.2026 . 0.1832 . . . . . . 14 . . . 
'X-RAY DIFFRACTION' 1.5167 1.5577  1835 . 138 1697 100.0000 . . . 0.1896 . 0.1764 . . . . . . 14 . . . 
'X-RAY DIFFRACTION' 1.5577 1.6036  1877 . 141 1736 100.0000 . . . 0.2032 . 0.1604 . . . . . . 14 . . . 
'X-RAY DIFFRACTION' 1.6036 1.6553  1892 . 141 1751 100.0000 . . . 0.1862 . 0.1645 . . . . . . 14 . . . 
'X-RAY DIFFRACTION' 1.6553 1.7145  1867 . 141 1726 100.0000 . . . 0.2141 . 0.1678 . . . . . . 14 . . . 
'X-RAY DIFFRACTION' 1.7145 1.7832  1876 . 140 1736 100.0000 . . . 0.2003 . 0.1631 . . . . . . 14 . . . 
'X-RAY DIFFRACTION' 1.7832 1.8643  1907 . 144 1763 100.0000 . . . 0.1797 . 0.1637 . . . . . . 14 . . . 
'X-RAY DIFFRACTION' 1.8643 1.9626  1857 . 139 1718 100.0000 . . . 0.1901 . 0.1594 . . . . . . 14 . . . 
'X-RAY DIFFRACTION' 1.9626 2.0856  1908 . 144 1764 100.0000 . . . 0.1767 . 0.1547 . . . . . . 14 . . . 
'X-RAY DIFFRACTION' 2.0856 2.2466  1913 . 143 1770 100.0000 . . . 0.1957 . 0.1546 . . . . . . 14 . . . 
'X-RAY DIFFRACTION' 2.2466 2.4726  1922 . 144 1778 100.0000 . . . 0.2023 . 0.1721 . . . . . . 14 . . . 
'X-RAY DIFFRACTION' 2.4726 2.8304  1913 . 143 1770 100.0000 . . . 0.1949 . 0.1775 . . . . . . 14 . . . 
'X-RAY DIFFRACTION' 2.8304 3.5658  1966 . 148 1818 100.0000 . . . 0.1819 . 0.1650 . . . . . . 14 . . . 
'X-RAY DIFFRACTION' 3.5658 44.1125 2049 . 154 1895 100.0000 . . . 0.1490 . 0.1585 . . . . . . 14 . . . 
# 
_struct.entry_id                     5TA2 
_struct.title                        
'Discovery of a Potent Cyclophilin Inhibitor (Compound 7) based on Structural Simplification of Sanglifehrin A' 
_struct.pdbx_model_details           ? 
_struct.pdbx_formula_weight          ? 
_struct.pdbx_formula_weight_method   ? 
_struct.pdbx_model_type_details      ? 
_struct.pdbx_CASP_flag               N 
# 
_struct_keywords.entry_id        5TA2 
_struct_keywords.text            'cyclophilin inhibitor antiviral HCV, isomerase-isomerase inhibitor complex' 
_struct_keywords.pdbx_keywords   'isomerase/isomerase inhibitor' 
# 
loop_
_struct_asym.id 
_struct_asym.pdbx_blank_PDB_chainid_flag 
_struct_asym.pdbx_modified 
_struct_asym.entity_id 
_struct_asym.details 
A N N 1 ? 
B N N 2 ? 
C N N 3 ? 
# 
_struct_ref.id                         1 
_struct_ref.db_name                    UNP 
_struct_ref.db_code                    PPIA_HUMAN 
_struct_ref.pdbx_db_accession          P62937 
_struct_ref.pdbx_db_isoform            ? 
_struct_ref.entity_id                  1 
_struct_ref.pdbx_seq_one_letter_code   
;VNPTVFFDIAVDGEPLGRVSFELFADKVPKTAENFRALSTGEKGFGYKGSCFHRIIPGFMCQGGDFTRHNGTGGKSIYGE
KFEDENFILKHTGPGILSMANAGPNTNGSQFFICTAKTEWLDGKHVVFGKVKEGMNIVEAMERFGSRNGKTSKKITIADC
GQL
;
_struct_ref.pdbx_align_begin           2 
# 
_struct_ref_seq.align_id                      1 
_struct_ref_seq.ref_id                        1 
_struct_ref_seq.pdbx_PDB_id_code              5TA2 
_struct_ref_seq.pdbx_strand_id                A 
_struct_ref_seq.seq_align_beg                 1 
_struct_ref_seq.pdbx_seq_align_beg_ins_code   ? 
_struct_ref_seq.seq_align_end                 163 
_struct_ref_seq.pdbx_seq_align_end_ins_code   ? 
_struct_ref_seq.pdbx_db_accession             P62937 
_struct_ref_seq.db_align_beg                  2 
_struct_ref_seq.pdbx_db_align_beg_ins_code    ? 
_struct_ref_seq.db_align_end                  164 
_struct_ref_seq.pdbx_db_align_end_ins_code    ? 
_struct_ref_seq.pdbx_auth_seq_align_beg       2 
_struct_ref_seq.pdbx_auth_seq_align_end       164 
# 
_pdbx_struct_assembly.id                   1 
_pdbx_struct_assembly.details              author_and_software_defined_assembly 
_pdbx_struct_assembly.method_details       PISA 
_pdbx_struct_assembly.oligomeric_details   monomeric 
_pdbx_struct_assembly.oligomeric_count     1 
# 
_pdbx_struct_assembly_gen.assembly_id       1 
_pdbx_struct_assembly_gen.oper_expression   1 
_pdbx_struct_assembly_gen.asym_id_list      A,B,C 
# 
_pdbx_struct_oper_list.id                   1 
_pdbx_struct_oper_list.type                 'identity operation' 
_pdbx_struct_oper_list.name                 1_555 
_pdbx_struct_oper_list.symmetry_operation   x,y,z 
_pdbx_struct_oper_list.matrix[1][1]         1.0000000000 
_pdbx_struct_oper_list.matrix[1][2]         0.0000000000 
_pdbx_struct_oper_list.matrix[1][3]         0.0000000000 
_pdbx_struct_oper_list.vector[1]            0.0000000000 
_pdbx_struct_oper_list.matrix[2][1]         0.0000000000 
_pdbx_struct_oper_list.matrix[2][2]         1.0000000000 
_pdbx_struct_oper_list.matrix[2][3]         0.0000000000 
_pdbx_struct_oper_list.vector[2]            0.0000000000 
_pdbx_struct_oper_list.matrix[3][1]         0.0000000000 
_pdbx_struct_oper_list.matrix[3][2]         0.0000000000 
_pdbx_struct_oper_list.matrix[3][3]         1.0000000000 
_pdbx_struct_oper_list.vector[3]            0.0000000000 
# 
loop_
_struct_conf.conf_type_id 
_struct_conf.id 
_struct_conf.pdbx_PDB_helix_id 
_struct_conf.beg_label_comp_id 
_struct_conf.beg_label_asym_id 
_struct_conf.beg_label_seq_id 
_struct_conf.pdbx_beg_PDB_ins_code 
_struct_conf.end_label_comp_id 
_struct_conf.end_label_asym_id 
_struct_conf.end_label_seq_id 
_struct_conf.pdbx_end_PDB_ins_code 
_struct_conf.beg_auth_comp_id 
_struct_conf.beg_auth_asym_id 
_struct_conf.beg_auth_seq_id 
_struct_conf.end_auth_comp_id 
_struct_conf.end_auth_asym_id 
_struct_conf.end_auth_seq_id 
_struct_conf.pdbx_PDB_helix_class 
_struct_conf.details 
_struct_conf.pdbx_PDB_helix_length 
HELX_P HELX_P1 AA1 VAL A 28  ? GLY A 41  ? VAL A 29  GLY A 42  1 ? 14 
HELX_P HELX_P2 AA2 THR A 118 ? ASP A 122 ? THR A 119 ASP A 123 5 ? 5  
HELX_P HELX_P3 AA3 GLY A 134 ? GLU A 142 ? GLY A 135 GLU A 143 1 ? 9  
HELX_P HELX_P4 AA4 ARG A 143 ? GLY A 145 ? ARG A 144 GLY A 146 5 ? 3  
# 
_struct_conf_type.id          HELX_P 
_struct_conf_type.criteria    ? 
_struct_conf_type.reference   ? 
# 
_struct_sheet.id               AA1 
_struct_sheet.type             ? 
_struct_sheet.number_strands   8 
_struct_sheet.details          ? 
# 
loop_
_struct_sheet_order.sheet_id 
_struct_sheet_order.range_id_1 
_struct_sheet_order.range_id_2 
_struct_sheet_order.offset 
_struct_sheet_order.sense 
AA1 1 2 ? anti-parallel 
AA1 2 3 ? anti-parallel 
AA1 3 4 ? anti-parallel 
AA1 4 5 ? anti-parallel 
AA1 5 6 ? anti-parallel 
AA1 6 7 ? anti-parallel 
AA1 7 8 ? anti-parallel 
# 
loop_
_struct_sheet_range.sheet_id 
_struct_sheet_range.id 
_struct_sheet_range.beg_label_comp_id 
_struct_sheet_range.beg_label_asym_id 
_struct_sheet_range.beg_label_seq_id 
_struct_sheet_range.pdbx_beg_PDB_ins_code 
_struct_sheet_range.end_label_comp_id 
_struct_sheet_range.end_label_asym_id 
_struct_sheet_range.end_label_seq_id 
_struct_sheet_range.pdbx_end_PDB_ins_code 
_struct_sheet_range.beg_auth_comp_id 
_struct_sheet_range.beg_auth_asym_id 
_struct_sheet_range.beg_auth_seq_id 
_struct_sheet_range.end_auth_comp_id 
_struct_sheet_range.end_auth_asym_id 
_struct_sheet_range.end_auth_seq_id 
AA1 1 PHE A 52  ? ILE A 56  ? PHE A 53  ILE A 57  
AA1 2 MET A 60  ? GLY A 63  ? MET A 61  GLY A 64  
AA1 3 PHE A 111 ? CYS A 114 ? PHE A 112 CYS A 115 
AA1 4 ILE A 96  ? MET A 99  ? ILE A 97  MET A 100 
AA1 5 VAL A 127 ? GLU A 133 ? VAL A 128 GLU A 134 
AA1 6 GLU A 14  ? LEU A 23  ? GLU A 15  LEU A 24  
AA1 7 THR A 4   ? VAL A 11  ? THR A 5   VAL A 12  
AA1 8 ILE A 155 ? GLN A 162 ? ILE A 156 GLN A 163 
# 
loop_
_pdbx_struct_sheet_hbond.sheet_id 
_pdbx_struct_sheet_hbond.range_id_1 
_pdbx_struct_sheet_hbond.range_id_2 
_pdbx_struct_sheet_hbond.range_1_label_atom_id 
_pdbx_struct_sheet_hbond.range_1_label_comp_id 
_pdbx_struct_sheet_hbond.range_1_label_asym_id 
_pdbx_struct_sheet_hbond.range_1_label_seq_id 
_pdbx_struct_sheet_hbond.range_1_PDB_ins_code 
_pdbx_struct_sheet_hbond.range_1_auth_atom_id 
_pdbx_struct_sheet_hbond.range_1_auth_comp_id 
_pdbx_struct_sheet_hbond.range_1_auth_asym_id 
_pdbx_struct_sheet_hbond.range_1_auth_seq_id 
_pdbx_struct_sheet_hbond.range_2_label_atom_id 
_pdbx_struct_sheet_hbond.range_2_label_comp_id 
_pdbx_struct_sheet_hbond.range_2_label_asym_id 
_pdbx_struct_sheet_hbond.range_2_label_seq_id 
_pdbx_struct_sheet_hbond.range_2_PDB_ins_code 
_pdbx_struct_sheet_hbond.range_2_auth_atom_id 
_pdbx_struct_sheet_hbond.range_2_auth_comp_id 
_pdbx_struct_sheet_hbond.range_2_auth_asym_id 
_pdbx_struct_sheet_hbond.range_2_auth_seq_id 
AA1 1 2 N ARG A 54  ? N ARG A 55  O GLN A 62  ? O GLN A 63  
AA1 2 3 N CYS A 61  ? N CYS A 62  O ILE A 113 ? O ILE A 114 
AA1 3 4 O CYS A 114 ? O CYS A 115 N ILE A 96  ? N ILE A 97  
AA1 4 5 N LEU A 97  ? N LEU A 98  O GLY A 129 ? O GLY A 130 
AA1 5 6 O LYS A 132 ? O LYS A 133 N SER A 20  ? N SER A 21  
AA1 6 7 O GLY A 17  ? O GLY A 18  N ILE A 9   ? N ILE A 10  
AA1 7 8 N ASP A 8   ? N ASP A 9   O ASP A 159 ? O ASP A 160 
# 
_struct_site.id                   AC1 
_struct_site.pdbx_evidence_code   Software 
_struct_site.pdbx_auth_asym_id    A 
_struct_site.pdbx_auth_comp_id    78X 
_struct_site.pdbx_auth_seq_id     300 
_struct_site.pdbx_auth_ins_code   ? 
_struct_site.pdbx_num_residues    19 
_struct_site.details              'binding site for residue 78X A 300' 
# 
loop_
_struct_site_gen.id 
_struct_site_gen.site_id 
_struct_site_gen.pdbx_num_res 
_struct_site_gen.label_comp_id 
_struct_site_gen.label_asym_id 
_struct_site_gen.label_seq_id 
_struct_site_gen.pdbx_auth_ins_code 
_struct_site_gen.auth_comp_id 
_struct_site_gen.auth_asym_id 
_struct_site_gen.auth_seq_id 
_struct_site_gen.label_atom_id 
_struct_site_gen.label_alt_id 
_struct_site_gen.symmetry 
_struct_site_gen.details 
1  AC1 19 PRO A 15  ? PRO A 16  . ? 3_645 ? 
2  AC1 19 LEU A 16  ? LEU A 17  . ? 3_645 ? 
3  AC1 19 ARG A 54  ? ARG A 55  . ? 1_555 ? 
4  AC1 19 MET A 60  ? MET A 61  . ? 1_555 ? 
5  AC1 19 GLN A 62  ? GLN A 63  . ? 1_555 ? 
6  AC1 19 GLY A 71  ? GLY A 72  . ? 1_555 ? 
7  AC1 19 ALA A 100 ? ALA A 101 . ? 1_555 ? 
8  AC1 19 ASN A 101 ? ASN A 102 . ? 1_555 ? 
9  AC1 19 ALA A 102 ? ALA A 103 . ? 1_555 ? 
10 AC1 19 GLN A 110 ? GLN A 111 . ? 1_555 ? 
11 AC1 19 PHE A 112 ? PHE A 113 . ? 1_555 ? 
12 AC1 19 HIS A 125 ? HIS A 126 . ? 1_555 ? 
13 AC1 19 ILE A 137 ? ILE A 138 . ? 3_645 ? 
14 AC1 19 ALA A 140 ? ALA A 141 . ? 3_645 ? 
15 AC1 19 ARG A 143 ? ARG A 144 . ? 3_645 ? 
16 AC1 19 PHE A 144 ? PHE A 145 . ? 3_645 ? 
17 AC1 19 ASN A 148 ? ASN A 149 . ? 1_555 ? 
18 AC1 19 HOH C .   ? HOH A 407 . ? 1_555 ? 
19 AC1 19 HOH C .   ? HOH A 447 . ? 1_555 ? 
# 
loop_
_pdbx_validate_close_contact.id 
_pdbx_validate_close_contact.PDB_model_num 
_pdbx_validate_close_contact.auth_atom_id_1 
_pdbx_validate_close_contact.auth_asym_id_1 
_pdbx_validate_close_contact.auth_comp_id_1 
_pdbx_validate_close_contact.auth_seq_id_1 
_pdbx_validate_close_contact.PDB_ins_code_1 
_pdbx_validate_close_contact.label_alt_id_1 
_pdbx_validate_close_contact.auth_atom_id_2 
_pdbx_validate_close_contact.auth_asym_id_2 
_pdbx_validate_close_contact.auth_comp_id_2 
_pdbx_validate_close_contact.auth_seq_id_2 
_pdbx_validate_close_contact.PDB_ins_code_2 
_pdbx_validate_close_contact.label_alt_id_2 
_pdbx_validate_close_contact.dist 
1 1 O   A HOH 405 ? ? O A HOH 496 ? ? 1.88 
2 1 O   A HOH 573 ? ? O A HOH 586 ? ? 1.94 
3 1 OD1 A ASP 160 ? ? O A HOH 401 ? ? 2.06 
4 1 O   A HOH 544 ? ? O A HOH 592 ? ? 2.13 
5 1 O   A HOH 497 ? ? O A HOH 574 ? ? 2.15 
6 1 O   A HOH 493 ? ? O A HOH 517 ? ? 2.19 
# 
loop_
_pdbx_validate_symm_contact.id 
_pdbx_validate_symm_contact.PDB_model_num 
_pdbx_validate_symm_contact.auth_atom_id_1 
_pdbx_validate_symm_contact.auth_asym_id_1 
_pdbx_validate_symm_contact.auth_comp_id_1 
_pdbx_validate_symm_contact.auth_seq_id_1 
_pdbx_validate_symm_contact.PDB_ins_code_1 
_pdbx_validate_symm_contact.label_alt_id_1 
_pdbx_validate_symm_contact.site_symmetry_1 
_pdbx_validate_symm_contact.auth_atom_id_2 
_pdbx_validate_symm_contact.auth_asym_id_2 
_pdbx_validate_symm_contact.auth_comp_id_2 
_pdbx_validate_symm_contact.auth_seq_id_2 
_pdbx_validate_symm_contact.PDB_ins_code_2 
_pdbx_validate_symm_contact.label_alt_id_2 
_pdbx_validate_symm_contact.site_symmetry_2 
_pdbx_validate_symm_contact.dist 
1 1 O A HOH 438 ? ? 1_555 O A HOH 562 ? ? 1_455 1.98 
2 1 O A HOH 416 ? ? 1_555 O A HOH 417 ? ? 4_455 1.99 
3 1 O A HOH 567 ? ? 1_555 O A HOH 570 ? ? 4_555 2.10 
4 1 O A HOH 495 ? ? 1_555 O A HOH 567 ? ? 4_455 2.14 
# 
loop_
_pdbx_validate_torsion.id 
_pdbx_validate_torsion.PDB_model_num 
_pdbx_validate_torsion.auth_comp_id 
_pdbx_validate_torsion.auth_asym_id 
_pdbx_validate_torsion.auth_seq_id 
_pdbx_validate_torsion.PDB_ins_code 
_pdbx_validate_torsion.label_alt_id 
_pdbx_validate_torsion.phi 
_pdbx_validate_torsion.psi 
1 1 LEU A 17 ? ? -106.45 -60.12 
2 1 PHE A 60 ? ? -125.54 -78.99 
3 1 GLU A 81 ? ? -126.73 -82.45 
# 
_pdbx_molecule_features.prd_id    PRD_002246 
_pdbx_molecule_features.name      
;(2R,5S,11S,14S,17R,18R,21E)-11-[(3-hydroxyphenyl)methyl]-18-methoxy-2,17-dimethyl-14-(propan-2-yl)-3-oxa-9,12,15,28-tetraazatricyclo[21.3.1.1~5,9~]octacosa-1(27),21,23,25-tetraene-4,10,13,16-tetrone
;
_pdbx_molecule_features.type      Peptide-like 
_pdbx_molecule_features.class     Inhibitor 
_pdbx_molecule_features.details   ? 
# 
_pdbx_molecule.instance_id   1 
_pdbx_molecule.prd_id        PRD_002246 
_pdbx_molecule.asym_id       B 
# 
_pdbx_distant_solvent_atoms.id                                1 
_pdbx_distant_solvent_atoms.PDB_model_num                     1 
_pdbx_distant_solvent_atoms.auth_atom_id                      O 
_pdbx_distant_solvent_atoms.label_alt_id                      ? 
_pdbx_distant_solvent_atoms.auth_asym_id                      A 
_pdbx_distant_solvent_atoms.auth_comp_id                      HOH 
_pdbx_distant_solvent_atoms.auth_seq_id                       627 
_pdbx_distant_solvent_atoms.PDB_ins_code                      ? 
_pdbx_distant_solvent_atoms.neighbor_macromolecule_distance   5.89 
_pdbx_distant_solvent_atoms.neighbor_ligand_distance          . 
# 
loop_
_chem_comp_atom.comp_id 
_chem_comp_atom.atom_id 
_chem_comp_atom.type_symbol 
_chem_comp_atom.pdbx_aromatic_flag 
_chem_comp_atom.pdbx_stereo_config 
_chem_comp_atom.pdbx_ordinal 
78X N1   N N N 1   
78X N2   N N N 2   
78X C5   C N N 3   
78X C6   C N N 4   
78X C7   C N N 5   
78X C8   C N S 6   
78X C23  C N N 7   
78X C24  C N R 8   
78X C25  C N N 9   
78X C26  C N R 10  
78X C27  C N N 11  
78X C28  C N N 12  
78X C29  C N N 13  
78X C30  C N R 14  
78X C31  C Y N 15  
78X C32  C Y N 16  
78X C33  C Y N 17  
78X C34  C Y N 18  
78X C35  C Y N 19  
78X C36  C Y N 20  
78X C37  C N N 21  
78X C38  C N N 22  
78X C39  C N N 23  
78X C40  C N N 24  
78X O44  O N N 25  
78X O45  O N N 26  
78X O46  O N N 27  
78X O47  O N N 28  
78X N3   N N N 29  
78X C10  C N S 30  
78X C11  C N N 31  
78X C12  C Y N 32  
78X C17  C Y N 33  
78X C16  C Y N 34  
78X C13  C Y N 35  
78X C14  C Y N 36  
78X C15  C Y N 37  
78X O42  O N N 38  
78X C9   C N N 39  
78X O41  O N N 40  
78X N4   N N N 41  
78X C19  C N S 42  
78X C18  C N N 43  
78X O43  O N N 44  
78X C20  C N N 45  
78X C21  C N N 46  
78X C22  C N N 47  
78X H2   H N N 48  
78X H10  H N N 49  
78X H11  H N N 50  
78X H6   H N N 51  
78X H5   H N N 52  
78X H3   H N N 53  
78X H4   H N N 54  
78X H8   H N N 55  
78X H26  H N N 56  
78X H27  H N N 57  
78X H28  H N N 58  
78X H29  H N N 59  
78X H30  H N N 60  
78X H31  H N N 61  
78X H32  H N N 62  
78X H33  H N N 63  
78X H34  H N N 64  
78X H35  H N N 65  
78X H36  H N N 66  
78X H37  H N N 67  
78X H38  H N N 68  
78X H39  H N N 69  
78X H40  H N N 70  
78X H41  H N N 71  
78X H42  H N N 72  
78X H43  H N N 73  
78X H44  H N N 74  
78X H45  H N N 75  
78X H46  H N N 76  
78X H47  H N N 77  
78X H1   H N N 78  
78X H12  H N N 79  
78X H13  H N N 80  
78X H14  H N N 81  
78X H17  H N N 82  
78X H16  H N N 83  
78X H7   H N N 84  
78X H15  H N N 85  
78X H48  H N N 86  
78X H9   H N N 87  
78X H18  H N N 88  
78X H19  H N N 89  
78X H20  H N N 90  
78X H21  H N N 91  
78X H22  H N N 92  
78X H23  H N N 93  
78X H24  H N N 94  
78X H25  H N N 95  
ALA N    N N N 96  
ALA CA   C N S 97  
ALA C    C N N 98  
ALA O    O N N 99  
ALA CB   C N N 100 
ALA OXT  O N N 101 
ALA H    H N N 102 
ALA H2   H N N 103 
ALA HA   H N N 104 
ALA HB1  H N N 105 
ALA HB2  H N N 106 
ALA HB3  H N N 107 
ALA HXT  H N N 108 
ARG N    N N N 109 
ARG CA   C N S 110 
ARG C    C N N 111 
ARG O    O N N 112 
ARG CB   C N N 113 
ARG CG   C N N 114 
ARG CD   C N N 115 
ARG NE   N N N 116 
ARG CZ   C N N 117 
ARG NH1  N N N 118 
ARG NH2  N N N 119 
ARG OXT  O N N 120 
ARG H    H N N 121 
ARG H2   H N N 122 
ARG HA   H N N 123 
ARG HB2  H N N 124 
ARG HB3  H N N 125 
ARG HG2  H N N 126 
ARG HG3  H N N 127 
ARG HD2  H N N 128 
ARG HD3  H N N 129 
ARG HE   H N N 130 
ARG HH11 H N N 131 
ARG HH12 H N N 132 
ARG HH21 H N N 133 
ARG HH22 H N N 134 
ARG HXT  H N N 135 
ASN N    N N N 136 
ASN CA   C N S 137 
ASN C    C N N 138 
ASN O    O N N 139 
ASN CB   C N N 140 
ASN CG   C N N 141 
ASN OD1  O N N 142 
ASN ND2  N N N 143 
ASN OXT  O N N 144 
ASN H    H N N 145 
ASN H2   H N N 146 
ASN HA   H N N 147 
ASN HB2  H N N 148 
ASN HB3  H N N 149 
ASN HD21 H N N 150 
ASN HD22 H N N 151 
ASN HXT  H N N 152 
ASP N    N N N 153 
ASP CA   C N S 154 
ASP C    C N N 155 
ASP O    O N N 156 
ASP CB   C N N 157 
ASP CG   C N N 158 
ASP OD1  O N N 159 
ASP OD2  O N N 160 
ASP OXT  O N N 161 
ASP H    H N N 162 
ASP H2   H N N 163 
ASP HA   H N N 164 
ASP HB2  H N N 165 
ASP HB3  H N N 166 
ASP HD2  H N N 167 
ASP HXT  H N N 168 
CYS N    N N N 169 
CYS CA   C N R 170 
CYS C    C N N 171 
CYS O    O N N 172 
CYS CB   C N N 173 
CYS SG   S N N 174 
CYS OXT  O N N 175 
CYS H    H N N 176 
CYS H2   H N N 177 
CYS HA   H N N 178 
CYS HB2  H N N 179 
CYS HB3  H N N 180 
CYS HG   H N N 181 
CYS HXT  H N N 182 
GLN N    N N N 183 
GLN CA   C N S 184 
GLN C    C N N 185 
GLN O    O N N 186 
GLN CB   C N N 187 
GLN CG   C N N 188 
GLN CD   C N N 189 
GLN OE1  O N N 190 
GLN NE2  N N N 191 
GLN OXT  O N N 192 
GLN H    H N N 193 
GLN H2   H N N 194 
GLN HA   H N N 195 
GLN HB2  H N N 196 
GLN HB3  H N N 197 
GLN HG2  H N N 198 
GLN HG3  H N N 199 
GLN HE21 H N N 200 
GLN HE22 H N N 201 
GLN HXT  H N N 202 
GLU N    N N N 203 
GLU CA   C N S 204 
GLU C    C N N 205 
GLU O    O N N 206 
GLU CB   C N N 207 
GLU CG   C N N 208 
GLU CD   C N N 209 
GLU OE1  O N N 210 
GLU OE2  O N N 211 
GLU OXT  O N N 212 
GLU H    H N N 213 
GLU H2   H N N 214 
GLU HA   H N N 215 
GLU HB2  H N N 216 
GLU HB3  H N N 217 
GLU HG2  H N N 218 
GLU HG3  H N N 219 
GLU HE2  H N N 220 
GLU HXT  H N N 221 
GLY N    N N N 222 
GLY CA   C N N 223 
GLY C    C N N 224 
GLY O    O N N 225 
GLY OXT  O N N 226 
GLY H    H N N 227 
GLY H2   H N N 228 
GLY HA2  H N N 229 
GLY HA3  H N N 230 
GLY HXT  H N N 231 
HIS N    N N N 232 
HIS CA   C N S 233 
HIS C    C N N 234 
HIS O    O N N 235 
HIS CB   C N N 236 
HIS CG   C Y N 237 
HIS ND1  N Y N 238 
HIS CD2  C Y N 239 
HIS CE1  C Y N 240 
HIS NE2  N Y N 241 
HIS OXT  O N N 242 
HIS H    H N N 243 
HIS H2   H N N 244 
HIS HA   H N N 245 
HIS HB2  H N N 246 
HIS HB3  H N N 247 
HIS HD1  H N N 248 
HIS HD2  H N N 249 
HIS HE1  H N N 250 
HIS HE2  H N N 251 
HIS HXT  H N N 252 
HOH O    O N N 253 
HOH H1   H N N 254 
HOH H2   H N N 255 
ILE N    N N N 256 
ILE CA   C N S 257 
ILE C    C N N 258 
ILE O    O N N 259 
ILE CB   C N S 260 
ILE CG1  C N N 261 
ILE CG2  C N N 262 
ILE CD1  C N N 263 
ILE OXT  O N N 264 
ILE H    H N N 265 
ILE H2   H N N 266 
ILE HA   H N N 267 
ILE HB   H N N 268 
ILE HG12 H N N 269 
ILE HG13 H N N 270 
ILE HG21 H N N 271 
ILE HG22 H N N 272 
ILE HG23 H N N 273 
ILE HD11 H N N 274 
ILE HD12 H N N 275 
ILE HD13 H N N 276 
ILE HXT  H N N 277 
LEU N    N N N 278 
LEU CA   C N S 279 
LEU C    C N N 280 
LEU O    O N N 281 
LEU CB   C N N 282 
LEU CG   C N N 283 
LEU CD1  C N N 284 
LEU CD2  C N N 285 
LEU OXT  O N N 286 
LEU H    H N N 287 
LEU H2   H N N 288 
LEU HA   H N N 289 
LEU HB2  H N N 290 
LEU HB3  H N N 291 
LEU HG   H N N 292 
LEU HD11 H N N 293 
LEU HD12 H N N 294 
LEU HD13 H N N 295 
LEU HD21 H N N 296 
LEU HD22 H N N 297 
LEU HD23 H N N 298 
LEU HXT  H N N 299 
LYS N    N N N 300 
LYS CA   C N S 301 
LYS C    C N N 302 
LYS O    O N N 303 
LYS CB   C N N 304 
LYS CG   C N N 305 
LYS CD   C N N 306 
LYS CE   C N N 307 
LYS NZ   N N N 308 
LYS OXT  O N N 309 
LYS H    H N N 310 
LYS H2   H N N 311 
LYS HA   H N N 312 
LYS HB2  H N N 313 
LYS HB3  H N N 314 
LYS HG2  H N N 315 
LYS HG3  H N N 316 
LYS HD2  H N N 317 
LYS HD3  H N N 318 
LYS HE2  H N N 319 
LYS HE3  H N N 320 
LYS HZ1  H N N 321 
LYS HZ2  H N N 322 
LYS HZ3  H N N 323 
LYS HXT  H N N 324 
MET N    N N N 325 
MET CA   C N S 326 
MET C    C N N 327 
MET O    O N N 328 
MET CB   C N N 329 
MET CG   C N N 330 
MET SD   S N N 331 
MET CE   C N N 332 
MET OXT  O N N 333 
MET H    H N N 334 
MET H2   H N N 335 
MET HA   H N N 336 
MET HB2  H N N 337 
MET HB3  H N N 338 
MET HG2  H N N 339 
MET HG3  H N N 340 
MET HE1  H N N 341 
MET HE2  H N N 342 
MET HE3  H N N 343 
MET HXT  H N N 344 
PHE N    N N N 345 
PHE CA   C N S 346 
PHE C    C N N 347 
PHE O    O N N 348 
PHE CB   C N N 349 
PHE CG   C Y N 350 
PHE CD1  C Y N 351 
PHE CD2  C Y N 352 
PHE CE1  C Y N 353 
PHE CE2  C Y N 354 
PHE CZ   C Y N 355 
PHE OXT  O N N 356 
PHE H    H N N 357 
PHE H2   H N N 358 
PHE HA   H N N 359 
PHE HB2  H N N 360 
PHE HB3  H N N 361 
PHE HD1  H N N 362 
PHE HD2  H N N 363 
PHE HE1  H N N 364 
PHE HE2  H N N 365 
PHE HZ   H N N 366 
PHE HXT  H N N 367 
PRO N    N N N 368 
PRO CA   C N S 369 
PRO C    C N N 370 
PRO O    O N N 371 
PRO CB   C N N 372 
PRO CG   C N N 373 
PRO CD   C N N 374 
PRO OXT  O N N 375 
PRO H    H N N 376 
PRO HA   H N N 377 
PRO HB2  H N N 378 
PRO HB3  H N N 379 
PRO HG2  H N N 380 
PRO HG3  H N N 381 
PRO HD2  H N N 382 
PRO HD3  H N N 383 
PRO HXT  H N N 384 
SER N    N N N 385 
SER CA   C N S 386 
SER C    C N N 387 
SER O    O N N 388 
SER CB   C N N 389 
SER OG   O N N 390 
SER OXT  O N N 391 
SER H    H N N 392 
SER H2   H N N 393 
SER HA   H N N 394 
SER HB2  H N N 395 
SER HB3  H N N 396 
SER HG   H N N 397 
SER HXT  H N N 398 
THR N    N N N 399 
THR CA   C N S 400 
THR C    C N N 401 
THR O    O N N 402 
THR CB   C N R 403 
THR OG1  O N N 404 
THR CG2  C N N 405 
THR OXT  O N N 406 
THR H    H N N 407 
THR H2   H N N 408 
THR HA   H N N 409 
THR HB   H N N 410 
THR HG1  H N N 411 
THR HG21 H N N 412 
THR HG22 H N N 413 
THR HG23 H N N 414 
THR HXT  H N N 415 
TRP N    N N N 416 
TRP CA   C N S 417 
TRP C    C N N 418 
TRP O    O N N 419 
TRP CB   C N N 420 
TRP CG   C Y N 421 
TRP CD1  C Y N 422 
TRP CD2  C Y N 423 
TRP NE1  N Y N 424 
TRP CE2  C Y N 425 
TRP CE3  C Y N 426 
TRP CZ2  C Y N 427 
TRP CZ3  C Y N 428 
TRP CH2  C Y N 429 
TRP OXT  O N N 430 
TRP H    H N N 431 
TRP H2   H N N 432 
TRP HA   H N N 433 
TRP HB2  H N N 434 
TRP HB3  H N N 435 
TRP HD1  H N N 436 
TRP HE1  H N N 437 
TRP HE3  H N N 438 
TRP HZ2  H N N 439 
TRP HZ3  H N N 440 
TRP HH2  H N N 441 
TRP HXT  H N N 442 
TYR N    N N N 443 
TYR CA   C N S 444 
TYR C    C N N 445 
TYR O    O N N 446 
TYR CB   C N N 447 
TYR CG   C Y N 448 
TYR CD1  C Y N 449 
TYR CD2  C Y N 450 
TYR CE1  C Y N 451 
TYR CE2  C Y N 452 
TYR CZ   C Y N 453 
TYR OH   O N N 454 
TYR OXT  O N N 455 
TYR H    H N N 456 
TYR H2   H N N 457 
TYR HA   H N N 458 
TYR HB2  H N N 459 
TYR HB3  H N N 460 
TYR HD1  H N N 461 
TYR HD2  H N N 462 
TYR HE1  H N N 463 
TYR HE2  H N N 464 
TYR HH   H N N 465 
TYR HXT  H N N 466 
VAL N    N N N 467 
VAL CA   C N S 468 
VAL C    C N N 469 
VAL O    O N N 470 
VAL CB   C N N 471 
VAL CG1  C N N 472 
VAL CG2  C N N 473 
VAL OXT  O N N 474 
VAL H    H N N 475 
VAL H2   H N N 476 
VAL HA   H N N 477 
VAL HB   H N N 478 
VAL HG11 H N N 479 
VAL HG12 H N N 480 
VAL HG13 H N N 481 
VAL HG21 H N N 482 
VAL HG22 H N N 483 
VAL HG23 H N N 484 
VAL HXT  H N N 485 
# 
loop_
_chem_comp_bond.comp_id 
_chem_comp_bond.atom_id_1 
_chem_comp_bond.atom_id_2 
_chem_comp_bond.value_order 
_chem_comp_bond.pdbx_aromatic_flag 
_chem_comp_bond.pdbx_stereo_config 
_chem_comp_bond.pdbx_ordinal 
78X O41 C9   doub N N 1   
78X C6  C7   sing N N 2   
78X C6  C5   sing N N 3   
78X C7  N1   sing N N 4   
78X C9  N1   sing N N 5   
78X C9  C10  sing N N 6   
78X C11 C10  sing N N 7   
78X C11 C12  sing N N 8   
78X N1  N2   sing N N 9   
78X C21 C20  sing N N 10  
78X C5  C8   sing N N 11  
78X C10 N3   sing N N 12  
78X N3  C18  sing N N 13  
78X C12 C17  doub Y N 14  
78X C12 C13  sing Y N 15  
78X C8  N2   sing N N 16  
78X C8  C29  sing N N 17  
78X C17 C16  sing Y N 18  
78X C22 C20  sing N N 19  
78X C20 C19  sing N N 20  
78X C13 C14  doub Y N 21  
78X C19 C18  sing N N 22  
78X C19 N4   sing N N 23  
78X C18 O43  doub N N 24  
78X O44 C23  doub N N 25  
78X C16 C15  doub Y N 26  
78X C14 C15  sing Y N 27  
78X C14 O42  sing N N 28  
78X C29 O47  sing N N 29  
78X C29 O45  doub N N 30  
78X N4  C23  sing N N 31  
78X O47 C30  sing N N 32  
78X C23 C24  sing N N 33  
78X C40 C30  sing N N 34  
78X C30 C31  sing N N 35  
78X C24 C25  sing N N 36  
78X C24 C26  sing N N 37  
78X C32 C31  doub Y N 38  
78X C32 C33  sing Y N 39  
78X C31 C36  sing Y N 40  
78X C27 C26  sing N N 41  
78X C27 C28  sing N N 42  
78X C37 C33  sing N N 43  
78X C37 C38  doub N E 44  
78X C26 O46  sing N N 45  
78X O46 C39  sing N N 46  
78X C28 C38  sing N N 47  
78X C33 C34  doub Y N 48  
78X C36 C35  doub Y N 49  
78X C34 C35  sing Y N 50  
78X N3  H1   sing N N 51  
78X N2  H2   sing N N 52  
78X C7  H3   sing N N 53  
78X C7  H4   sing N N 54  
78X C6  H5   sing N N 55  
78X C6  H6   sing N N 56  
78X C13 H7   sing N N 57  
78X C8  H8   sing N N 58  
78X N4  H9   sing N N 59  
78X C5  H10  sing N N 60  
78X C5  H11  sing N N 61  
78X C10 H12  sing N N 62  
78X C11 H13  sing N N 63  
78X C11 H14  sing N N 64  
78X C15 H15  sing N N 65  
78X C16 H16  sing N N 66  
78X C17 H17  sing N N 67  
78X C19 H18  sing N N 68  
78X C20 H19  sing N N 69  
78X C21 H20  sing N N 70  
78X C21 H21  sing N N 71  
78X C21 H22  sing N N 72  
78X C22 H23  sing N N 73  
78X C22 H24  sing N N 74  
78X C22 H25  sing N N 75  
78X C24 H26  sing N N 76  
78X C25 H27  sing N N 77  
78X C25 H28  sing N N 78  
78X C25 H29  sing N N 79  
78X C26 H30  sing N N 80  
78X C27 H31  sing N N 81  
78X C27 H32  sing N N 82  
78X C28 H33  sing N N 83  
78X C28 H34  sing N N 84  
78X C30 H35  sing N N 85  
78X C32 H36  sing N N 86  
78X C34 H37  sing N N 87  
78X C35 H38  sing N N 88  
78X C36 H39  sing N N 89  
78X C37 H40  sing N N 90  
78X C38 H41  sing N N 91  
78X C39 H42  sing N N 92  
78X C39 H43  sing N N 93  
78X C39 H44  sing N N 94  
78X C40 H45  sing N N 95  
78X C40 H46  sing N N 96  
78X C40 H47  sing N N 97  
78X O42 H48  sing N N 98  
ALA N   CA   sing N N 99  
ALA N   H    sing N N 100 
ALA N   H2   sing N N 101 
ALA CA  C    sing N N 102 
ALA CA  CB   sing N N 103 
ALA CA  HA   sing N N 104 
ALA C   O    doub N N 105 
ALA C   OXT  sing N N 106 
ALA CB  HB1  sing N N 107 
ALA CB  HB2  sing N N 108 
ALA CB  HB3  sing N N 109 
ALA OXT HXT  sing N N 110 
ARG N   CA   sing N N 111 
ARG N   H    sing N N 112 
ARG N   H2   sing N N 113 
ARG CA  C    sing N N 114 
ARG CA  CB   sing N N 115 
ARG CA  HA   sing N N 116 
ARG C   O    doub N N 117 
ARG C   OXT  sing N N 118 
ARG CB  CG   sing N N 119 
ARG CB  HB2  sing N N 120 
ARG CB  HB3  sing N N 121 
ARG CG  CD   sing N N 122 
ARG CG  HG2  sing N N 123 
ARG CG  HG3  sing N N 124 
ARG CD  NE   sing N N 125 
ARG CD  HD2  sing N N 126 
ARG CD  HD3  sing N N 127 
ARG NE  CZ   sing N N 128 
ARG NE  HE   sing N N 129 
ARG CZ  NH1  sing N N 130 
ARG CZ  NH2  doub N N 131 
ARG NH1 HH11 sing N N 132 
ARG NH1 HH12 sing N N 133 
ARG NH2 HH21 sing N N 134 
ARG NH2 HH22 sing N N 135 
ARG OXT HXT  sing N N 136 
ASN N   CA   sing N N 137 
ASN N   H    sing N N 138 
ASN N   H2   sing N N 139 
ASN CA  C    sing N N 140 
ASN CA  CB   sing N N 141 
ASN CA  HA   sing N N 142 
ASN C   O    doub N N 143 
ASN C   OXT  sing N N 144 
ASN CB  CG   sing N N 145 
ASN CB  HB2  sing N N 146 
ASN CB  HB3  sing N N 147 
ASN CG  OD1  doub N N 148 
ASN CG  ND2  sing N N 149 
ASN ND2 HD21 sing N N 150 
ASN ND2 HD22 sing N N 151 
ASN OXT HXT  sing N N 152 
ASP N   CA   sing N N 153 
ASP N   H    sing N N 154 
ASP N   H2   sing N N 155 
ASP CA  C    sing N N 156 
ASP CA  CB   sing N N 157 
ASP CA  HA   sing N N 158 
ASP C   O    doub N N 159 
ASP C   OXT  sing N N 160 
ASP CB  CG   sing N N 161 
ASP CB  HB2  sing N N 162 
ASP CB  HB3  sing N N 163 
ASP CG  OD1  doub N N 164 
ASP CG  OD2  sing N N 165 
ASP OD2 HD2  sing N N 166 
ASP OXT HXT  sing N N 167 
CYS N   CA   sing N N 168 
CYS N   H    sing N N 169 
CYS N   H2   sing N N 170 
CYS CA  C    sing N N 171 
CYS CA  CB   sing N N 172 
CYS CA  HA   sing N N 173 
CYS C   O    doub N N 174 
CYS C   OXT  sing N N 175 
CYS CB  SG   sing N N 176 
CYS CB  HB2  sing N N 177 
CYS CB  HB3  sing N N 178 
CYS SG  HG   sing N N 179 
CYS OXT HXT  sing N N 180 
GLN N   CA   sing N N 181 
GLN N   H    sing N N 182 
GLN N   H2   sing N N 183 
GLN CA  C    sing N N 184 
GLN CA  CB   sing N N 185 
GLN CA  HA   sing N N 186 
GLN C   O    doub N N 187 
GLN C   OXT  sing N N 188 
GLN CB  CG   sing N N 189 
GLN CB  HB2  sing N N 190 
GLN CB  HB3  sing N N 191 
GLN CG  CD   sing N N 192 
GLN CG  HG2  sing N N 193 
GLN CG  HG3  sing N N 194 
GLN CD  OE1  doub N N 195 
GLN CD  NE2  sing N N 196 
GLN NE2 HE21 sing N N 197 
GLN NE2 HE22 sing N N 198 
GLN OXT HXT  sing N N 199 
GLU N   CA   sing N N 200 
GLU N   H    sing N N 201 
GLU N   H2   sing N N 202 
GLU CA  C    sing N N 203 
GLU CA  CB   sing N N 204 
GLU CA  HA   sing N N 205 
GLU C   O    doub N N 206 
GLU C   OXT  sing N N 207 
GLU CB  CG   sing N N 208 
GLU CB  HB2  sing N N 209 
GLU CB  HB3  sing N N 210 
GLU CG  CD   sing N N 211 
GLU CG  HG2  sing N N 212 
GLU CG  HG3  sing N N 213 
GLU CD  OE1  doub N N 214 
GLU CD  OE2  sing N N 215 
GLU OE2 HE2  sing N N 216 
GLU OXT HXT  sing N N 217 
GLY N   CA   sing N N 218 
GLY N   H    sing N N 219 
GLY N   H2   sing N N 220 
GLY CA  C    sing N N 221 
GLY CA  HA2  sing N N 222 
GLY CA  HA3  sing N N 223 
GLY C   O    doub N N 224 
GLY C   OXT  sing N N 225 
GLY OXT HXT  sing N N 226 
HIS N   CA   sing N N 227 
HIS N   H    sing N N 228 
HIS N   H2   sing N N 229 
HIS CA  C    sing N N 230 
HIS CA  CB   sing N N 231 
HIS CA  HA   sing N N 232 
HIS C   O    doub N N 233 
HIS C   OXT  sing N N 234 
HIS CB  CG   sing N N 235 
HIS CB  HB2  sing N N 236 
HIS CB  HB3  sing N N 237 
HIS CG  ND1  sing Y N 238 
HIS CG  CD2  doub Y N 239 
HIS ND1 CE1  doub Y N 240 
HIS ND1 HD1  sing N N 241 
HIS CD2 NE2  sing Y N 242 
HIS CD2 HD2  sing N N 243 
HIS CE1 NE2  sing Y N 244 
HIS CE1 HE1  sing N N 245 
HIS NE2 HE2  sing N N 246 
HIS OXT HXT  sing N N 247 
HOH O   H1   sing N N 248 
HOH O   H2   sing N N 249 
ILE N   CA   sing N N 250 
ILE N   H    sing N N 251 
ILE N   H2   sing N N 252 
ILE CA  C    sing N N 253 
ILE CA  CB   sing N N 254 
ILE CA  HA   sing N N 255 
ILE C   O    doub N N 256 
ILE C   OXT  sing N N 257 
ILE CB  CG1  sing N N 258 
ILE CB  CG2  sing N N 259 
ILE CB  HB   sing N N 260 
ILE CG1 CD1  sing N N 261 
ILE CG1 HG12 sing N N 262 
ILE CG1 HG13 sing N N 263 
ILE CG2 HG21 sing N N 264 
ILE CG2 HG22 sing N N 265 
ILE CG2 HG23 sing N N 266 
ILE CD1 HD11 sing N N 267 
ILE CD1 HD12 sing N N 268 
ILE CD1 HD13 sing N N 269 
ILE OXT HXT  sing N N 270 
LEU N   CA   sing N N 271 
LEU N   H    sing N N 272 
LEU N   H2   sing N N 273 
LEU CA  C    sing N N 274 
LEU CA  CB   sing N N 275 
LEU CA  HA   sing N N 276 
LEU C   O    doub N N 277 
LEU C   OXT  sing N N 278 
LEU CB  CG   sing N N 279 
LEU CB  HB2  sing N N 280 
LEU CB  HB3  sing N N 281 
LEU CG  CD1  sing N N 282 
LEU CG  CD2  sing N N 283 
LEU CG  HG   sing N N 284 
LEU CD1 HD11 sing N N 285 
LEU CD1 HD12 sing N N 286 
LEU CD1 HD13 sing N N 287 
LEU CD2 HD21 sing N N 288 
LEU CD2 HD22 sing N N 289 
LEU CD2 HD23 sing N N 290 
LEU OXT HXT  sing N N 291 
LYS N   CA   sing N N 292 
LYS N   H    sing N N 293 
LYS N   H2   sing N N 294 
LYS CA  C    sing N N 295 
LYS CA  CB   sing N N 296 
LYS CA  HA   sing N N 297 
LYS C   O    doub N N 298 
LYS C   OXT  sing N N 299 
LYS CB  CG   sing N N 300 
LYS CB  HB2  sing N N 301 
LYS CB  HB3  sing N N 302 
LYS CG  CD   sing N N 303 
LYS CG  HG2  sing N N 304 
LYS CG  HG3  sing N N 305 
LYS CD  CE   sing N N 306 
LYS CD  HD2  sing N N 307 
LYS CD  HD3  sing N N 308 
LYS CE  NZ   sing N N 309 
LYS CE  HE2  sing N N 310 
LYS CE  HE3  sing N N 311 
LYS NZ  HZ1  sing N N 312 
LYS NZ  HZ2  sing N N 313 
LYS NZ  HZ3  sing N N 314 
LYS OXT HXT  sing N N 315 
MET N   CA   sing N N 316 
MET N   H    sing N N 317 
MET N   H2   sing N N 318 
MET CA  C    sing N N 319 
MET CA  CB   sing N N 320 
MET CA  HA   sing N N 321 
MET C   O    doub N N 322 
MET C   OXT  sing N N 323 
MET CB  CG   sing N N 324 
MET CB  HB2  sing N N 325 
MET CB  HB3  sing N N 326 
MET CG  SD   sing N N 327 
MET CG  HG2  sing N N 328 
MET CG  HG3  sing N N 329 
MET SD  CE   sing N N 330 
MET CE  HE1  sing N N 331 
MET CE  HE2  sing N N 332 
MET CE  HE3  sing N N 333 
MET OXT HXT  sing N N 334 
PHE N   CA   sing N N 335 
PHE N   H    sing N N 336 
PHE N   H2   sing N N 337 
PHE CA  C    sing N N 338 
PHE CA  CB   sing N N 339 
PHE CA  HA   sing N N 340 
PHE C   O    doub N N 341 
PHE C   OXT  sing N N 342 
PHE CB  CG   sing N N 343 
PHE CB  HB2  sing N N 344 
PHE CB  HB3  sing N N 345 
PHE CG  CD1  doub Y N 346 
PHE CG  CD2  sing Y N 347 
PHE CD1 CE1  sing Y N 348 
PHE CD1 HD1  sing N N 349 
PHE CD2 CE2  doub Y N 350 
PHE CD2 HD2  sing N N 351 
PHE CE1 CZ   doub Y N 352 
PHE CE1 HE1  sing N N 353 
PHE CE2 CZ   sing Y N 354 
PHE CE2 HE2  sing N N 355 
PHE CZ  HZ   sing N N 356 
PHE OXT HXT  sing N N 357 
PRO N   CA   sing N N 358 
PRO N   CD   sing N N 359 
PRO N   H    sing N N 360 
PRO CA  C    sing N N 361 
PRO CA  CB   sing N N 362 
PRO CA  HA   sing N N 363 
PRO C   O    doub N N 364 
PRO C   OXT  sing N N 365 
PRO CB  CG   sing N N 366 
PRO CB  HB2  sing N N 367 
PRO CB  HB3  sing N N 368 
PRO CG  CD   sing N N 369 
PRO CG  HG2  sing N N 370 
PRO CG  HG3  sing N N 371 
PRO CD  HD2  sing N N 372 
PRO CD  HD3  sing N N 373 
PRO OXT HXT  sing N N 374 
SER N   CA   sing N N 375 
SER N   H    sing N N 376 
SER N   H2   sing N N 377 
SER CA  C    sing N N 378 
SER CA  CB   sing N N 379 
SER CA  HA   sing N N 380 
SER C   O    doub N N 381 
SER C   OXT  sing N N 382 
SER CB  OG   sing N N 383 
SER CB  HB2  sing N N 384 
SER CB  HB3  sing N N 385 
SER OG  HG   sing N N 386 
SER OXT HXT  sing N N 387 
THR N   CA   sing N N 388 
THR N   H    sing N N 389 
THR N   H2   sing N N 390 
THR CA  C    sing N N 391 
THR CA  CB   sing N N 392 
THR CA  HA   sing N N 393 
THR C   O    doub N N 394 
THR C   OXT  sing N N 395 
THR CB  OG1  sing N N 396 
THR CB  CG2  sing N N 397 
THR CB  HB   sing N N 398 
THR OG1 HG1  sing N N 399 
THR CG2 HG21 sing N N 400 
THR CG2 HG22 sing N N 401 
THR CG2 HG23 sing N N 402 
THR OXT HXT  sing N N 403 
TRP N   CA   sing N N 404 
TRP N   H    sing N N 405 
TRP N   H2   sing N N 406 
TRP CA  C    sing N N 407 
TRP CA  CB   sing N N 408 
TRP CA  HA   sing N N 409 
TRP C   O    doub N N 410 
TRP C   OXT  sing N N 411 
TRP CB  CG   sing N N 412 
TRP CB  HB2  sing N N 413 
TRP CB  HB3  sing N N 414 
TRP CG  CD1  doub Y N 415 
TRP CG  CD2  sing Y N 416 
TRP CD1 NE1  sing Y N 417 
TRP CD1 HD1  sing N N 418 
TRP CD2 CE2  doub Y N 419 
TRP CD2 CE3  sing Y N 420 
TRP NE1 CE2  sing Y N 421 
TRP NE1 HE1  sing N N 422 
TRP CE2 CZ2  sing Y N 423 
TRP CE3 CZ3  doub Y N 424 
TRP CE3 HE3  sing N N 425 
TRP CZ2 CH2  doub Y N 426 
TRP CZ2 HZ2  sing N N 427 
TRP CZ3 CH2  sing Y N 428 
TRP CZ3 HZ3  sing N N 429 
TRP CH2 HH2  sing N N 430 
TRP OXT HXT  sing N N 431 
TYR N   CA   sing N N 432 
TYR N   H    sing N N 433 
TYR N   H2   sing N N 434 
TYR CA  C    sing N N 435 
TYR CA  CB   sing N N 436 
TYR CA  HA   sing N N 437 
TYR C   O    doub N N 438 
TYR C   OXT  sing N N 439 
TYR CB  CG   sing N N 440 
TYR CB  HB2  sing N N 441 
TYR CB  HB3  sing N N 442 
TYR CG  CD1  doub Y N 443 
TYR CG  CD2  sing Y N 444 
TYR CD1 CE1  sing Y N 445 
TYR CD1 HD1  sing N N 446 
TYR CD2 CE2  doub Y N 447 
TYR CD2 HD2  sing N N 448 
TYR CE1 CZ   doub Y N 449 
TYR CE1 HE1  sing N N 450 
TYR CE2 CZ   sing Y N 451 
TYR CE2 HE2  sing N N 452 
TYR CZ  OH   sing N N 453 
TYR OH  HH   sing N N 454 
TYR OXT HXT  sing N N 455 
VAL N   CA   sing N N 456 
VAL N   H    sing N N 457 
VAL N   H2   sing N N 458 
VAL CA  C    sing N N 459 
VAL CA  CB   sing N N 460 
VAL CA  HA   sing N N 461 
VAL C   O    doub N N 462 
VAL C   OXT  sing N N 463 
VAL CB  CG1  sing N N 464 
VAL CB  CG2  sing N N 465 
VAL CB  HB   sing N N 466 
VAL CG1 HG11 sing N N 467 
VAL CG1 HG12 sing N N 468 
VAL CG1 HG13 sing N N 469 
VAL CG2 HG21 sing N N 470 
VAL CG2 HG22 sing N N 471 
VAL CG2 HG23 sing N N 472 
VAL OXT HXT  sing N N 473 
# 
_atom_sites.entry_id                    5TA2 
_atom_sites.fract_transf_matrix[1][1]   0.00756074 
_atom_sites.fract_transf_matrix[1][2]   -0.02630855 
_atom_sites.fract_transf_matrix[1][3]   0.00342606 
_atom_sites.fract_transf_matrix[2][1]   0.00970183 
_atom_sites.fract_transf_matrix[2][2]   0.00064730 
_atom_sites.fract_transf_matrix[2][3]   -0.01643976 
_atom_sites.fract_transf_matrix[3][1]   0.00998649 
_atom_sites.fract_transf_matrix[3][2]   0.00365622 
_atom_sites.fract_transf_matrix[3][3]   0.00603743 
_atom_sites.fract_transf_vector[1]      0.301541 
_atom_sites.fract_transf_vector[2]      0.070281 
_atom_sites.fract_transf_vector[3]      0.137535 
# 
loop_
_atom_type.symbol 
C 
N 
O 
S 
# 
loop_
_atom_site.group_PDB 
_atom_site.id 
_atom_site.type_symbol 
_atom_site.label_atom_id 
_atom_site.label_alt_id 
_atom_site.label_comp_id 
_atom_site.label_asym_id 
_atom_site.label_entity_id 
_atom_site.label_seq_id 
_atom_site.pdbx_PDB_ins_code 
_atom_site.Cartn_x 
_atom_site.Cartn_y 
_atom_site.Cartn_z 
_atom_site.occupancy 
_atom_site.B_iso_or_equiv 
_atom_site.pdbx_formal_charge 
_atom_site.auth_seq_id 
_atom_site.auth_comp_id 
_atom_site.auth_asym_id 
_atom_site.auth_atom_id 
_atom_site.pdbx_PDB_model_num 
ATOM   1    N N   . VAL A 1 1   ? -9.841  -3.255  -18.005 1.00 39.88 ? 2   VAL A N   1 
ATOM   2    C CA  . VAL A 1 1   ? -10.331 -1.966  -17.537 1.00 32.74 ? 2   VAL A CA  1 
ATOM   3    C C   . VAL A 1 1   ? -9.770  -1.649  -16.139 1.00 19.88 ? 2   VAL A C   1 
ATOM   4    O O   . VAL A 1 1   ? -9.801  -0.502  -15.695 1.00 26.70 ? 2   VAL A O   1 
ATOM   5    C CB  . VAL A 1 1   ? -11.891 -1.928  -17.545 1.00 23.88 ? 2   VAL A CB  1 
ATOM   6    C CG1 . VAL A 1 1   ? -12.465 -2.955  -16.595 1.00 18.50 ? 2   VAL A CG1 1 
ATOM   7    C CG2 . VAL A 1 1   ? -12.422 -0.534  -17.224 1.00 44.71 ? 2   VAL A CG2 1 
ATOM   8    N N   . ASN A 1 2   ? -9.227  -2.659  -15.457 1.00 19.20 ? 3   ASN A N   1 
ATOM   9    C CA  . ASN A 1 2   ? -8.558  -2.421  -14.172 1.00 16.60 ? 3   ASN A CA  1 
ATOM   10   C C   . ASN A 1 2   ? -7.373  -1.475  -14.316 1.00 14.48 ? 3   ASN A C   1 
ATOM   11   O O   . ASN A 1 2   ? -6.508  -1.677  -15.174 1.00 14.84 ? 3   ASN A O   1 
ATOM   12   C CB  . ASN A 1 2   ? -8.079  -3.732  -13.545 1.00 12.38 ? 3   ASN A CB  1 
ATOM   13   C CG  . ASN A 1 2   ? -9.200  -4.516  -12.891 1.00 14.07 ? 3   ASN A CG  1 
ATOM   14   O OD1 . ASN A 1 2   ? -10.283 -3.980  -12.632 1.00 13.73 ? 3   ASN A OD1 1 
ATOM   15   N ND2 . ASN A 1 2   ? -8.941  -5.789  -12.603 1.00 14.17 ? 3   ASN A ND2 1 
ATOM   16   N N   . PRO A 1 3   ? -7.326  -0.434  -13.476 1.00 11.81 ? 4   PRO A N   1 
ATOM   17   C CA  . PRO A 1 3   ? -6.229  0.533   -13.567 1.00 11.99 ? 4   PRO A CA  1 
ATOM   18   C C   . PRO A 1 3   ? -4.908  -0.042  -13.066 1.00 10.80 ? 4   PRO A C   1 
ATOM   19   O O   . PRO A 1 3   ? -4.905  -0.962  -12.246 1.00 11.01 ? 4   PRO A O   1 
ATOM   20   C CB  . PRO A 1 3   ? -6.703  1.689   -12.679 1.00 14.97 ? 4   PRO A CB  1 
ATOM   21   C CG  . PRO A 1 3   ? -7.668  1.078   -11.730 1.00 18.28 ? 4   PRO A CG  1 
ATOM   22   C CD  . PRO A 1 3   ? -8.307  -0.083  -12.432 1.00 11.74 ? 4   PRO A CD  1 
ATOM   23   N N   . THR A 1 4   ? -3.805  0.488   -13.575 1.00 10.70 ? 5   THR A N   1 
ATOM   24   C CA  . THR A 1 4   ? -2.482  0.125   -13.089 1.00 11.04 ? 5   THR A CA  1 
ATOM   25   C C   . THR A 1 4   ? -1.782  1.375   -12.578 1.00 10.62 ? 5   THR A C   1 
ATOM   26   O O   . THR A 1 4   ? -1.798  2.423   -13.229 1.00 11.06 ? 5   THR A O   1 
ATOM   27   C CB  . THR A 1 4   ? -1.627  -0.551  -14.187 1.00 15.76 ? 5   THR A CB  1 
ATOM   28   O OG1 . THR A 1 4   ? -1.487  0.335   -15.302 1.00 35.91 ? 5   THR A OG1 1 
ATOM   29   C CG2 . THR A 1 4   ? -2.290  -1.829  -14.652 1.00 18.00 ? 5   THR A CG2 1 
ATOM   30   N N   . VAL A 1 5   ? -1.189  1.278   -11.394 1.00 9.18  ? 6   VAL A N   1 
ATOM   31   C CA  . VAL A 1 5   ? -0.448  2.395   -10.830 1.00 7.98  ? 6   VAL A CA  1 
ATOM   32   C C   . VAL A 1 5   ? 0.954   1.944   -10.452 1.00 7.30  ? 6   VAL A C   1 
ATOM   33   O O   . VAL A 1 5   ? 1.223   0.747   -10.366 1.00 7.23  ? 6   VAL A O   1 
ATOM   34   C CB  . VAL A 1 5   ? -1.165  3.004   -9.600  1.00 8.64  ? 6   VAL A CB  1 
ATOM   35   C CG1 . VAL A 1 5   ? -2.495  3.625   -10.015 1.00 10.11 ? 6   VAL A CG1 1 
ATOM   36   C CG2 . VAL A 1 5   ? -1.363  1.962   -8.518  1.00 8.68  ? 6   VAL A CG2 1 
ATOM   37   N N   . PHE A 1 6   ? 1.847   2.904   -10.246 1.00 7.98  ? 7   PHE A N   1 
ATOM   38   C CA  . PHE A 1 6   ? 3.232   2.594   -9.915  1.00 7.71  ? 7   PHE A CA  1 
ATOM   39   C C   . PHE A 1 6   ? 3.729   3.449   -8.751  1.00 6.92  ? 7   PHE A C   1 
ATOM   40   O O   . PHE A 1 6   ? 3.268   4.578   -8.541  1.00 7.12  ? 7   PHE A O   1 
ATOM   41   C CB  . PHE A 1 6   ? 4.144   2.795   -11.138 1.00 8.66  ? 7   PHE A CB  1 
ATOM   42   C CG  . PHE A 1 6   ? 4.347   4.239   -11.512 1.00 8.46  ? 7   PHE A CG  1 
ATOM   43   C CD1 . PHE A 1 6   ? 3.468   4.868   -12.379 1.00 9.29  ? 7   PHE A CD1 1 
ATOM   44   C CD2 . PHE A 1 6   ? 5.400   4.973   -10.981 1.00 8.46  ? 7   PHE A CD2 1 
ATOM   45   C CE1 . PHE A 1 6   ? 3.642   6.202   -12.720 1.00 9.99  ? 7   PHE A CE1 1 
ATOM   46   C CE2 . PHE A 1 6   ? 5.573   6.304   -11.315 1.00 10.30 ? 7   PHE A CE2 1 
ATOM   47   C CZ  . PHE A 1 6   ? 4.690   6.921   -12.181 1.00 9.76  ? 7   PHE A CZ  1 
ATOM   48   N N   . PHE A 1 7   ? 4.668   2.875   -8.002  1.00 7.20  ? 8   PHE A N   1 
ATOM   49   C CA  . PHE A 1 7   ? 5.465   3.569   -6.998  1.00 6.82  ? 8   PHE A CA  1 
ATOM   50   C C   . PHE A 1 7   ? 6.921   3.496   -7.428  1.00 7.11  ? 8   PHE A C   1 
ATOM   51   O O   . PHE A 1 7   ? 7.422   2.393   -7.688  1.00 8.26  ? 8   PHE A O   1 
ATOM   52   C CB  . PHE A 1 7   ? 5.385   2.903   -5.619  1.00 6.87  ? 8   PHE A CB  1 
ATOM   53   C CG  . PHE A 1 7   ? 4.070   3.029   -4.902  1.00 6.56  ? 8   PHE A CG  1 
ATOM   54   C CD1 . PHE A 1 7   ? 3.047   3.849   -5.349  1.00 7.00  ? 8   PHE A CD1 1 
ATOM   55   C CD2 . PHE A 1 7   ? 3.876   2.295   -3.741  1.00 7.13  ? 8   PHE A CD2 1 
ATOM   56   C CE1 . PHE A 1 7   ? 1.850   3.931   -4.628  1.00 6.73  ? 8   PHE A CE1 1 
ATOM   57   C CE2 . PHE A 1 7   ? 2.699   2.376   -3.034  1.00 6.95  ? 8   PHE A CE2 1 
ATOM   58   C CZ  . PHE A 1 7   ? 1.688   3.187   -3.475  1.00 7.36  ? 8   PHE A CZ  1 
ATOM   59   N N   . ASP A 1 8   ? 7.619   4.626   -7.449  1.00 6.90  ? 9   ASP A N   1 
ATOM   60   C CA  . ASP A 1 8   ? 9.076   4.607   -7.552  1.00 6.80  ? 9   ASP A CA  1 
ATOM   61   C C   . ASP A 1 8   ? 9.630   4.709   -6.132  1.00 6.56  ? 9   ASP A C   1 
ATOM   62   O O   . ASP A 1 8   ? 9.432   5.713   -5.449  1.00 7.59  ? 9   ASP A O   1 
ATOM   63   C CB  . ASP A 1 8   ? 9.594   5.746   -8.442  1.00 7.87  ? 9   ASP A CB  1 
ATOM   64   C CG  . ASP A 1 8   ? 9.353   5.492   -9.920  1.00 10.62 ? 9   ASP A CG  1 
ATOM   65   O OD1 . ASP A 1 8   ? 9.416   4.320   -10.344 1.00 11.21 ? 9   ASP A OD1 1 
ATOM   66   O OD2 . ASP A 1 8   ? 9.100   6.470   -10.663 1.00 13.64 ? 9   ASP A OD2 1 
ATOM   67   N N   . ILE A 1 9   ? 10.289  3.644   -5.688  1.00 6.44  ? 10  ILE A N   1 
ATOM   68   C CA  . ILE A 1 9   ? 10.758  3.512   -4.312  1.00 7.17  ? 10  ILE A CA  1 
ATOM   69   C C   . ILE A 1 9   ? 12.188  4.012   -4.177  1.00 6.84  ? 10  ILE A C   1 
ATOM   70   O O   . ILE A 1 9   ? 13.024  3.733   -5.041  1.00 7.77  ? 10  ILE A O   1 
ATOM   71   C CB  . ILE A 1 9   ? 10.686  2.031   -3.844  1.00 7.24  ? 10  ILE A CB  1 
ATOM   72   C CG1 . ILE A 1 9   ? 9.268   1.479   -4.011  1.00 8.09  ? 10  ILE A CG1 1 
ATOM   73   C CG2 . ILE A 1 9   ? 11.167  1.877   -2.398  1.00 7.48  ? 10  ILE A CG2 1 
ATOM   74   C CD1 . ILE A 1 9   ? 8.242   2.174   -3.149  1.00 8.58  ? 10  ILE A CD1 1 
ATOM   75   N N   . ALA A 1 10  ? 12.473  4.731   -3.094  1.00 6.46  ? 11  ALA A N   1 
ATOM   76   C CA  . ALA A 1 10  ? 13.822  5.200   -2.807  1.00 8.06  ? 11  ALA A CA  1 
ATOM   77   C C   . ALA A 1 10  ? 14.274  4.736   -1.420  1.00 8.20  ? 11  ALA A C   1 
ATOM   78   O O   . ALA A 1 10  ? 13.452  4.567   -0.509  1.00 8.34  ? 11  ALA A O   1 
ATOM   79   C CB  . ALA A 1 10  ? 13.889  6.723   -2.910  1.00 8.08  ? 11  ALA A CB  1 
ATOM   80   N N   . VAL A 1 11  ? 15.581  4.529   -1.271  1.00 8.68  ? 12  VAL A N   1 
ATOM   81   C CA  . VAL A 1 11  ? 16.191  4.150   0.002   1.00 8.73  ? 12  VAL A CA  1 
ATOM   82   C C   . VAL A 1 11  ? 17.171  5.250   0.397   1.00 9.65  ? 12  VAL A C   1 
ATOM   83   O O   . VAL A 1 11  ? 18.143  5.499   -0.322  1.00 9.60  ? 12  VAL A O   1 
ATOM   84   C CB  . VAL A 1 11  ? 16.918  2.795   -0.097  1.00 8.65  ? 12  VAL A CB  1 
ATOM   85   C CG1 . VAL A 1 11  ? 17.586  2.444   1.219   1.00 10.93 ? 12  VAL A CG1 1 
ATOM   86   C CG2 . VAL A 1 11  ? 15.946  1.701   -0.506  1.00 9.89  ? 12  VAL A CG2 1 
ATOM   87   N N   . ASP A 1 12  ? 16.904  5.919   1.517   1.00 10.89 ? 13  ASP A N   1 
ATOM   88   C CA  . ASP A 1 12  ? 17.661  7.109   1.917   1.00 12.52 ? 13  ASP A CA  1 
ATOM   89   C C   . ASP A 1 12  ? 17.950  8.034   0.734   1.00 12.86 ? 13  ASP A C   1 
ATOM   90   O O   . ASP A 1 12  ? 19.076  8.510   0.554   1.00 13.86 ? 13  ASP A O   1 
ATOM   91   C CB  . ASP A 1 12  ? 18.968  6.714   2.609   1.00 15.32 ? 13  ASP A CB  1 
ATOM   92   C CG  . ASP A 1 12  ? 18.761  6.337   4.066   1.00 24.17 ? 13  ASP A CG  1 
ATOM   93   O OD1 . ASP A 1 12  ? 17.628  6.495   4.564   1.00 18.70 ? 13  ASP A OD1 1 
ATOM   94   O OD2 . ASP A 1 12  ? 19.733  5.903   4.717   1.00 24.73 ? 13  ASP A OD2 1 
ATOM   95   N N   . GLY A 1 13  ? 16.924  8.270   -0.079  1.00 9.90  ? 14  GLY A N   1 
ATOM   96   C CA  . GLY A 1 13  ? 17.000  9.242   -1.153  1.00 9.95  ? 14  GLY A CA  1 
ATOM   97   C C   . GLY A 1 13  ? 17.644  8.775   -2.446  1.00 10.42 ? 14  GLY A C   1 
ATOM   98   O O   . GLY A 1 13  ? 17.816  9.572   -3.361  1.00 13.78 ? 14  GLY A O   1 
ATOM   99   N N   . GLU A 1 14  ? 18.005  7.501   -2.529  1.00 9.05  ? 15  GLU A N   1 
ATOM   100  C CA  . GLU A 1 14  ? 18.572  6.975   -3.761  1.00 9.20  ? 15  GLU A CA  1 
ATOM   101  C C   . GLU A 1 14  ? 17.637  5.923   -4.349  1.00 8.95  ? 15  GLU A C   1 
ATOM   102  O O   . GLU A 1 14  ? 17.012  5.163   -3.616  1.00 8.26  ? 15  GLU A O   1 
ATOM   103  C CB  . GLU A 1 14  ? 19.966  6.394   -3.514  1.00 9.84  ? 15  GLU A CB  1 
ATOM   104  C CG  . GLU A 1 14  ? 20.994  7.420   -3.044  1.00 11.88 ? 15  GLU A CG  1 
ATOM   105  C CD  . GLU A 1 14  ? 21.374  8.438   -4.116  1.00 13.32 ? 15  GLU A CD  1 
ATOM   106  O OE1 . GLU A 1 14  ? 20.982  8.269   -5.292  1.00 13.07 ? 15  GLU A OE1 1 
ATOM   107  O OE2 . GLU A 1 14  ? 22.063  9.426   -3.774  1.00 15.50 ? 15  GLU A OE2 1 
ATOM   108  N N   . PRO A 1 15  ? 17.532  5.872   -5.682  1.00 7.65  ? 16  PRO A N   1 
ATOM   109  C CA  . PRO A 1 15  ? 16.541  4.989   -6.306  1.00 8.35  ? 16  PRO A CA  1 
ATOM   110  C C   . PRO A 1 15  ? 16.732  3.516   -5.958  1.00 9.95  ? 16  PRO A C   1 
ATOM   111  O O   . PRO A 1 15  ? 17.861  3.023   -5.917  1.00 11.22 ? 16  PRO A O   1 
ATOM   112  C CB  . PRO A 1 15  ? 16.765  5.205   -7.812  1.00 10.08 ? 16  PRO A CB  1 
ATOM   113  C CG  . PRO A 1 15  ? 17.500  6.480   -7.921  1.00 13.04 ? 16  PRO A CG  1 
ATOM   114  C CD  . PRO A 1 15  ? 18.325  6.609   -6.683  1.00 10.11 ? 16  PRO A CD  1 
ATOM   115  N N   . LEU A 1 16  ? 15.627  2.828   -5.699  1.00 7.35  ? 17  LEU A N   1 
ATOM   116  C CA  . LEU A 1 16  ? 15.645  1.384   -5.541  1.00 7.80  ? 17  LEU A CA  1 
ATOM   117  C C   . LEU A 1 16  ? 15.024  0.748   -6.780  1.00 7.84  ? 17  LEU A C   1 
ATOM   118  O O   . LEU A 1 16  ? 15.680  -0.008  -7.500  1.00 8.76  ? 17  LEU A O   1 
ATOM   119  C CB  . LEU A 1 16  ? 14.902  0.969   -4.269  1.00 8.46  ? 17  LEU A CB  1 
ATOM   120  C CG  . LEU A 1 16  ? 14.800  -0.538  -4.022  1.00 9.00  ? 17  LEU A CG  1 
ATOM   121  C CD1 . LEU A 1 16  ? 16.184  -1.173  -3.974  1.00 12.22 ? 17  LEU A CD1 1 
ATOM   122  C CD2 . LEU A 1 16  ? 14.034  -0.823  -2.743  1.00 8.85  ? 17  LEU A CD2 1 
ATOM   123  N N   . GLY A 1 17  ? 13.764  1.075   -7.047  1.00 7.94  ? 18  GLY A N   1 
ATOM   124  C CA  . GLY A 1 17  ? 13.097  0.548   -8.218  1.00 7.92  ? 18  GLY A CA  1 
ATOM   125  C C   . GLY A 1 17  ? 11.620  0.844   -8.233  1.00 7.26  ? 18  GLY A C   1 
ATOM   126  O O   . GLY A 1 17  ? 11.100  1.488   -7.320  1.00 7.94  ? 18  GLY A O   1 
ATOM   127  N N   . ARG A 1 18  ? 10.944  0.367   -9.274  1.00 6.70  ? 19  ARG A N   1 
ATOM   128  C CA  . ARG A 1 18  ? 9.526   0.641   -9.471  1.00 7.81  ? 19  ARG A CA  1 
ATOM   129  C C   . ARG A 1 18  ? 8.651   -0.574  -9.183  1.00 7.93  ? 19  ARG A C   1 
ATOM   130  O O   . ARG A 1 18  ? 8.881   -1.656  -9.706  1.00 8.39  ? 19  ARG A O   1 
ATOM   131  C CB  . ARG A 1 18  ? 9.265   1.130   -10.903 1.00 9.32  ? 19  ARG A CB  1 
ATOM   132  C CG  . ARG A 1 18  ? 7.786   1.330   -11.228 1.00 9.70  ? 19  ARG A CG  1 
ATOM   133  C CD  . ARG A 1 18  ? 7.592   2.001   -12.592 1.00 10.61 ? 19  ARG A CD  1 
ATOM   134  N NE  . ARG A 1 18  ? 8.029   3.393   -12.565 1.00 10.27 ? 19  ARG A NE  1 
ATOM   135  C CZ  . ARG A 1 18  ? 7.818   4.261   -13.548 1.00 12.37 ? 19  ARG A CZ  1 
ATOM   136  N NH1 . ARG A 1 18  ? 7.177   3.875   -14.644 1.00 14.73 ? 19  ARG A NH1 1 
ATOM   137  N NH2 . ARG A 1 18  ? 8.246   5.510   -13.433 1.00 14.06 ? 19  ARG A NH2 1 
ATOM   138  N N   . VAL A 1 19  ? 7.647   -0.382  -8.335  1.00 7.80  ? 20  VAL A N   1 
ATOM   139  C CA  . VAL A 1 19  ? 6.645   -1.403  -8.087  1.00 7.72  ? 20  VAL A CA  1 
ATOM   140  C C   . VAL A 1 19  ? 5.355   -0.976  -8.772  1.00 7.27  ? 20  VAL A C   1 
ATOM   141  O O   . VAL A 1 19  ? 4.891   0.140   -8.559  1.00 7.13  ? 20  VAL A O   1 
ATOM   142  C CB  . VAL A 1 19  ? 6.401   -1.607  -6.578  1.00 7.58  ? 20  VAL A CB  1 
ATOM   143  C CG1 . VAL A 1 19  ? 5.407   -2.745  -6.342  1.00 8.95  ? 20  VAL A CG1 1 
ATOM   144  C CG2 . VAL A 1 19  ? 7.711   -1.898  -5.861  1.00 10.42 ? 20  VAL A CG2 1 
ATOM   145  N N   . SER A 1 20  ? 4.789   -1.840  -9.605  1.00 7.18  ? 21  SER A N   1 
ATOM   146  C CA  A SER A 1 20  ? 3.524   -1.546  -10.268 0.57 7.91  ? 21  SER A CA  1 
ATOM   147  C CA  B SER A 1 20  ? 3.515   -1.528  -10.241 0.43 7.64  ? 21  SER A CA  1 
ATOM   148  C C   . SER A 1 20  ? 2.433   -2.479  -9.756  1.00 7.49  ? 21  SER A C   1 
ATOM   149  O O   . SER A 1 20  ? 2.703   -3.636  -9.430  1.00 7.46  ? 21  SER A O   1 
ATOM   150  C CB  A SER A 1 20  ? 3.665   -1.672  -11.787 0.57 10.14 ? 21  SER A CB  1 
ATOM   151  C CB  B SER A 1 20  ? 3.628   -1.588  -11.763 0.43 9.03  ? 21  SER A CB  1 
ATOM   152  O OG  A SER A 1 20  ? 4.735   -0.871  -12.272 0.57 9.52  ? 21  SER A OG  1 
ATOM   153  O OG  B SER A 1 20  ? 3.659   -2.924  -12.215 0.43 10.90 ? 21  SER A OG  1 
ATOM   154  N N   . PHE A 1 21  ? 1.206   -1.971  -9.699  1.00 6.78  ? 22  PHE A N   1 
ATOM   155  C CA  . PHE A 1 21  ? 0.075   -2.720  -9.161  1.00 7.43  ? 22  PHE A CA  1 
ATOM   156  C C   . PHE A 1 21  ? -1.091  -2.751  -10.128 1.00 7.78  ? 22  PHE A C   1 
ATOM   157  O O   . PHE A 1 21  ? -1.405  -1.730  -10.742 1.00 7.87  ? 22  PHE A O   1 
ATOM   158  C CB  . PHE A 1 21  ? -0.444  -2.090  -7.866  1.00 7.16  ? 22  PHE A CB  1 
ATOM   159  C CG  . PHE A 1 21  ? 0.611   -1.779  -6.851  1.00 6.09  ? 22  PHE A CG  1 
ATOM   160  C CD1 . PHE A 1 21  ? 0.954   -2.715  -5.892  1.00 6.49  ? 22  PHE A CD1 1 
ATOM   161  C CD2 . PHE A 1 21  ? 1.209   -0.529  -6.814  1.00 7.28  ? 22  PHE A CD2 1 
ATOM   162  C CE1 . PHE A 1 21  ? 1.905   -2.419  -4.934  1.00 7.15  ? 22  PHE A CE1 1 
ATOM   163  C CE2 . PHE A 1 21  ? 2.170   -0.228  -5.860  1.00 7.35  ? 22  PHE A CE2 1 
ATOM   164  C CZ  . PHE A 1 21  ? 2.510   -1.175  -4.914  1.00 6.62  ? 22  PHE A CZ  1 
ATOM   165  N N   . GLU A 1 22  ? -1.759  -3.894  -10.218 1.00 7.11  ? 23  GLU A N   1 
ATOM   166  C CA  . GLU A 1 22  ? -3.101  -3.937  -10.785 1.00 8.59  ? 23  GLU A CA  1 
ATOM   167  C C   . GLU A 1 22  ? -4.099  -3.678  -9.662  1.00 8.07  ? 23  GLU A C   1 
ATOM   168  O O   . GLU A 1 22  ? -4.015  -4.291  -8.604  1.00 7.74  ? 23  GLU A O   1 
ATOM   169  C CB  . GLU A 1 22  ? -3.395  -5.283  -11.455 1.00 11.51 ? 23  GLU A CB  1 
ATOM   170  C CG  . GLU A 1 22  ? -4.842  -5.387  -11.951 1.00 13.00 ? 23  GLU A CG  1 
ATOM   171  C CD  . GLU A 1 22  ? -5.147  -6.675  -12.697 1.00 15.92 ? 23  GLU A CD  1 
ATOM   172  O OE1 . GLU A 1 22  ? -4.263  -7.551  -12.781 1.00 15.60 ? 23  GLU A OE1 1 
ATOM   173  O OE2 . GLU A 1 22  ? -6.285  -6.805  -13.204 1.00 16.15 ? 23  GLU A OE2 1 
ATOM   174  N N   . LEU A 1 23  ? -5.036  -2.765  -9.892  1.00 7.92  ? 24  LEU A N   1 
ATOM   175  C CA  . LEU A 1 23  ? -6.089  -2.492  -8.917  1.00 7.48  ? 24  LEU A CA  1 
ATOM   176  C C   . LEU A 1 23  ? -7.392  -3.151  -9.361  1.00 8.83  ? 24  LEU A C   1 
ATOM   177  O O   . LEU A 1 23  ? -7.851  -2.932  -10.482 1.00 8.42  ? 24  LEU A O   1 
ATOM   178  C CB  . LEU A 1 23  ? -6.281  -0.984  -8.733  1.00 8.09  ? 24  LEU A CB  1 
ATOM   179  C CG  . LEU A 1 23  ? -5.017  -0.180  -8.432  1.00 6.36  ? 24  LEU A CG  1 
ATOM   180  C CD1 . LEU A 1 23  ? -5.348  1.304   -8.280  1.00 7.17  ? 24  LEU A CD1 1 
ATOM   181  C CD2 . LEU A 1 23  ? -4.318  -0.713  -7.177  1.00 6.66  ? 24  LEU A CD2 1 
ATOM   182  N N   . PHE A 1 24  ? -7.979  -3.960  -8.488  1.00 8.71  ? 25  PHE A N   1 
ATOM   183  C CA  . PHE A 1 24  ? -9.129  -4.776  -8.872  1.00 9.75  ? 25  PHE A CA  1 
ATOM   184  C C   . PHE A 1 24  ? -10.424 -3.976  -8.775  1.00 11.87 ? 25  PHE A C   1 
ATOM   185  O O   . PHE A 1 24  ? -11.298 -4.272  -7.959  1.00 11.29 ? 25  PHE A O   1 
ATOM   186  C CB  . PHE A 1 24  ? -9.197  -6.036  -8.002  1.00 10.70 ? 25  PHE A CB  1 
ATOM   187  C CG  . PHE A 1 24  ? -7.965  -6.906  -8.093  1.00 10.02 ? 25  PHE A CG  1 
ATOM   188  C CD1 . PHE A 1 24  ? -7.374  -7.171  -9.315  1.00 13.09 ? 25  PHE A CD1 1 
ATOM   189  C CD2 . PHE A 1 24  ? -7.407  -7.460  -6.953  1.00 11.86 ? 25  PHE A CD2 1 
ATOM   190  C CE1 . PHE A 1 24  ? -6.248  -7.975  -9.397  1.00 12.94 ? 25  PHE A CE1 1 
ATOM   191  C CE2 . PHE A 1 24  ? -6.289  -8.260  -7.029  1.00 10.99 ? 25  PHE A CE2 1 
ATOM   192  C CZ  . PHE A 1 24  ? -5.706  -8.517  -8.252  1.00 11.64 ? 25  PHE A CZ  1 
ATOM   193  N N   . ALA A 1 25  ? -10.539 -2.969  -9.632  1.00 10.83 ? 26  ALA A N   1 
ATOM   194  C CA  . ALA A 1 25  ? -11.716 -2.103  -9.664  1.00 10.70 ? 26  ALA A CA  1 
ATOM   195  C C   . ALA A 1 25  ? -12.980 -2.879  -10.021 1.00 15.03 ? 26  ALA A C   1 
ATOM   196  O O   . ALA A 1 25  ? -14.092 -2.443  -9.703  1.00 14.81 ? 26  ALA A O   1 
ATOM   197  C CB  . ALA A 1 25  ? -11.504 -0.967  -10.643 1.00 13.44 ? 26  ALA A CB  1 
ATOM   198  N N   . ASP A 1 26  ? -12.811 -4.019  -10.684 1.00 14.01 ? 27  ASP A N   1 
ATOM   199  C CA  . ASP A 1 26  ? -13.953 -4.829  -11.088 1.00 17.49 ? 27  ASP A CA  1 
ATOM   200  C C   . ASP A 1 26  ? -14.649 -5.473  -9.889  1.00 20.70 ? 27  ASP A C   1 
ATOM   201  O O   . ASP A 1 26  ? -15.822 -5.829  -9.976  1.00 23.27 ? 27  ASP A O   1 
ATOM   202  C CB  . ASP A 1 26  ? -13.530 -5.906  -12.099 1.00 18.59 ? 27  ASP A CB  1 
ATOM   203  C CG  . ASP A 1 26  ? -12.522 -6.893  -11.532 1.00 21.65 ? 27  ASP A CG  1 
ATOM   204  O OD1 . ASP A 1 26  ? -11.615 -6.478  -10.782 1.00 18.51 ? 27  ASP A OD1 1 
ATOM   205  O OD2 . ASP A 1 26  ? -12.635 -8.097  -11.842 1.00 34.52 ? 27  ASP A OD2 1 
ATOM   206  N N   . LYS A 1 27  ? -13.941 -5.614  -8.772  1.00 14.84 ? 28  LYS A N   1 
ATOM   207  C CA  . LYS A 1 27  ? -14.549 -6.197  -7.575  1.00 13.29 ? 28  LYS A CA  1 
ATOM   208  C C   . LYS A 1 27  ? -14.638 -5.234  -6.390  1.00 13.08 ? 28  LYS A C   1 
ATOM   209  O O   . LYS A 1 27  ? -15.537 -5.354  -5.564  1.00 12.47 ? 28  LYS A O   1 
ATOM   210  C CB  . LYS A 1 27  ? -13.792 -7.454  -7.156  1.00 17.62 ? 28  LYS A CB  1 
ATOM   211  C CG  . LYS A 1 27  ? -13.904 -8.576  -8.178  1.00 28.41 ? 28  LYS A CG  1 
ATOM   212  C CD  . LYS A 1 27  ? -13.195 -9.834  -7.722  1.00 34.76 ? 28  LYS A CD  1 
ATOM   213  C CE  . LYS A 1 27  ? -13.306 -10.925 -8.776  1.00 38.92 ? 28  LYS A CE  1 
ATOM   214  N NZ  . LYS A 1 27  ? -14.726 -11.206 -9.120  1.00 41.19 ? 28  LYS A NZ  1 
ATOM   215  N N   . VAL A 1 28  ? -13.703 -4.292  -6.300  1.00 12.48 ? 29  VAL A N   1 
ATOM   216  C CA  . VAL A 1 28  ? -13.753 -3.276  -5.247  1.00 10.33 ? 29  VAL A CA  1 
ATOM   217  C C   . VAL A 1 28  ? -13.480 -1.889  -5.841  1.00 10.44 ? 29  VAL A C   1 
ATOM   218  O O   . VAL A 1 28  ? -12.426 -1.291  -5.609  1.00 9.41  ? 29  VAL A O   1 
ATOM   219  C CB  . VAL A 1 28  ? -12.745 -3.579  -4.115  1.00 10.75 ? 29  VAL A CB  1 
ATOM   220  C CG1 . VAL A 1 28  ? -13.317 -4.589  -3.136  1.00 13.08 ? 29  VAL A CG1 1 
ATOM   221  C CG2 . VAL A 1 28  ? -11.438 -4.081  -4.699  1.00 12.84 ? 29  VAL A CG2 1 
ATOM   222  N N   . PRO A 1 29  ? -14.442 -1.366  -6.617  1.00 10.18 ? 30  PRO A N   1 
ATOM   223  C CA  . PRO A 1 29  ? -14.238 -0.094  -7.323  1.00 10.62 ? 30  PRO A CA  1 
ATOM   224  C C   . PRO A 1 29  ? -13.958 1.098   -6.404  1.00 8.90  ? 30  PRO A C   1 
ATOM   225  O O   . PRO A 1 29  ? -13.120 1.931   -6.748  1.00 9.50  ? 30  PRO A O   1 
ATOM   226  C CB  . PRO A 1 29  ? -15.563 0.105   -8.077  1.00 12.19 ? 30  PRO A CB  1 
ATOM   227  C CG  . PRO A 1 29  ? -16.552 -0.756  -7.370  1.00 12.06 ? 30  PRO A CG  1 
ATOM   228  C CD  . PRO A 1 29  ? -15.773 -1.938  -6.885  1.00 11.14 ? 30  PRO A CD  1 
ATOM   229  N N   . LYS A 1 30  ? -14.632 1.189   -5.263  1.00 9.68  ? 31  LYS A N   1 
ATOM   230  C CA  . LYS A 1 30  ? -14.449 2.353   -4.402  1.00 9.70  ? 31  LYS A CA  1 
ATOM   231  C C   . LYS A 1 30  ? -13.060 2.356   -3.773  1.00 8.34  ? 31  LYS A C   1 
ATOM   232  O O   . LYS A 1 30  ? -12.402 3.388   -3.675  1.00 7.45  ? 31  LYS A O   1 
ATOM   233  C CB  . LYS A 1 30  ? -15.519 2.391   -3.314  1.00 10.56 ? 31  LYS A CB  1 
ATOM   234  C CG  . LYS A 1 30  ? -15.484 3.653   -2.474  1.00 16.40 ? 31  LYS A CG  1 
ATOM   235  C CD  . LYS A 1 30  ? -16.663 3.740   -1.517  1.00 19.15 ? 31  LYS A CD  1 
ATOM   236  C CE  . LYS A 1 30  ? -16.641 5.063   -0.760  1.00 17.93 ? 31  LYS A CE  1 
ATOM   237  N NZ  . LYS A 1 30  ? -17.855 5.258   0.085   1.00 29.51 ? 31  LYS A NZ  1 
ATOM   238  N N   . THR A 1 31  ? -12.619 1.178   -3.357  1.00 8.72  ? 32  THR A N   1 
ATOM   239  C CA  . THR A 1 31  ? -11.315 1.025   -2.738  1.00 7.62  ? 32  THR A CA  1 
ATOM   240  C C   . THR A 1 31  ? -10.201 1.196   -3.782  1.00 7.47  ? 32  THR A C   1 
ATOM   241  O O   . THR A 1 31  ? -9.188  1.853   -3.526  1.00 7.55  ? 32  THR A O   1 
ATOM   242  C CB  . THR A 1 31  ? -11.224 -0.344  -2.037  1.00 7.14  ? 32  THR A CB  1 
ATOM   243  O OG1 . THR A 1 31  ? -12.327 -0.472  -1.126  1.00 8.50  ? 32  THR A OG1 1 
ATOM   244  C CG2 . THR A 1 31  ? -9.925  -0.480  -1.270  1.00 6.97  ? 32  THR A CG2 1 
ATOM   245  N N   . ALA A 1 32  ? -10.398 0.619   -4.963  1.00 7.76  ? 33  ALA A N   1 
ATOM   246  C CA  . ALA A 1 32  ? -9.441  0.790   -6.053  1.00 7.81  ? 33  ALA A CA  1 
ATOM   247  C C   . ALA A 1 32  ? -9.293  2.266   -6.424  1.00 7.47  ? 33  ALA A C   1 
ATOM   248  O O   . ALA A 1 32  ? -8.182  2.755   -6.610  1.00 7.88  ? 33  ALA A O   1 
ATOM   249  C CB  . ALA A 1 32  ? -9.864  -0.023  -7.271  1.00 9.62  ? 33  ALA A CB  1 
ATOM   250  N N   . GLU A 1 33  ? -10.416 2.979   -6.501  1.00 7.36  ? 34  GLU A N   1 
ATOM   251  C CA  . GLU A 1 33  ? -10.381 4.375   -6.927  1.00 7.54  ? 34  GLU A CA  1 
ATOM   252  C C   . GLU A 1 33  ? -9.649  5.258   -5.918  1.00 6.99  ? 34  GLU A C   1 
ATOM   253  O O   . GLU A 1 33  ? -8.919  6.173   -6.295  1.00 6.64  ? 34  GLU A O   1 
ATOM   254  C CB  . GLU A 1 33  ? -11.803 4.904   -7.168  1.00 8.99  ? 34  GLU A CB  1 
ATOM   255  C CG  . GLU A 1 33  ? -11.894 6.413   -7.383  1.00 9.45  ? 34  GLU A CG  1 
ATOM   256  C CD  . GLU A 1 33  ? -11.193 6.891   -8.654  1.00 9.77  ? 34  GLU A CD  1 
ATOM   257  O OE1 . GLU A 1 33  ? -10.864 6.054   -9.526  1.00 10.86 ? 34  GLU A OE1 1 
ATOM   258  O OE2 . GLU A 1 33  ? -10.966 8.110   -8.774  1.00 12.22 ? 34  GLU A OE2 1 
ATOM   259  N N   . ASN A 1 34  ? -9.845  4.975   -4.634  1.00 6.29  ? 35  ASN A N   1 
ATOM   260  C CA  . ASN A 1 34  ? -9.130  5.694   -3.586  1.00 7.02  ? 35  ASN A CA  1 
ATOM   261  C C   . ASN A 1 34  ? -7.609  5.580   -3.778  1.00 6.59  ? 35  ASN A C   1 
ATOM   262  O O   . ASN A 1 34  ? -6.894  6.582   -3.808  1.00 6.30  ? 35  ASN A O   1 
ATOM   263  C CB  . ASN A 1 34  ? -9.562  5.162   -2.213  1.00 7.10  ? 35  ASN A CB  1 
ATOM   264  C CG  . ASN A 1 34  ? -8.852  5.840   -1.064  1.00 6.77  ? 35  ASN A CG  1 
ATOM   265  O OD1 . ASN A 1 34  ? -8.984  7.048   -0.868  1.00 7.42  ? 35  ASN A OD1 1 
ATOM   266  N ND2 . ASN A 1 34  ? -8.145  5.051   -0.252  1.00 7.18  ? 35  ASN A ND2 1 
ATOM   267  N N   . PHE A 1 35  ? -7.123  4.352   -3.929  1.00 6.37  ? 36  PHE A N   1 
ATOM   268  C CA  . PHE A 1 35  ? -5.687  4.121   -4.112  1.00 6.05  ? 36  PHE A CA  1 
ATOM   269  C C   . PHE A 1 35  ? -5.165  4.757   -5.408  1.00 6.47  ? 36  PHE A C   1 
ATOM   270  O O   . PHE A 1 35  ? -4.076  5.335   -5.441  1.00 6.84  ? 36  PHE A O   1 
ATOM   271  C CB  . PHE A 1 35  ? -5.401  2.615   -4.102  1.00 6.13  ? 36  PHE A CB  1 
ATOM   272  C CG  . PHE A 1 35  ? -3.940  2.258   -3.976  1.00 5.29  ? 36  PHE A CG  1 
ATOM   273  C CD1 . PHE A 1 35  ? -3.357  2.106   -2.725  1.00 6.33  ? 36  PHE A CD1 1 
ATOM   274  C CD2 . PHE A 1 35  ? -3.166  2.038   -5.101  1.00 6.61  ? 36  PHE A CD2 1 
ATOM   275  C CE1 . PHE A 1 35  ? -2.022  1.765   -2.602  1.00 7.04  ? 36  PHE A CE1 1 
ATOM   276  C CE2 . PHE A 1 35  ? -1.828  1.684   -4.982  1.00 6.28  ? 36  PHE A CE2 1 
ATOM   277  C CZ  . PHE A 1 35  ? -1.261  1.545   -3.729  1.00 7.21  ? 36  PHE A CZ  1 
ATOM   278  N N   . ARG A 1 36  ? -5.953  4.642   -6.474  1.00 6.23  ? 37  ARG A N   1 
ATOM   279  C CA  . ARG A 1 36  ? -5.586  5.229   -7.759  1.00 7.32  ? 37  ARG A CA  1 
ATOM   280  C C   . ARG A 1 36  ? -5.408  6.742   -7.654  1.00 7.69  ? 37  ARG A C   1 
ATOM   281  O O   . ARG A 1 36  ? -4.389  7.285   -8.073  1.00 6.69  ? 37  ARG A O   1 
ATOM   282  C CB  . ARG A 1 36  ? -6.641  4.910   -8.831  1.00 8.00  ? 37  ARG A CB  1 
ATOM   283  C CG  . ARG A 1 36  ? -6.218  5.310   -10.253 1.00 9.44  ? 37  ARG A CG  1 
ATOM   284  C CD  . ARG A 1 36  ? -7.406  5.568   -11.182 1.00 7.95  ? 37  ARG A CD  1 
ATOM   285  N NE  . ARG A 1 36  ? -8.231  6.667   -10.686 1.00 9.42  ? 37  ARG A NE  1 
ATOM   286  C CZ  . ARG A 1 36  ? -7.947  7.953   -10.862 1.00 10.34 ? 37  ARG A CZ  1 
ATOM   287  N NH1 . ARG A 1 36  ? -6.870  8.322   -11.540 1.00 11.16 ? 37  ARG A NH1 1 
ATOM   288  N NH2 . ARG A 1 36  ? -8.746  8.877   -10.353 1.00 10.76 ? 37  ARG A NH2 1 
ATOM   289  N N   . ALA A 1 37  ? -6.404  7.416   -7.086  1.00 6.74  ? 38  ALA A N   1 
ATOM   290  C CA  . ALA A 1 37  ? -6.355  8.866   -6.961  1.00 7.18  ? 38  ALA A CA  1 
ATOM   291  C C   . ALA A 1 37  ? -5.256  9.334   -6.011  1.00 6.46  ? 38  ALA A C   1 
ATOM   292  O O   . ALA A 1 37  ? -4.623  10.360  -6.251  1.00 6.74  ? 38  ALA A O   1 
ATOM   293  C CB  . ALA A 1 37  ? -7.708  9.390   -6.513  1.00 7.51  ? 38  ALA A CB  1 
ATOM   294  N N   . LEU A 1 38  ? -5.013  8.586   -4.938  1.00 6.51  ? 39  LEU A N   1 
ATOM   295  C CA  . LEU A 1 38  ? -3.930  8.951   -4.026  1.00 5.87  ? 39  LEU A CA  1 
ATOM   296  C C   . LEU A 1 38  ? -2.560  8.758   -4.678  1.00 6.53  ? 39  LEU A C   1 
ATOM   297  O O   . LEU A 1 38  ? -1.589  9.437   -4.317  1.00 7.26  ? 39  LEU A O   1 
ATOM   298  C CB  . LEU A 1 38  ? -4.021  8.153   -2.727  1.00 6.22  ? 39  LEU A CB  1 
ATOM   299  C CG  . LEU A 1 38  ? -5.232  8.493   -1.852  1.00 5.82  ? 39  LEU A CG  1 
ATOM   300  C CD1 . LEU A 1 38  ? -5.365  7.487   -0.715  1.00 6.34  ? 39  LEU A CD1 1 
ATOM   301  C CD2 . LEU A 1 38  ? -5.135  9.923   -1.303  1.00 7.28  ? 39  LEU A CD2 1 
ATOM   302  N N   . SER A 1 39  ? -2.495  7.854   -5.656  1.00 6.29  ? 40  SER A N   1 
ATOM   303  C CA  . SER A 1 39  ? -1.260  7.613   -6.402  1.00 6.65  ? 40  SER A CA  1 
ATOM   304  C C   . SER A 1 39  ? -0.980  8.713   -7.428  1.00 7.67  ? 40  SER A C   1 
ATOM   305  O O   . SER A 1 39  ? 0.174   9.082   -7.634  1.00 9.12  ? 40  SER A O   1 
ATOM   306  C CB  . SER A 1 39  ? -1.311  6.248   -7.094  1.00 7.23  ? 40  SER A CB  1 
ATOM   307  O OG  . SER A 1 39  ? -1.292  5.197   -6.137  1.00 7.53  ? 40  SER A OG  1 
ATOM   308  N N   . THR A 1 40  ? -2.023  9.244   -8.065  1.00 7.79  ? 41  THR A N   1 
ATOM   309  C CA  . THR A 1 40  ? -1.825  10.334  -9.025  1.00 8.49  ? 41  THR A CA  1 
ATOM   310  C C   . THR A 1 40  ? -1.661  11.677  -8.332  1.00 8.23  ? 41  THR A C   1 
ATOM   311  O O   . THR A 1 40  ? -1.106  12.611  -8.904  1.00 9.90  ? 41  THR A O   1 
ATOM   312  C CB  . THR A 1 40  ? -2.996  10.466  -10.022 1.00 8.68  ? 41  THR A CB  1 
ATOM   313  O OG1 . THR A 1 40  ? -4.200  10.802  -9.315  1.00 9.77  ? 41  THR A OG1 1 
ATOM   314  C CG2 . THR A 1 40  ? -3.195  9.176   -10.812 1.00 9.09  ? 41  THR A CG2 1 
ATOM   315  N N   . GLY A 1 41  ? -2.167  11.776  -7.103  1.00 7.76  ? 42  GLY A N   1 
ATOM   316  C CA  . GLY A 1 41  ? -2.134  13.028  -6.366  1.00 9.25  ? 42  GLY A CA  1 
ATOM   317  C C   . GLY A 1 41  ? -3.151  14.043  -6.856  1.00 9.04  ? 42  GLY A C   1 
ATOM   318  O O   . GLY A 1 41  ? -3.060  15.220  -6.512  1.00 9.71  ? 42  GLY A O   1 
ATOM   319  N N   . GLU A 1 42  ? -4.127  13.596  -7.641  1.00 9.06  ? 43  GLU A N   1 
ATOM   320  C CA  . GLU A 1 42  ? -5.051  14.533  -8.286  1.00 9.51  ? 43  GLU A CA  1 
ATOM   321  C C   . GLU A 1 42  ? -5.982  15.276  -7.323  1.00 10.52 ? 43  GLU A C   1 
ATOM   322  O O   . GLU A 1 42  ? -6.563  16.290  -7.708  1.00 10.54 ? 43  GLU A O   1 
ATOM   323  C CB  . GLU A 1 42  ? -5.881  13.814  -9.354  1.00 11.95 ? 43  GLU A CB  1 
ATOM   324  C CG  . GLU A 1 42  ? -6.770  12.694  -8.851  1.00 12.21 ? 43  GLU A CG  1 
ATOM   325  C CD  . GLU A 1 42  ? -7.252  11.806  -9.990  1.00 14.23 ? 43  GLU A CD  1 
ATOM   326  O OE1 . GLU A 1 42  ? -6.399  11.183  -10.673 1.00 14.69 ? 43  GLU A OE1 1 
ATOM   327  O OE2 . GLU A 1 42  ? -8.478  11.745  -10.222 1.00 14.03 ? 43  GLU A OE2 1 
ATOM   328  N N   . LYS A 1 43  ? -6.121  14.803  -6.084  1.00 8.55  ? 44  LYS A N   1 
ATOM   329  C CA  . LYS A 1 43  ? -6.925  15.534  -5.093  1.00 8.86  ? 44  LYS A CA  1 
ATOM   330  C C   . LYS A 1 43  ? -6.104  16.587  -4.344  1.00 9.68  ? 44  LYS A C   1 
ATOM   331  O O   . LYS A 1 43  ? -6.637  17.300  -3.498  1.00 9.12  ? 44  LYS A O   1 
ATOM   332  C CB  . LYS A 1 43  ? -7.559  14.577  -4.073  1.00 8.22  ? 44  LYS A CB  1 
ATOM   333  C CG  . LYS A 1 43  ? -8.382  13.458  -4.674  1.00 10.25 ? 44  LYS A CG  1 
ATOM   334  C CD  . LYS A 1 43  ? -9.543  13.955  -5.520  1.00 12.16 ? 44  LYS A CD  1 
ATOM   335  C CE  . LYS A 1 43  ? -10.311 12.754  -6.083  1.00 20.64 ? 44  LYS A CE  1 
ATOM   336  N NZ  . LYS A 1 43  ? -11.552 13.128  -6.811  1.00 19.68 ? 44  LYS A NZ  1 
ATOM   337  N N   . GLY A 1 44  ? -4.813  16.685  -4.649  1.00 7.63  ? 45  GLY A N   1 
ATOM   338  C CA  . GLY A 1 44  ? -3.946  17.634  -3.967  1.00 9.30  ? 45  GLY A CA  1 
ATOM   339  C C   . GLY A 1 44  ? -3.217  17.083  -2.755  1.00 10.11 ? 45  GLY A C   1 
ATOM   340  O O   . GLY A 1 44  ? -2.565  17.826  -2.020  1.00 11.68 ? 45  GLY A O   1 
ATOM   341  N N   . PHE A 1 45  ? -3.338  15.776  -2.543  1.00 8.09  ? 46  PHE A N   1 
ATOM   342  C CA  . PHE A 1 45  ? -2.618  15.067  -1.494  1.00 8.30  ? 46  PHE A CA  1 
ATOM   343  C C   . PHE A 1 45  ? -2.509  13.618  -1.937  1.00 9.06  ? 46  PHE A C   1 
ATOM   344  O O   . PHE A 1 45  ? -3.188  13.200  -2.873  1.00 7.86  ? 46  PHE A O   1 
ATOM   345  C CB  . PHE A 1 45  ? -3.330  15.166  -0.137  1.00 9.00  ? 46  PHE A CB  1 
ATOM   346  C CG  . PHE A 1 45  ? -4.806  14.857  -0.196  1.00 7.68  ? 46  PHE A CG  1 
ATOM   347  C CD1 . PHE A 1 45  ? -5.739  15.884  -0.197  1.00 7.66  ? 46  PHE A CD1 1 
ATOM   348  C CD2 . PHE A 1 45  ? -5.266  13.547  -0.251  1.00 7.68  ? 46  PHE A CD2 1 
ATOM   349  C CE1 . PHE A 1 45  ? -7.096  15.615  -0.252  1.00 7.25  ? 46  PHE A CE1 1 
ATOM   350  C CE2 . PHE A 1 45  ? -6.624  13.276  -0.314  1.00 7.67  ? 46  PHE A CE2 1 
ATOM   351  C CZ  . PHE A 1 45  ? -7.546  14.316  -0.306  1.00 7.25  ? 46  PHE A CZ  1 
ATOM   352  N N   . GLY A 1 46  ? -1.669  12.848  -1.267  1.00 7.85  ? 47  GLY A N   1 
ATOM   353  C CA  . GLY A 1 46  ? -1.518  11.461  -1.648  1.00 9.23  ? 47  GLY A CA  1 
ATOM   354  C C   . GLY A 1 46  ? -0.176  10.883  -1.281  1.00 7.41  ? 47  GLY A C   1 
ATOM   355  O O   . GLY A 1 46  ? 0.533   11.414  -0.417  1.00 7.69  ? 47  GLY A O   1 
ATOM   356  N N   . TYR A 1 47  ? 0.175   9.797   -1.964  1.00 6.37  ? 48  TYR A N   1 
ATOM   357  C CA  . TYR A 1 47  ? 1.294   8.955   -1.538  1.00 6.64  ? 48  TYR A CA  1 
ATOM   358  C C   . TYR A 1 47  ? 2.681   9.517   -1.826  1.00 6.34  ? 48  TYR A C   1 
ATOM   359  O O   . TYR A 1 47  ? 3.638   9.121   -1.174  1.00 7.24  ? 48  TYR A O   1 
ATOM   360  C CB  . TYR A 1 47  ? 1.179   7.570   -2.181  1.00 6.28  ? 48  TYR A CB  1 
ATOM   361  C CG  . TYR A 1 47  ? -0.013  6.765   -1.715  1.00 5.45  ? 48  TYR A CG  1 
ATOM   362  C CD1 . TYR A 1 47  ? -0.359  6.702   -0.365  1.00 6.76  ? 48  TYR A CD1 1 
ATOM   363  C CD2 . TYR A 1 47  ? -0.809  6.089   -2.627  1.00 5.78  ? 48  TYR A CD2 1 
ATOM   364  C CE1 . TYR A 1 47  ? -1.463  5.964   0.059   1.00 6.27  ? 48  TYR A CE1 1 
ATOM   365  C CE2 . TYR A 1 47  ? -1.903  5.349   -2.219  1.00 5.94  ? 48  TYR A CE2 1 
ATOM   366  C CZ  . TYR A 1 47  ? -2.232  5.292   -0.878  1.00 5.84  ? 48  TYR A CZ  1 
ATOM   367  O OH  . TYR A 1 47  ? -3.326  4.560   -0.490  1.00 5.52  ? 48  TYR A OH  1 
ATOM   368  N N   . LYS A 1 48  ? 2.802   10.430  -2.790  1.00 7.26  ? 49  LYS A N   1 
ATOM   369  C CA  . LYS A 1 48  ? 4.126   10.929  -3.158  1.00 8.15  ? 49  LYS A CA  1 
ATOM   370  C C   . LYS A 1 48  ? 4.847   11.530  -1.958  1.00 9.60  ? 49  LYS A C   1 
ATOM   371  O O   . LYS A 1 48  ? 4.299   12.383  -1.259  1.00 10.01 ? 49  LYS A O   1 
ATOM   372  C CB  . LYS A 1 48  ? 4.038   11.969  -4.280  1.00 9.43  ? 49  LYS A CB  1 
ATOM   373  C CG  . LYS A 1 48  ? 5.413   12.426  -4.755  1.00 14.04 ? 49  LYS A CG  1 
ATOM   374  C CD  . LYS A 1 48  ? 5.334   13.612  -5.700  1.00 23.34 ? 49  LYS A CD  1 
ATOM   375  C CE  . LYS A 1 48  ? 6.660   13.813  -6.418  1.00 22.89 ? 49  LYS A CE  1 
ATOM   376  N NZ  . LYS A 1 48  ? 6.555   14.782  -7.546  1.00 36.40 ? 49  LYS A NZ  1 
ATOM   377  N N   . GLY A 1 49  ? 6.065   11.060  -1.709  1.00 9.29  ? 50  GLY A N   1 
ATOM   378  C CA  . GLY A 1 49  ? 6.876   11.583  -0.624  1.00 9.16  ? 50  GLY A CA  1 
ATOM   379  C C   . GLY A 1 49  ? 6.691   10.870  0.706   1.00 9.80  ? 50  GLY A C   1 
ATOM   380  O O   . GLY A 1 49  ? 7.476   11.085  1.632   1.00 12.79 ? 50  GLY A O   1 
ATOM   381  N N   . SER A 1 50  ? 5.672   10.016  0.809   1.00 8.91  ? 51  SER A N   1 
ATOM   382  C CA  . SER A 1 50  ? 5.408   9.287   2.057   1.00 9.14  ? 51  SER A CA  1 
ATOM   383  C C   . SER A 1 50  ? 6.321   8.068   2.193   1.00 8.55  ? 51  SER A C   1 
ATOM   384  O O   . SER A 1 50  ? 6.995   7.678   1.238   1.00 8.58  ? 51  SER A O   1 
ATOM   385  C CB  . SER A 1 50  ? 3.930   8.870   2.147   1.00 9.51  ? 51  SER A CB  1 
ATOM   386  O OG  . SER A 1 50  ? 3.579   7.879   1.196   1.00 8.25  ? 51  SER A OG  1 
ATOM   387  N N   . CYS A 1 51  ? 6.362   7.478   3.382   1.00 8.05  ? 52  CYS A N   1 
ATOM   388  C CA  A CYS A 1 51  ? 7.278   6.366   3.580   0.65 9.75  ? 52  CYS A CA  1 
ATOM   389  C CA  B CYS A 1 51  ? 7.285   6.389   3.681   0.35 10.19 ? 52  CYS A CA  1 
ATOM   390  C C   . CYS A 1 51  ? 6.568   5.068   3.923   1.00 8.69  ? 52  CYS A C   1 
ATOM   391  O O   . CYS A 1 51  ? 5.368   5.046   4.211   1.00 9.90  ? 52  CYS A O   1 
ATOM   392  C CB  A CYS A 1 51  ? 8.300   6.695   4.672   0.65 12.84 ? 52  CYS A CB  1 
ATOM   393  C CB  B CYS A 1 51  ? 8.122   6.717   4.920   0.35 12.95 ? 52  CYS A CB  1 
ATOM   394  S SG  A CYS A 1 51  ? 7.676   6.593   6.360   0.65 13.96 ? 52  CYS A SG  1 
ATOM   395  S SG  B CYS A 1 51  ? 9.068   8.249   4.864   0.35 16.37 ? 52  CYS A SG  1 
ATOM   396  N N   . PHE A 1 52  ? 7.324   3.979   3.834   1.00 7.14  ? 53  PHE A N   1 
ATOM   397  C CA  . PHE A 1 52  ? 6.887   2.692   4.341   1.00 7.45  ? 53  PHE A CA  1 
ATOM   398  C C   . PHE A 1 52  ? 7.384   2.650   5.775   1.00 8.99  ? 53  PHE A C   1 
ATOM   399  O O   . PHE A 1 52  ? 8.589   2.528   6.013   1.00 10.75 ? 53  PHE A O   1 
ATOM   400  C CB  . PHE A 1 52  ? 7.451   1.534   3.511   1.00 7.57  ? 53  PHE A CB  1 
ATOM   401  C CG  . PHE A 1 52  ? 6.686   1.281   2.246   1.00 6.90  ? 53  PHE A CG  1 
ATOM   402  C CD1 . PHE A 1 52  ? 6.894   2.065   1.119   1.00 7.70  ? 53  PHE A CD1 1 
ATOM   403  C CD2 . PHE A 1 52  ? 5.732   0.279   2.188   1.00 7.38  ? 53  PHE A CD2 1 
ATOM   404  C CE1 . PHE A 1 52  ? 6.170   1.838   -0.040  1.00 7.65  ? 53  PHE A CE1 1 
ATOM   405  C CE2 . PHE A 1 52  ? 5.012   0.051   1.035   1.00 7.28  ? 53  PHE A CE2 1 
ATOM   406  C CZ  . PHE A 1 52  ? 5.227   0.837   -0.079  1.00 7.77  ? 53  PHE A CZ  1 
ATOM   407  N N   . HIS A 1 53  ? 6.467   2.782   6.726   1.00 6.89  ? 54  HIS A N   1 
ATOM   408  C CA  . HIS A 1 53  ? 6.863   2.932   8.123   1.00 8.81  ? 54  HIS A CA  1 
ATOM   409  C C   . HIS A 1 53  ? 6.979   1.613   8.871   1.00 8.69  ? 54  HIS A C   1 
ATOM   410  O O   . HIS A 1 53  ? 7.541   1.570   9.967   1.00 10.01 ? 54  HIS A O   1 
ATOM   411  C CB  . HIS A 1 53  ? 5.886   3.855   8.861   1.00 9.59  ? 54  HIS A CB  1 
ATOM   412  C CG  . HIS A 1 53  ? 4.494   3.318   8.971   1.00 9.04  ? 54  HIS A CG  1 
ATOM   413  N ND1 . HIS A 1 53  ? 3.553   3.467   7.975   1.00 9.14  ? 54  HIS A ND1 1 
ATOM   414  C CD2 . HIS A 1 53  ? 3.871   2.664   9.981   1.00 9.08  ? 54  HIS A CD2 1 
ATOM   415  C CE1 . HIS A 1 53  ? 2.414   2.920   8.364   1.00 9.88  ? 54  HIS A CE1 1 
ATOM   416  N NE2 . HIS A 1 53  ? 2.580   2.428   9.576   1.00 11.28 ? 54  HIS A NE2 1 
ATOM   417  N N   . ARG A 1 54  ? 6.451   0.539   8.296   1.00 6.42  ? 55  ARG A N   1 
ATOM   418  C CA  . ARG A 1 54  ? 6.539   -0.761  8.944   1.00 6.39  ? 55  ARG A CA  1 
ATOM   419  C C   . ARG A 1 54  ? 6.842   -1.823  7.898   1.00 6.68  ? 55  ARG A C   1 
ATOM   420  O O   . ARG A 1 54  ? 6.032   -2.079  7.014   1.00 7.53  ? 55  ARG A O   1 
ATOM   421  C CB  . ARG A 1 54  ? 5.239   -1.090  9.694   1.00 8.04  ? 55  ARG A CB  1 
ATOM   422  C CG  . ARG A 1 54  ? 5.336   -2.306  10.617  1.00 7.68  ? 55  ARG A CG  1 
ATOM   423  C CD  . ARG A 1 54  ? 4.063   -2.516  11.437  1.00 9.15  ? 55  ARG A CD  1 
ATOM   424  N NE  . ARG A 1 54  ? 3.839   -1.435  12.399  1.00 8.66  ? 55  ARG A NE  1 
ATOM   425  C CZ  . ARG A 1 54  ? 2.735   -0.701  12.466  1.00 10.82 ? 55  ARG A CZ  1 
ATOM   426  N NH1 . ARG A 1 54  ? 1.719   -0.932  11.645  1.00 11.38 ? 55  ARG A NH1 1 
ATOM   427  N NH2 . ARG A 1 54  ? 2.640   0.257   13.374  1.00 13.93 ? 55  ARG A NH2 1 
ATOM   428  N N   . ILE A 1 55  ? 8.023   -2.419  7.990   1.00 6.30  ? 56  ILE A N   1 
ATOM   429  C CA  . ILE A 1 55  ? 8.417   -3.490  7.078   1.00 7.22  ? 56  ILE A CA  1 
ATOM   430  C C   . ILE A 1 55  ? 8.848   -4.700  7.891   1.00 6.27  ? 56  ILE A C   1 
ATOM   431  O O   . ILE A 1 55  ? 9.830   -4.640  8.628   1.00 6.98  ? 56  ILE A O   1 
ATOM   432  C CB  . ILE A 1 55  ? 9.557   -3.053  6.134   1.00 7.14  ? 56  ILE A CB  1 
ATOM   433  C CG1 . ILE A 1 55  ? 9.106   -1.877  5.251   1.00 6.71  ? 56  ILE A CG1 1 
ATOM   434  C CG2 . ILE A 1 55  ? 10.035  -4.228  5.281   1.00 7.45  ? 56  ILE A CG2 1 
ATOM   435  C CD1 . ILE A 1 55  ? 10.197  -1.373  4.311   1.00 7.17  ? 56  ILE A CD1 1 
ATOM   436  N N   . ILE A 1 56  ? 8.082   -5.777  7.783   1.00 6.11  ? 57  ILE A N   1 
ATOM   437  C CA  . ILE A 1 56  ? 8.357   -6.999  8.529   1.00 7.11  ? 57  ILE A CA  1 
ATOM   438  C C   . ILE A 1 56  ? 8.680   -8.110  7.538   1.00 7.75  ? 57  ILE A C   1 
ATOM   439  O O   . ILE A 1 56  ? 7.794   -8.602  6.839   1.00 6.80  ? 57  ILE A O   1 
ATOM   440  C CB  . ILE A 1 56  ? 7.161   -7.389  9.426   1.00 6.73  ? 57  ILE A CB  1 
ATOM   441  C CG1 . ILE A 1 56  ? 6.871   -6.259  10.422  1.00 8.00  ? 57  ILE A CG1 1 
ATOM   442  C CG2 . ILE A 1 56  ? 7.447   -8.694  10.148  1.00 7.08  ? 57  ILE A CG2 1 
ATOM   443  C CD1 . ILE A 1 56  ? 5.565   -6.422  11.199  1.00 8.05  ? 57  ILE A CD1 1 
ATOM   444  N N   . PRO A 1 57  ? 9.967   -8.484  7.448   1.00 7.80  ? 58  PRO A N   1 
ATOM   445  C CA  . PRO A 1 57  ? 10.398  -9.504  6.485   1.00 9.82  ? 58  PRO A CA  1 
ATOM   446  C C   . PRO A 1 57  ? 9.602   -10.790 6.648   1.00 8.60  ? 58  PRO A C   1 
ATOM   447  O O   . PRO A 1 57  ? 9.374   -11.239 7.780   1.00 9.00  ? 58  PRO A O   1 
ATOM   448  C CB  . PRO A 1 57  ? 11.880  -9.712  6.828   1.00 10.07 ? 58  PRO A CB  1 
ATOM   449  C CG  . PRO A 1 57  ? 12.295  -8.399  7.440   1.00 9.41  ? 58  PRO A CG  1 
ATOM   450  C CD  . PRO A 1 57  ? 11.096  -7.941  8.226   1.00 9.30  ? 58  PRO A CD  1 
ATOM   451  N N   . GLY A 1 58  ? 9.158   -11.357 5.532   1.00 8.72  ? 59  GLY A N   1 
ATOM   452  C CA  . GLY A 1 58  ? 8.370   -12.575 5.558   1.00 9.40  ? 59  GLY A CA  1 
ATOM   453  C C   . GLY A 1 58  ? 6.890   -12.356 5.807   1.00 8.57  ? 59  GLY A C   1 
ATOM   454  O O   . GLY A 1 58  ? 6.110   -13.306 5.814   1.00 8.82  ? 59  GLY A O   1 
ATOM   455  N N   . PHE A 1 59  ? 6.494   -11.101 5.996   1.00 7.29  ? 60  PHE A N   1 
ATOM   456  C CA  . PHE A 1 59  ? 5.101   -10.775 6.294   1.00 7.78  ? 60  PHE A CA  1 
ATOM   457  C C   . PHE A 1 59  ? 4.557   -9.741  5.299   1.00 7.74  ? 60  PHE A C   1 
ATOM   458  O O   . PHE A 1 59  ? 3.822   -10.086 4.367   1.00 7.09  ? 60  PHE A O   1 
ATOM   459  C CB  . PHE A 1 59  ? 4.997   -10.267 7.742   1.00 8.04  ? 60  PHE A CB  1 
ATOM   460  C CG  . PHE A 1 59  ? 3.580   -10.000 8.235   1.00 6.58  ? 60  PHE A CG  1 
ATOM   461  C CD1 . PHE A 1 59  ? 2.478   -10.580 7.638   1.00 8.71  ? 60  PHE A CD1 1 
ATOM   462  C CD2 . PHE A 1 59  ? 3.376   -9.149  9.307   1.00 7.45  ? 60  PHE A CD2 1 
ATOM   463  C CE1 . PHE A 1 59  ? 1.184   -10.338 8.125   1.00 9.40  ? 60  PHE A CE1 1 
ATOM   464  C CE2 . PHE A 1 59  ? 2.089   -8.870  9.784   1.00 7.29  ? 60  PHE A CE2 1 
ATOM   465  C CZ  . PHE A 1 59  ? 0.999   -9.470  9.184   1.00 8.34  ? 60  PHE A CZ  1 
ATOM   466  N N   . MET A 1 60  ? 4.906   -8.482  5.522   1.00 7.16  ? 61  MET A N   1 
ATOM   467  C CA  . MET A 1 60  ? 4.358   -7.413  4.699   1.00 7.28  ? 61  MET A CA  1 
ATOM   468  C C   . MET A 1 60  ? 5.141   -6.101  4.801   1.00 6.45  ? 61  MET A C   1 
ATOM   469  O O   . MET A 1 60  ? 5.893   -5.945  5.709   1.00 6.50  ? 61  MET A O   1 
ATOM   470  C CB  . MET A 1 60  ? 2.844   -7.211  5.033   1.00 8.17  ? 61  MET A CB  1 
ATOM   471  C CG  . MET A 1 60  ? 2.564   -6.841  6.486   1.00 13.37 ? 61  MET A CG  1 
ATOM   472  S SD  . MET A 1 60  ? 2.689   -4.941  6.669   1.00 94.27 ? 61  MET A SD  1 
ATOM   473  C CE  . MET A 1 60  ? 3.911   -4.812  8.098   1.00 43.65 ? 61  MET A CE  1 
ATOM   474  N N   . CYS A 1 61  ? 4.914   -5.185  3.838   1.00 5.97  ? 62  CYS A N   1 
ATOM   475  C CA  . CYS A 1 61  ? 5.403   -3.813  3.881   1.00 6.13  ? 62  CYS A CA  1 
ATOM   476  C C   . CYS A 1 61  ? 4.209   -2.879  3.965   1.00 6.22  ? 62  CYS A C   1 
ATOM   477  O O   . CYS A 1 61  ? 3.310   -2.973  3.136   1.00 6.31  ? 62  CYS A O   1 
ATOM   478  C CB  . CYS A 1 61  ? 6.233   -3.477  2.635   1.00 7.70  ? 62  CYS A CB  1 
ATOM   479  S SG  . CYS A 1 61  ? 7.623   -4.572  2.297   1.00 11.10 ? 62  CYS A SG  1 
ATOM   480  N N   . GLN A 1 62  ? 4.205   -1.980  4.948   1.00 5.40  ? 63  GLN A N   1 
ATOM   481  C CA  . GLN A 1 62  ? 3.073   -1.083  5.169   1.00 5.98  ? 63  GLN A CA  1 
ATOM   482  C C   . GLN A 1 62  ? 3.460   0.388   4.982   1.00 5.80  ? 63  GLN A C   1 
ATOM   483  O O   . GLN A 1 62  ? 4.503   0.828   5.460   1.00 5.82  ? 63  GLN A O   1 
ATOM   484  C CB  . GLN A 1 62  ? 2.502   -1.305  6.572   1.00 5.73  ? 63  GLN A CB  1 
ATOM   485  C CG  . GLN A 1 62  ? 1.345   -0.378  6.941   1.00 5.61  ? 63  GLN A CG  1 
ATOM   486  C CD  . GLN A 1 62  ? 0.782   -0.713  8.303   1.00 6.61  ? 63  GLN A CD  1 
ATOM   487  O OE1 . GLN A 1 62  ? 1.138   -1.741  8.892   1.00 8.05  ? 63  GLN A OE1 1 
ATOM   488  N NE2 . GLN A 1 62  ? -0.107  0.133   8.809   1.00 7.47  ? 63  GLN A NE2 1 
ATOM   489  N N   . GLY A 1 63  ? 2.609   1.151   4.302   1.00 5.11  ? 64  GLY A N   1 
ATOM   490  C CA  . GLY A 1 63  ? 2.842   2.575   4.148   1.00 5.78  ? 64  GLY A CA  1 
ATOM   491  C C   . GLY A 1 63  ? 1.557   3.366   4.010   1.00 6.46  ? 64  GLY A C   1 
ATOM   492  O O   . GLY A 1 63  ? 0.479   2.885   4.351   1.00 6.62  ? 64  GLY A O   1 
ATOM   493  N N   . GLY A 1 64  ? 1.672   4.600   3.533   1.00 8.18  ? 65  GLY A N   1 
ATOM   494  C CA  . GLY A 1 64  ? 0.488   5.381   3.215   1.00 8.23  ? 65  GLY A CA  1 
ATOM   495  C C   . GLY A 1 64  ? 0.125   6.533   4.142   1.00 9.26  ? 65  GLY A C   1 
ATOM   496  O O   . GLY A 1 64  ? -0.833  7.252   3.863   1.00 9.43  ? 65  GLY A O   1 
ATOM   497  N N   . ASP A 1 65  ? 0.872   6.730   5.226   1.00 8.33  ? 66  ASP A N   1 
ATOM   498  C CA  . ASP A 1 65  ? 0.595   7.855   6.131   1.00 9.00  ? 66  ASP A CA  1 
ATOM   499  C C   . ASP A 1 65  ? 1.225   9.150   5.619   1.00 11.22 ? 66  ASP A C   1 
ATOM   500  O O   . ASP A 1 65  ? 2.390   9.442   5.898   1.00 13.22 ? 66  ASP A O   1 
ATOM   501  C CB  . ASP A 1 65  ? 1.099   7.551   7.550   1.00 9.72  ? 66  ASP A CB  1 
ATOM   502  C CG  . ASP A 1 65  ? 0.753   8.652   8.550   1.00 13.08 ? 66  ASP A CG  1 
ATOM   503  O OD1 . ASP A 1 65  ? 0.242   9.715   8.135   1.00 13.18 ? 66  ASP A OD1 1 
ATOM   504  O OD2 . ASP A 1 65  ? 0.991   8.450   9.759   1.00 15.02 ? 66  ASP A OD2 1 
ATOM   505  N N   . PHE A 1 66  ? 0.442   9.941   4.892   1.00 10.15 ? 67  PHE A N   1 
ATOM   506  C CA  . PHE A 1 66  ? 0.940   11.202  4.352   1.00 12.59 ? 67  PHE A CA  1 
ATOM   507  C C   . PHE A 1 66  ? 0.469   12.431  5.138   1.00 13.41 ? 67  PHE A C   1 
ATOM   508  O O   . PHE A 1 66  ? 0.756   13.557  4.737   1.00 15.63 ? 67  PHE A O   1 
ATOM   509  C CB  . PHE A 1 66  ? 0.539   11.347  2.878   1.00 11.17 ? 67  PHE A CB  1 
ATOM   510  C CG  . PHE A 1 66  ? -0.947  11.321  2.633   1.00 10.31 ? 67  PHE A CG  1 
ATOM   511  C CD1 . PHE A 1 66  ? -1.715  12.457  2.815   1.00 10.81 ? 67  PHE A CD1 1 
ATOM   512  C CD2 . PHE A 1 66  ? -1.569  10.169  2.176   1.00 8.97  ? 67  PHE A CD2 1 
ATOM   513  C CE1 . PHE A 1 66  ? -3.074  12.439  2.581   1.00 9.71  ? 67  PHE A CE1 1 
ATOM   514  C CE2 . PHE A 1 66  ? -2.923  10.148  1.934   1.00 9.26  ? 67  PHE A CE2 1 
ATOM   515  C CZ  . PHE A 1 66  ? -3.679  11.286  2.140   1.00 8.70  ? 67  PHE A CZ  1 
ATOM   516  N N   . THR A 1 67  ? -0.244  12.231  6.243   1.00 13.99 ? 68  THR A N   1 
ATOM   517  C CA  . THR A 1 67  ? -0.739  13.379  7.008   1.00 14.96 ? 68  THR A CA  1 
ATOM   518  C C   . THR A 1 67  ? 0.027   13.606  8.311   1.00 20.07 ? 68  THR A C   1 
ATOM   519  O O   . THR A 1 67  ? 0.326   14.746  8.665   1.00 25.59 ? 68  THR A O   1 
ATOM   520  C CB  . THR A 1 67  ? -2.249  13.250  7.333   1.00 13.57 ? 68  THR A CB  1 
ATOM   521  O OG1 . THR A 1 67  ? -2.479  12.124  8.190   1.00 14.28 ? 68  THR A OG1 1 
ATOM   522  C CG2 . THR A 1 67  ? -3.078  13.113  6.065   1.00 13.23 ? 68  THR A CG2 1 
ATOM   523  N N   . ARG A 1 68  ? 0.348   12.528  9.021   1.00 16.19 ? 69  ARG A N   1 
ATOM   524  C CA  . ARG A 1 68  ? 1.038   12.635  10.307  1.00 21.65 ? 69  ARG A CA  1 
ATOM   525  C C   . ARG A 1 68  ? 2.468   12.102  10.246  1.00 32.35 ? 69  ARG A C   1 
ATOM   526  O O   . ARG A 1 68  ? 3.321   12.502  11.041  1.00 32.28 ? 69  ARG A O   1 
ATOM   527  C CB  . ARG A 1 68  ? 0.257   11.891  11.392  1.00 18.29 ? 69  ARG A CB  1 
ATOM   528  C CG  . ARG A 1 68  ? -1.115  12.480  11.673  1.00 22.41 ? 69  ARG A CG  1 
ATOM   529  C CD  . ARG A 1 68  ? -1.932  11.568  12.570  1.00 32.64 ? 69  ARG A CD  1 
ATOM   530  N NE  . ARG A 1 68  ? -3.325  11.993  12.686  1.00 35.93 ? 69  ARG A NE  1 
ATOM   531  C CZ  . ARG A 1 68  ? -4.279  11.271  13.268  1.00 40.56 ? 69  ARG A CZ  1 
ATOM   532  N NH1 . ARG A 1 68  ? -3.991  10.086  13.791  1.00 29.98 ? 69  ARG A NH1 1 
ATOM   533  N NH2 . ARG A 1 68  ? -5.521  11.734  13.329  1.00 53.98 ? 69  ARG A NH2 1 
ATOM   534  N N   . HIS A 1 69  ? 2.714   11.199  9.303   1.00 20.17 ? 70  HIS A N   1 
ATOM   535  C CA  . HIS A 1 69  ? 4.029   10.589  9.110   1.00 20.90 ? 70  HIS A CA  1 
ATOM   536  C C   . HIS A 1 69  ? 4.529   9.907   10.384  1.00 25.61 ? 70  HIS A C   1 
ATOM   537  O O   . HIS A 1 69  ? 5.724   9.937   10.683  1.00 29.87 ? 70  HIS A O   1 
ATOM   538  C CB  . HIS A 1 69  ? 5.052   11.631  8.653   1.00 27.80 ? 70  HIS A CB  1 
ATOM   539  C CG  . HIS A 1 69  ? 4.519   12.612  7.656   1.00 32.04 ? 70  HIS A CG  1 
ATOM   540  N ND1 . HIS A 1 69  ? 4.475   12.356  6.300   1.00 29.86 ? 70  HIS A ND1 1 
ATOM   541  C CD2 . HIS A 1 69  ? 4.006   13.857  7.818   1.00 34.12 ? 70  HIS A CD2 1 
ATOM   542  C CE1 . HIS A 1 69  ? 3.958   13.399  5.676   1.00 25.70 ? 70  HIS A CE1 1 
ATOM   543  N NE2 . HIS A 1 69  ? 3.665   14.323  6.572   1.00 39.52 ? 70  HIS A NE2 1 
ATOM   544  N N   . ASN A 1 70  ? 3.618   9.299   11.140  1.00 21.17 ? 71  ASN A N   1 
ATOM   545  C CA  . ASN A 1 70  ? 4.005   8.553   12.336  1.00 23.51 ? 71  ASN A CA  1 
ATOM   546  C C   . ASN A 1 70  ? 3.260   7.228   12.462  1.00 28.35 ? 71  ASN A C   1 
ATOM   547  O O   . ASN A 1 70  ? 3.183   6.648   13.546  1.00 24.73 ? 71  ASN A O   1 
ATOM   548  C CB  . ASN A 1 70  ? 3.796   9.404   13.596  1.00 25.13 ? 71  ASN A CB  1 
ATOM   549  C CG  . ASN A 1 70  ? 2.327   9.671   13.905  1.00 28.54 ? 71  ASN A CG  1 
ATOM   550  O OD1 . ASN A 1 70  ? 1.427   9.205   13.206  1.00 19.33 ? 71  ASN A OD1 1 
ATOM   551  N ND2 . ASN A 1 70  ? 2.081   10.418  14.977  1.00 29.11 ? 71  ASN A ND2 1 
ATOM   552  N N   . GLY A 1 71  ? 2.701   6.763   11.348  1.00 20.16 ? 72  GLY A N   1 
ATOM   553  C CA  . GLY A 1 71  ? 2.015   5.483   11.320  1.00 17.58 ? 72  GLY A CA  1 
ATOM   554  C C   . GLY A 1 71  ? 0.574   5.515   11.787  1.00 17.95 ? 72  GLY A C   1 
ATOM   555  O O   . GLY A 1 71  ? -0.103  4.488   11.796  1.00 16.27 ? 72  GLY A O   1 
ATOM   556  N N   . THR A 1 72  ? 0.084   6.689   12.173  1.00 16.53 ? 73  THR A N   1 
ATOM   557  C CA  . THR A 1 72  ? -1.286  6.769   12.663  1.00 16.60 ? 73  THR A CA  1 
ATOM   558  C C   . THR A 1 72  ? -2.196  7.509   11.689  1.00 13.62 ? 73  THR A C   1 
ATOM   559  O O   . THR A 1 72  ? -3.418  7.482   11.831  1.00 16.24 ? 73  THR A O   1 
ATOM   560  C CB  . THR A 1 72  ? -1.363  7.470   14.041  1.00 21.24 ? 73  THR A CB  1 
ATOM   561  O OG1 . THR A 1 72  ? -1.061  8.863   13.894  1.00 20.62 ? 73  THR A OG1 1 
ATOM   562  C CG2 . THR A 1 72  ? -0.378  6.842   15.016  1.00 26.43 ? 73  THR A CG2 1 
ATOM   563  N N   . GLY A 1 73  ? -1.600  8.157   10.693  1.00 12.33 ? 74  GLY A N   1 
ATOM   564  C CA  . GLY A 1 73  ? -2.348  9.080   9.859   1.00 11.93 ? 74  GLY A CA  1 
ATOM   565  C C   . GLY A 1 73  ? -2.727  8.606   8.470   1.00 11.79 ? 74  GLY A C   1 
ATOM   566  O O   . GLY A 1 73  ? -2.788  7.399   8.184   1.00 10.57 ? 74  GLY A O   1 
ATOM   567  N N   . GLY A 1 74  ? -2.979  9.581   7.602   1.00 13.31 ? 75  GLY A N   1 
ATOM   568  C CA  . GLY A 1 74  ? -3.472  9.332   6.262   1.00 10.50 ? 75  GLY A CA  1 
ATOM   569  C C   . GLY A 1 74  ? -4.974  9.556   6.210   1.00 9.32  ? 75  GLY A C   1 
ATOM   570  O O   . GLY A 1 74  ? -5.655  9.532   7.235   1.00 10.97 ? 75  GLY A O   1 
ATOM   571  N N   . LYS A 1 75  ? -5.491  9.785   5.010   1.00 8.46  ? 76  LYS A N   1 
ATOM   572  C CA  . LYS A 1 75  ? -6.929  9.918   4.808   1.00 8.31  ? 76  LYS A CA  1 
ATOM   573  C C   . LYS A 1 75  ? -7.312  9.478   3.403   1.00 7.24  ? 76  LYS A C   1 
ATOM   574  O O   . LYS A 1 75  ? -6.481  9.473   2.495   1.00 7.74  ? 76  LYS A O   1 
ATOM   575  C CB  . LYS A 1 75  ? -7.396  11.365  5.060   1.00 8.18  ? 76  LYS A CB  1 
ATOM   576  C CG  . LYS A 1 75  ? -6.895  12.398  4.052   1.00 7.95  ? 76  LYS A CG  1 
ATOM   577  C CD  . LYS A 1 75  ? -7.587  13.745  4.279   1.00 10.04 ? 76  LYS A CD  1 
ATOM   578  C CE  . LYS A 1 75  ? -7.059  14.826  3.339   1.00 7.91  ? 76  LYS A CE  1 
ATOM   579  N NZ  . LYS A 1 75  ? -7.782  16.128  3.551   1.00 10.98 ? 76  LYS A NZ  1 
ATOM   580  N N   . SER A 1 76  ? -8.572  9.097   3.236   1.00 7.77  ? 77  SER A N   1 
ATOM   581  C CA  . SER A 1 76  ? -9.084  8.706   1.936   1.00 6.93  ? 77  SER A CA  1 
ATOM   582  C C   . SER A 1 76  ? -9.475  9.920   1.104   1.00 7.43  ? 77  SER A C   1 
ATOM   583  O O   . SER A 1 76  ? -9.428  11.050  1.583   1.00 8.76  ? 77  SER A O   1 
ATOM   584  C CB  . SER A 1 76  ? -10.292 7.785   2.100   1.00 9.34  ? 77  SER A CB  1 
ATOM   585  O OG  . SER A 1 76  ? -11.455 8.532   2.433   1.00 9.18  ? 77  SER A OG  1 
ATOM   586  N N   . ILE A 1 77  ? -9.883  9.670   -0.136  1.00 7.55  ? 78  ILE A N   1 
ATOM   587  C CA  . ILE A 1 77  ? -10.401 10.724  -1.003  1.00 7.36  ? 78  ILE A CA  1 
ATOM   588  C C   . ILE A 1 77  ? -11.877 10.999  -0.720  1.00 9.52  ? 78  ILE A C   1 
ATOM   589  O O   . ILE A 1 77  ? -12.491 11.833  -1.382  1.00 9.67  ? 78  ILE A O   1 
ATOM   590  C CB  . ILE A 1 77  ? -10.238 10.361  -2.493  1.00 8.45  ? 78  ILE A CB  1 
ATOM   591  C CG1 . ILE A 1 77  ? -11.050 9.110   -2.842  1.00 8.16  ? 78  ILE A CG1 1 
ATOM   592  C CG2 . ILE A 1 77  ? -8.764  10.163  -2.833  1.00 9.21  ? 78  ILE A CG2 1 
ATOM   593  C CD1 . ILE A 1 77  ? -11.167 8.858   -4.338  1.00 9.62  ? 78  ILE A CD1 1 
ATOM   594  N N   . TYR A 1 78  ? -12.436 10.297  0.264   1.00 8.05  ? 79  TYR A N   1 
ATOM   595  C CA  . TYR A 1 78  ? -13.862 10.406  0.578   1.00 10.77 ? 79  TYR A CA  1 
ATOM   596  C C   . TYR A 1 78  ? -14.115 11.191  1.864   1.00 12.35 ? 79  TYR A C   1 
ATOM   597  O O   . TYR A 1 78  ? -15.195 11.107  2.448   1.00 17.26 ? 79  TYR A O   1 
ATOM   598  C CB  . TYR A 1 78  ? -14.491 9.012   0.684   1.00 10.50 ? 79  TYR A CB  1 
ATOM   599  C CG  . TYR A 1 78  ? -14.223 8.147   -0.530  1.00 9.22  ? 79  TYR A CG  1 
ATOM   600  C CD1 . TYR A 1 78  ? -14.705 8.511   -1.784  1.00 9.91  ? 79  TYR A CD1 1 
ATOM   601  C CD2 . TYR A 1 78  ? -13.490 6.969   -0.425  1.00 10.25 ? 79  TYR A CD2 1 
ATOM   602  C CE1 . TYR A 1 78  ? -14.461 7.733   -2.897  1.00 9.20  ? 79  TYR A CE1 1 
ATOM   603  C CE2 . TYR A 1 78  ? -13.247 6.175   -1.530  1.00 10.43 ? 79  TYR A CE2 1 
ATOM   604  C CZ  . TYR A 1 78  ? -13.729 6.561   -2.767  1.00 8.33  ? 79  TYR A CZ  1 
ATOM   605  O OH  . TYR A 1 78  ? -13.496 5.790   -3.884  1.00 10.49 ? 79  TYR A OH  1 
ATOM   606  N N   . GLY A 1 79  ? -13.123 11.960  2.291   1.00 11.97 ? 80  GLY A N   1 
ATOM   607  C CA  . GLY A 1 79  ? -13.228 12.736  3.514   1.00 17.20 ? 80  GLY A CA  1 
ATOM   608  C C   . GLY A 1 79  ? -12.154 12.333  4.510   1.00 30.26 ? 80  GLY A C   1 
ATOM   609  O O   . GLY A 1 79  ? -11.062 12.906  4.531   1.00 23.98 ? 80  GLY A O   1 
ATOM   610  N N   . GLU A 1 80  ? -12.468 11.342  5.336   1.00 23.59 ? 81  GLU A N   1 
ATOM   611  C CA  . GLU A 1 80  ? -11.515 10.812  6.305   1.00 22.09 ? 81  GLU A CA  1 
ATOM   612  C C   . GLU A 1 80  ? -11.393 9.298   6.152   1.00 24.69 ? 81  GLU A C   1 
ATOM   613  O O   . GLU A 1 80  ? -10.472 8.813   5.491   1.00 19.50 ? 81  GLU A O   1 
ATOM   614  C CB  . GLU A 1 80  ? -11.932 11.173  7.730   1.00 32.14 ? 81  GLU A CB  1 
ATOM   615  C CG  . GLU A 1 80  ? -11.604 12.607  8.117   1.00 39.56 ? 81  GLU A CG  1 
ATOM   616  C CD  . GLU A 1 80  ? -10.112 12.870  8.145   1.00 61.63 ? 81  GLU A CD  1 
ATOM   617  O OE1 . GLU A 1 80  ? -9.350  11.954  8.519   1.00 70.51 ? 81  GLU A OE1 1 
ATOM   618  O OE2 . GLU A 1 80  ? -9.700  13.994  7.789   1.00 60.83 ? 81  GLU A OE2 1 
ATOM   619  N N   . LYS A 1 81  ? -12.324 8.558   6.754   1.00 18.22 ? 82  LYS A N   1 
ATOM   620  C CA  . LYS A 1 81  ? -12.343 7.097   6.648   1.00 13.97 ? 82  LYS A CA  1 
ATOM   621  C C   . LYS A 1 81  ? -13.547 6.606   5.852   1.00 16.41 ? 82  LYS A C   1 
ATOM   622  O O   . LYS A 1 81  ? -14.556 7.310   5.756   1.00 23.02 ? 82  LYS A O   1 
ATOM   623  C CB  . LYS A 1 81  ? -12.346 6.450   8.036   1.00 15.05 ? 82  LYS A CB  1 
ATOM   624  C CG  . LYS A 1 81  ? -11.152 6.795   8.909   1.00 15.76 ? 82  LYS A CG  1 
ATOM   625  C CD  . LYS A 1 81  ? -9.827  6.513   8.214   1.00 17.46 ? 82  LYS A CD  1 
ATOM   626  C CE  . LYS A 1 81  ? -8.662  6.569   9.198   1.00 22.62 ? 82  LYS A CE  1 
ATOM   627  N NZ  . LYS A 1 81  ? -8.605  7.863   9.943   1.00 26.53 ? 82  LYS A NZ  1 
ATOM   628  N N   . PHE A 1 82  ? -13.446 5.403   5.281   1.00 10.27 ? 83  PHE A N   1 
ATOM   629  C CA  . PHE A 1 82  ? -14.602 4.795   4.626   1.00 11.61 ? 83  PHE A CA  1 
ATOM   630  C C   . PHE A 1 82  ? -14.774 3.304   4.949   1.00 12.10 ? 83  PHE A C   1 
ATOM   631  O O   . PHE A 1 82  ? -13.883 2.639   5.486   1.00 10.26 ? 83  PHE A O   1 
ATOM   632  C CB  . PHE A 1 82  ? -14.559 5.017   3.096   1.00 11.76 ? 83  PHE A CB  1 
ATOM   633  C CG  . PHE A 1 82  ? -13.397 4.361   2.378   1.00 9.86  ? 83  PHE A CG  1 
ATOM   634  C CD1 . PHE A 1 82  ? -12.120 4.903   2.436   1.00 9.87  ? 83  PHE A CD1 1 
ATOM   635  C CD2 . PHE A 1 82  ? -13.606 3.254   1.566   1.00 10.36 ? 83  PHE A CD2 1 
ATOM   636  C CE1 . PHE A 1 82  ? -11.062 4.315   1.746   1.00 8.00  ? 83  PHE A CE1 1 
ATOM   637  C CE2 . PHE A 1 82  ? -12.554 2.661   0.874   1.00 9.40  ? 83  PHE A CE2 1 
ATOM   638  C CZ  . PHE A 1 82  ? -11.283 3.195   0.964   1.00 9.60  ? 83  PHE A CZ  1 
ATOM   639  N N   . GLU A 1 83  ? -15.960 2.806   4.632   1.00 13.71 ? 84  GLU A N   1 
ATOM   640  C CA  . GLU A 1 83  ? -16.397 1.470   5.001   1.00 13.18 ? 84  GLU A CA  1 
ATOM   641  C C   . GLU A 1 83  ? -15.620 0.377   4.276   1.00 12.05 ? 84  GLU A C   1 
ATOM   642  O O   . GLU A 1 83  ? -15.089 0.597   3.177   1.00 12.07 ? 84  GLU A O   1 
ATOM   643  C CB  . GLU A 1 83  ? -17.894 1.307   4.711   1.00 15.93 ? 84  GLU A CB  1 
ATOM   644  C CG  . GLU A 1 83  ? -18.394 1.766   3.313   1.00 29.59 ? 84  GLU A CG  1 
ATOM   645  C CD  . GLU A 1 83  ? -18.172 3.250   2.987   1.00 44.24 ? 84  GLU A CD  1 
ATOM   646  O OE1 . GLU A 1 83  ? -18.107 4.090   3.915   1.00 32.21 ? 84  GLU A OE1 1 
ATOM   647  O OE2 . GLU A 1 83  ? -18.043 3.572   1.786   1.00 38.58 ? 84  GLU A OE2 1 
ATOM   648  N N   . ASP A 1 84  ? -15.540 -0.798  4.896   1.00 10.90 ? 85  ASP A N   1 
ATOM   649  C CA  . ASP A 1 84  ? -15.031 -1.989  4.218   1.00 10.13 ? 85  ASP A CA  1 
ATOM   650  C C   . ASP A 1 84  ? -15.969 -2.325  3.071   1.00 11.23 ? 85  ASP A C   1 
ATOM   651  O O   . ASP A 1 84  ? -17.138 -2.644  3.291   1.00 13.94 ? 85  ASP A O   1 
ATOM   652  C CB  . ASP A 1 84  ? -14.917 -3.170  5.187   1.00 9.84  ? 85  ASP A CB  1 
ATOM   653  C CG  . ASP A 1 84  ? -13.941 -2.908  6.307   1.00 11.02 ? 85  ASP A CG  1 
ATOM   654  O OD1 . ASP A 1 84  ? -12.809 -2.476  6.015   1.00 9.74  ? 85  ASP A OD1 1 
ATOM   655  O OD2 . ASP A 1 84  ? -14.294 -3.147  7.482   1.00 11.16 ? 85  ASP A OD2 1 
ATOM   656  N N   . GLU A 1 85  ? -15.458 -2.251  1.848   1.00 9.83  ? 86  GLU A N   1 
ATOM   657  C CA  . GLU A 1 85  ? -16.301 -2.384  0.666   1.00 10.97 ? 86  GLU A CA  1 
ATOM   658  C C   . GLU A 1 85  ? -16.860 -3.800  0.527   1.00 13.01 ? 86  GLU A C   1 
ATOM   659  O O   . GLU A 1 85  ? -18.066 -3.997  0.364   1.00 13.52 ? 86  GLU A O   1 
ATOM   660  C CB  . GLU A 1 85  ? -15.513 -1.986  -0.583  1.00 10.65 ? 86  GLU A CB  1 
ATOM   661  C CG  . GLU A 1 85  ? -16.356 -1.841  -1.830  1.00 12.52 ? 86  GLU A CG  1 
ATOM   662  C CD  . GLU A 1 85  ? -15.597 -1.181  -2.959  1.00 13.06 ? 86  GLU A CD  1 
ATOM   663  O OE1 . GLU A 1 85  ? -14.370 -0.980  -2.816  1.00 11.29 ? 86  GLU A OE1 1 
ATOM   664  O OE2 . GLU A 1 85  ? -16.228 -0.848  -3.983  1.00 11.75 ? 86  GLU A OE2 1 
ATOM   665  N N   . ASN A 1 86  ? -15.968 -4.778  0.587   1.00 10.65 ? 87  ASN A N   1 
ATOM   666  C CA  . ASN A 1 86  ? -16.342 -6.183  0.681   1.00 11.43 ? 87  ASN A CA  1 
ATOM   667  C C   . ASN A 1 86  ? -15.093 -6.966  1.028   1.00 12.44 ? 87  ASN A C   1 
ATOM   668  O O   . ASN A 1 86  ? -14.000 -6.405  1.057   1.00 10.97 ? 87  ASN A O   1 
ATOM   669  C CB  . ASN A 1 86  ? -16.962 -6.712  -0.618  1.00 11.64 ? 87  ASN A CB  1 
ATOM   670  C CG  . ASN A 1 86  ? -16.015 -6.627  -1.799  1.00 12.28 ? 87  ASN A CG  1 
ATOM   671  O OD1 . ASN A 1 86  ? -14.977 -7.288  -1.826  1.00 12.20 ? 87  ASN A OD1 1 
ATOM   672  N ND2 . ASN A 1 86  ? -16.387 -5.840  -2.799  1.00 14.16 ? 87  ASN A ND2 1 
ATOM   673  N N   . PHE A 1 87  ? -15.256 -8.258  1.277   1.00 11.24 ? 88  PHE A N   1 
ATOM   674  C CA  . PHE A 1 87  ? -14.123 -9.125  1.555   1.00 11.36 ? 88  PHE A CA  1 
ATOM   675  C C   . PHE A 1 87  ? -14.080 -10.286 0.575   1.00 11.86 ? 88  PHE A C   1 
ATOM   676  O O   . PHE A 1 87  ? -13.730 -11.405 0.936   1.00 15.16 ? 88  PHE A O   1 
ATOM   677  C CB  . PHE A 1 87  ? -14.183 -9.629  2.993   1.00 12.42 ? 88  PHE A CB  1 
ATOM   678  C CG  . PHE A 1 87  ? -14.055 -8.540  4.015   1.00 10.75 ? 88  PHE A CG  1 
ATOM   679  C CD1 . PHE A 1 87  ? -12.861 -7.857  4.163   1.00 10.30 ? 88  PHE A CD1 1 
ATOM   680  C CD2 . PHE A 1 87  ? -15.124 -8.197  4.828   1.00 11.98 ? 88  PHE A CD2 1 
ATOM   681  C CE1 . PHE A 1 87  ? -12.728 -6.857  5.104   1.00 9.90  ? 88  PHE A CE1 1 
ATOM   682  C CE2 . PHE A 1 87  ? -14.999 -7.199  5.775   1.00 11.26 ? 88  PHE A CE2 1 
ATOM   683  C CZ  . PHE A 1 87  ? -13.801 -6.525  5.918   1.00 10.76 ? 88  PHE A CZ  1 
ATOM   684  N N   . ILE A 1 88  ? -14.433 -10.003 -0.676  1.00 11.96 ? 89  ILE A N   1 
ATOM   685  C CA  . ILE A 1 88  ? -14.435 -11.022 -1.720  1.00 12.49 ? 89  ILE A CA  1 
ATOM   686  C C   . ILE A 1 88  ? -13.052 -11.643 -1.918  1.00 13.55 ? 89  ILE A C   1 
ATOM   687  O O   . ILE A 1 88  ? -12.905 -12.867 -1.978  1.00 13.97 ? 89  ILE A O   1 
ATOM   688  C CB  . ILE A 1 88  ? -14.921 -10.440 -3.057  1.00 14.01 ? 89  ILE A CB  1 
ATOM   689  C CG1 . ILE A 1 88  ? -16.389 -10.022 -2.947  1.00 15.10 ? 89  ILE A CG1 1 
ATOM   690  C CG2 . ILE A 1 88  ? -14.734 -11.453 -4.186  1.00 18.19 ? 89  ILE A CG2 1 
ATOM   691  C CD1 . ILE A 1 88  ? -16.895 -9.259  -4.151  1.00 17.32 ? 89  ILE A CD1 1 
ATOM   692  N N   . LEU A 1 89  ? -12.039 -10.792 -2.014  1.00 12.12 ? 90  LEU A N   1 
ATOM   693  C CA  . LEU A 1 89  ? -10.688 -11.252 -2.282  1.00 11.65 ? 90  LEU A CA  1 
ATOM   694  C C   . LEU A 1 89  ? -9.917  -11.549 -1.001  1.00 9.93  ? 90  LEU A C   1 
ATOM   695  O O   . LEU A 1 89  ? -10.108 -10.896 0.030   1.00 10.16 ? 90  LEU A O   1 
ATOM   696  C CB  . LEU A 1 89  ? -9.945  -10.216 -3.119  1.00 11.29 ? 90  LEU A CB  1 
ATOM   697  C CG  . LEU A 1 89  ? -10.618 -9.966  -4.467  1.00 12.37 ? 90  LEU A CG  1 
ATOM   698  C CD1 . LEU A 1 89  ? -9.939  -8.820  -5.193  1.00 14.69 ? 90  LEU A CD1 1 
ATOM   699  C CD2 . LEU A 1 89  ? -10.603 -11.227 -5.315  1.00 16.28 ? 90  LEU A CD2 1 
ATOM   700  N N   . LYS A 1 90  ? -9.039  -12.542 -1.082  1.00 10.06 ? 91  LYS A N   1 
ATOM   701  C CA  . LYS A 1 90  ? -8.318  -13.022 0.086   1.00 9.74  ? 91  LYS A CA  1 
ATOM   702  C C   . LYS A 1 90  ? -6.821  -12.750 -0.015  1.00 9.16  ? 91  LYS A C   1 
ATOM   703  O O   . LYS A 1 90  ? -6.294  -12.442 -1.093  1.00 8.26  ? 91  LYS A O   1 
ATOM   704  C CB  . LYS A 1 90  ? -8.565  -14.521 0.278   1.00 11.61 ? 91  LYS A CB  1 
ATOM   705  C CG  . LYS A 1 90  ? -10.023 -14.878 0.522   1.00 16.91 ? 91  LYS A CG  1 
ATOM   706  C CD  . LYS A 1 90  ? -10.206 -16.383 0.665   1.00 25.07 ? 91  LYS A CD  1 
ATOM   707  C CE  . LYS A 1 90  ? -11.635 -16.730 1.050   1.00 36.10 ? 91  LYS A CE  1 
ATOM   708  N NZ  . LYS A 1 90  ? -12.034 -16.075 2.326   1.00 44.28 ? 91  LYS A NZ  1 
ATOM   709  N N   . HIS A 1 91  ? -6.150  -12.858 1.127   1.00 8.40  ? 92  HIS A N   1 
ATOM   710  C CA  . HIS A 1 91  ? -4.705  -12.687 1.214   1.00 8.57  ? 92  HIS A CA  1 
ATOM   711  C C   . HIS A 1 91  ? -4.022  -14.005 0.851   1.00 10.39 ? 92  HIS A C   1 
ATOM   712  O O   . HIS A 1 91  ? -3.585  -14.756 1.729   1.00 9.83  ? 92  HIS A O   1 
ATOM   713  C CB  . HIS A 1 91  ? -4.307  -12.220 2.624   1.00 7.49  ? 92  HIS A CB  1 
ATOM   714  C CG  . HIS A 1 91  ? -4.959  -10.932 3.043   1.00 6.97  ? 92  HIS A CG  1 
ATOM   715  N ND1 . HIS A 1 91  ? -6.247  -10.871 3.535   1.00 7.65  ? 92  HIS A ND1 1 
ATOM   716  C CD2 . HIS A 1 91  ? -4.499  -9.658  3.045   1.00 6.57  ? 92  HIS A CD2 1 
ATOM   717  C CE1 . HIS A 1 91  ? -6.554  -9.615  3.810   1.00 6.83  ? 92  HIS A CE1 1 
ATOM   718  N NE2 . HIS A 1 91  ? -5.507  -8.858  3.524   1.00 6.20  ? 92  HIS A NE2 1 
ATOM   719  N N   . THR A 1 92  ? -3.928  -14.275 -0.448  1.00 8.81  ? 93  THR A N   1 
ATOM   720  C CA  . THR A 1 92  ? -3.593  -15.612 -0.944  1.00 10.68 ? 93  THR A CA  1 
ATOM   721  C C   . THR A 1 92  ? -2.103  -15.904 -1.084  1.00 10.46 ? 93  THR A C   1 
ATOM   722  O O   . THR A 1 92  ? -1.702  -17.066 -1.190  1.00 10.26 ? 93  THR A O   1 
ATOM   723  C CB  . THR A 1 92  ? -4.225  -15.852 -2.316  1.00 11.36 ? 93  THR A CB  1 
ATOM   724  O OG1 . THR A 1 92  ? -3.892  -14.756 -3.179  1.00 12.69 ? 93  THR A OG1 1 
ATOM   725  C CG2 . THR A 1 92  ? -5.734  -15.961 -2.198  1.00 13.09 ? 93  THR A CG2 1 
ATOM   726  N N   . GLY A 1 93  ? -1.282  -14.864 -1.113  1.00 9.23  ? 94  GLY A N   1 
ATOM   727  C CA  . GLY A 1 93  ? 0.144   -15.060 -1.265  1.00 9.53  ? 94  GLY A CA  1 
ATOM   728  C C   . GLY A 1 93  ? 0.898   -13.771 -1.502  1.00 8.11  ? 94  GLY A C   1 
ATOM   729  O O   . GLY A 1 93  ? 0.340   -12.676 -1.366  1.00 7.89  ? 94  GLY A O   1 
ATOM   730  N N   . PRO A 1 94  ? 2.183   -13.888 -1.858  1.00 7.53  ? 95  PRO A N   1 
ATOM   731  C CA  . PRO A 1 94  ? 3.046   -12.734 -2.108  1.00 8.90  ? 95  PRO A CA  1 
ATOM   732  C C   . PRO A 1 94  ? 2.465   -11.804 -3.175  1.00 8.20  ? 95  PRO A C   1 
ATOM   733  O O   . PRO A 1 94  ? 1.925   -12.270 -4.171  1.00 8.46  ? 95  PRO A O   1 
ATOM   734  C CB  . PRO A 1 94  ? 4.352   -13.370 -2.593  1.00 9.23  ? 95  PRO A CB  1 
ATOM   735  C CG  . PRO A 1 94  ? 4.344   -14.747 -1.978  1.00 8.94  ? 95  PRO A CG  1 
ATOM   736  C CD  . PRO A 1 94  ? 2.907   -15.166 -2.021  1.00 9.42  ? 95  PRO A CD  1 
ATOM   737  N N   . GLY A 1 95  ? 2.546   -10.500 -2.940  1.00 5.91  ? 96  GLY A N   1 
ATOM   738  C CA  . GLY A 1 95  ? 2.111   -9.523  -3.924  1.00 7.42  ? 96  GLY A CA  1 
ATOM   739  C C   . GLY A 1 95  ? 0.752   -8.901  -3.673  1.00 6.63  ? 96  GLY A C   1 
ATOM   740  O O   . GLY A 1 95  ? 0.418   -7.885  -4.275  1.00 6.59  ? 96  GLY A O   1 
ATOM   741  N N   . ILE A 1 96  ? -0.036  -9.503  -2.791  1.00 6.64  ? 97  ILE A N   1 
ATOM   742  C CA  . ILE A 1 96  ? -1.366  -8.991  -2.482  1.00 6.12  ? 97  ILE A CA  1 
ATOM   743  C C   . ILE A 1 96  ? -1.297  -7.590  -1.863  1.00 5.90  ? 97  ILE A C   1 
ATOM   744  O O   . ILE A 1 96  ? -0.481  -7.328  -0.975  1.00 6.79  ? 97  ILE A O   1 
ATOM   745  C CB  . ILE A 1 96  ? -2.106  -9.961  -1.545  1.00 6.15  ? 97  ILE A CB  1 
ATOM   746  C CG1 . ILE A 1 96  ? -2.518  -11.225 -2.307  1.00 9.27  ? 97  ILE A CG1 1 
ATOM   747  C CG2 . ILE A 1 96  ? -3.322  -9.298  -0.891  1.00 8.32  ? 97  ILE A CG2 1 
ATOM   748  C CD1 . ILE A 1 96  ? -3.590  -11.012 -3.355  1.00 12.38 ? 97  ILE A CD1 1 
ATOM   749  N N   . LEU A 1 97  ? -2.141  -6.697  -2.379  1.00 4.87  ? 98  LEU A N   1 
ATOM   750  C CA  . LEU A 1 97  ? -2.259  -5.326  -1.903  1.00 4.95  ? 98  LEU A CA  1 
ATOM   751  C C   . LEU A 1 97  ? -3.583  -5.163  -1.165  1.00 5.73  ? 98  LEU A C   1 
ATOM   752  O O   . LEU A 1 97  ? -4.638  -5.479  -1.713  1.00 6.34  ? 98  LEU A O   1 
ATOM   753  C CB  . LEU A 1 97  ? -2.182  -4.354  -3.084  1.00 4.91  ? 98  LEU A CB  1 
ATOM   754  C CG  . LEU A 1 97  ? -2.352  -2.853  -2.832  1.00 4.90  ? 98  LEU A CG  1 
ATOM   755  C CD1 . LEU A 1 97  ? -1.223  -2.293  -1.986  1.00 6.55  ? 98  LEU A CD1 1 
ATOM   756  C CD2 . LEU A 1 97  ? -2.445  -2.106  -4.152  1.00 6.43  ? 98  LEU A CD2 1 
ATOM   757  N N   . SER A 1 98  ? -3.522  -4.673  0.072   1.00 4.30  ? 99  SER A N   1 
ATOM   758  C CA  . SER A 1 98  ? -4.670  -4.690  0.978   1.00 4.60  ? 99  SER A CA  1 
ATOM   759  C C   . SER A 1 98  ? -4.702  -3.437  1.859   1.00 5.98  ? 99  SER A C   1 
ATOM   760  O O   . SER A 1 98  ? -3.678  -2.773  2.051   1.00 5.47  ? 99  SER A O   1 
ATOM   761  C CB  . SER A 1 98  ? -4.624  -5.963  1.835   1.00 5.92  ? 99  SER A CB  1 
ATOM   762  O OG  . SER A 1 98  ? -5.726  -6.060  2.730   1.00 5.83  ? 99  SER A OG  1 
ATOM   763  N N   . MET A 1 99  ? -5.876  -3.108  2.388   1.00 6.00  ? 100 MET A N   1 
ATOM   764  C CA  . MET A 1 99  ? -6.020  -1.898  3.205   1.00 5.85  ? 100 MET A CA  1 
ATOM   765  C C   . MET A 1 99  ? -5.663  -2.135  4.660   1.00 6.33  ? 100 MET A C   1 
ATOM   766  O O   . MET A 1 99  ? -6.160  -3.071  5.289   1.00 6.23  ? 100 MET A O   1 
ATOM   767  C CB  . MET A 1 99  ? -7.454  -1.344  3.132   1.00 6.75  ? 100 MET A CB  1 
ATOM   768  C CG  . MET A 1 99  ? -7.826  -0.743  1.786   1.00 7.34  ? 100 MET A CG  1 
ATOM   769  S SD  . MET A 1 99  ? -6.739  0.597   1.273   1.00 10.25 ? 100 MET A SD  1 
ATOM   770  C CE  . MET A 1 99  ? -7.255  1.911   2.391   1.00 7.74  ? 100 MET A CE  1 
ATOM   771  N N   . ALA A 1 100 ? -4.805  -1.271  5.192   1.00 5.18  ? 101 ALA A N   1 
ATOM   772  C CA  . ALA A 1 100 ? -4.538  -1.255  6.624   1.00 6.15  ? 101 ALA A CA  1 
ATOM   773  C C   . ALA A 1 100 ? -5.727  -0.598  7.316   1.00 6.95  ? 101 ALA A C   1 
ATOM   774  O O   . ALA A 1 100 ? -6.448  0.171   6.698   1.00 7.68  ? 101 ALA A O   1 
ATOM   775  C CB  . ALA A 1 100 ? -3.252  -0.510  6.918   1.00 5.46  ? 101 ALA A CB  1 
ATOM   776  N N   . ASN A 1 101 ? -5.953  -0.907  8.585   1.00 6.96  ? 102 ASN A N   1 
ATOM   777  C CA  . ASN A 1 101 ? -7.055  -0.261  9.301   1.00 7.70  ? 102 ASN A CA  1 
ATOM   778  C C   . ASN A 1 101 ? -6.917  -0.397  10.808  1.00 9.33  ? 102 ASN A C   1 
ATOM   779  O O   . ASN A 1 101 ? -5.987  -1.042  11.299  1.00 9.44  ? 102 ASN A O   1 
ATOM   780  C CB  . ASN A 1 101 ? -8.411  -0.820  8.830   1.00 7.98  ? 102 ASN A CB  1 
ATOM   781  C CG  . ASN A 1 101 ? -8.607  -2.284  9.167   1.00 8.71  ? 102 ASN A CG  1 
ATOM   782  O OD1 . ASN A 1 101 ? -8.417  -2.706  10.304  1.00 9.44  ? 102 ASN A OD1 1 
ATOM   783  N ND2 . ASN A 1 101 ? -8.992  -3.066  8.170   1.00 8.70  ? 102 ASN A ND2 1 
ATOM   784  N N   . ALA A 1 102 ? -7.850  0.211   11.539  1.00 8.64  ? 103 ALA A N   1 
ATOM   785  C CA  . ALA A 1 102 ? -7.848  0.143   12.994  1.00 12.06 ? 103 ALA A CA  1 
ATOM   786  C C   . ALA A 1 102 ? -9.135  -0.502  13.487  1.00 13.59 ? 103 ALA A C   1 
ATOM   787  O O   . ALA A 1 102 ? -9.659  -0.144  14.546  1.00 17.87 ? 103 ALA A O   1 
ATOM   788  C CB  . ALA A 1 102 ? -7.680  1.531   13.592  1.00 11.46 ? 103 ALA A CB  1 
ATOM   789  N N   . GLY A 1 103 ? -9.638  -1.465  12.721  1.00 11.21 ? 104 GLY A N   1 
ATOM   790  C CA  . GLY A 1 103 ? -10.909 -2.100  13.020  1.00 12.36 ? 104 GLY A CA  1 
ATOM   791  C C   . GLY A 1 103 ? -11.878 -1.916  11.868  1.00 12.03 ? 104 GLY A C   1 
ATOM   792  O O   . GLY A 1 103 ? -11.540 -1.283  10.870  1.00 9.45  ? 104 GLY A O   1 
ATOM   793  N N   . PRO A 1 104 ? -13.088 -2.475  11.990  1.00 12.28 ? 105 PRO A N   1 
ATOM   794  C CA  . PRO A 1 104 ? -14.085 -2.394  10.918  1.00 11.53 ? 105 PRO A CA  1 
ATOM   795  C C   . PRO A 1 104 ? -14.375 -0.966  10.459  1.00 11.24 ? 105 PRO A C   1 
ATOM   796  O O   . PRO A 1 104 ? -14.490 -0.045  11.280  1.00 11.58 ? 105 PRO A O   1 
ATOM   797  C CB  . PRO A 1 104 ? -15.326 -3.034  11.550  1.00 12.47 ? 105 PRO A CB  1 
ATOM   798  C CG  . PRO A 1 104 ? -14.751 -4.025  12.523  1.00 13.52 ? 105 PRO A CG  1 
ATOM   799  C CD  . PRO A 1 104 ? -13.534 -3.344  13.094  1.00 13.16 ? 105 PRO A CD  1 
ATOM   800  N N   . ASN A 1 105 ? -14.462 -0.800  9.140   1.00 10.63 ? 106 ASN A N   1 
ATOM   801  C CA  . ASN A 1 105 ? -14.866 0.463   8.519   1.00 11.64 ? 106 ASN A CA  1 
ATOM   802  C C   . ASN A 1 105 ? -14.001 1.668   8.891   1.00 11.28 ? 106 ASN A C   1 
ATOM   803  O O   . ASN A 1 105 ? -14.514 2.753   9.161   1.00 12.36 ? 106 ASN A O   1 
ATOM   804  C CB  . ASN A 1 105 ? -16.332 0.746   8.863   1.00 12.33 ? 106 ASN A CB  1 
ATOM   805  C CG  . ASN A 1 105 ? -17.242 -0.387  8.455   1.00 13.27 ? 106 ASN A CG  1 
ATOM   806  O OD1 . ASN A 1 105 ? -17.113 -0.938  7.360   1.00 13.25 ? 106 ASN A OD1 1 
ATOM   807  N ND2 . ASN A 1 105 ? -18.171 -0.748  9.332   1.00 18.99 ? 106 ASN A ND2 1 
ATOM   808  N N   . THR A 1 106 ? -12.684 1.481   8.879   1.00 9.54  ? 107 THR A N   1 
ATOM   809  C CA  . THR A 1 106 ? -11.764 2.572   9.188   1.00 9.86  ? 107 THR A CA  1 
ATOM   810  C C   . THR A 1 106 ? -10.692 2.710   8.103   1.00 8.68  ? 107 THR A C   1 
ATOM   811  O O   . THR A 1 106 ? -9.543  3.051   8.386   1.00 9.07  ? 107 THR A O   1 
ATOM   812  C CB  . THR A 1 106 ? -11.081 2.386   10.563  1.00 9.32  ? 107 THR A CB  1 
ATOM   813  O OG1 . THR A 1 106 ? -10.379 1.133   10.604  1.00 8.77  ? 107 THR A OG1 1 
ATOM   814  C CG2 . THR A 1 106 ? -12.116 2.422   11.688  1.00 10.54 ? 107 THR A CG2 1 
ATOM   815  N N   . ASN A 1 107 ? -11.072 2.450   6.857   1.00 8.33  ? 108 ASN A N   1 
ATOM   816  C CA  . ASN A 1 107 ? -10.141 2.620   5.742   1.00 8.32  ? 108 ASN A CA  1 
ATOM   817  C C   . ASN A 1 107 ? -9.799  4.082   5.479   1.00 9.02  ? 108 ASN A C   1 
ATOM   818  O O   . ASN A 1 107 ? -10.690 4.912   5.344   1.00 9.62  ? 108 ASN A O   1 
ATOM   819  C CB  . ASN A 1 107 ? -10.725 2.003   4.480   1.00 7.83  ? 108 ASN A CB  1 
ATOM   820  C CG  . ASN A 1 107 ? -10.961 0.531   4.628   1.00 9.24  ? 108 ASN A CG  1 
ATOM   821  O OD1 . ASN A 1 107 ? -10.016 -0.252  4.639   1.00 8.40  ? 108 ASN A OD1 1 
ATOM   822  N ND2 . ASN A 1 107 ? -12.219 0.140   4.754   1.00 8.38  ? 108 ASN A ND2 1 
ATOM   823  N N   . GLY A 1 108 ? -8.509  4.393   5.387   1.00 7.65  ? 109 GLY A N   1 
ATOM   824  C CA  . GLY A 1 108 ? -8.077  5.738   5.061   1.00 8.95  ? 109 GLY A CA  1 
ATOM   825  C C   . GLY A 1 108 ? -7.226  5.695   3.814   1.00 5.99  ? 109 GLY A C   1 
ATOM   826  O O   . GLY A 1 108 ? -7.733  5.467   2.716   1.00 6.80  ? 109 GLY A O   1 
ATOM   827  N N   . SER A 1 109 ? -5.923  5.888   3.993   1.00 6.22  ? 110 SER A N   1 
ATOM   828  C CA  . SER A 1 109 ? -4.975  5.748   2.892   1.00 6.37  ? 110 SER A CA  1 
ATOM   829  C C   . SER A 1 109 ? -3.948  4.648   3.134   1.00 6.60  ? 110 SER A C   1 
ATOM   830  O O   . SER A 1 109 ? -3.307  4.184   2.198   1.00 6.83  ? 110 SER A O   1 
ATOM   831  C CB  . SER A 1 109 ? -4.248  7.070   2.655   1.00 7.36  ? 110 SER A CB  1 
ATOM   832  O OG  . SER A 1 109 ? -3.506  7.455   3.807   1.00 7.86  ? 110 SER A OG  1 
ATOM   833  N N   . GLN A 1 110 ? -3.769  4.234   4.383   1.00 6.46  ? 111 GLN A N   1 
ATOM   834  C CA  . GLN A 1 110 ? -2.723  3.256   4.669   1.00 7.48  ? 111 GLN A CA  1 
ATOM   835  C C   . GLN A 1 110 ? -3.041  1.898   4.062   1.00 5.46  ? 111 GLN A C   1 
ATOM   836  O O   . GLN A 1 110 ? -4.193  1.459   4.033   1.00 6.21  ? 111 GLN A O   1 
ATOM   837  C CB  . GLN A 1 110 ? -2.485  3.122   6.173   1.00 6.51  ? 111 GLN A CB  1 
ATOM   838  C CG  . GLN A 1 110 ? -1.668  4.267   6.753   1.00 7.35  ? 111 GLN A CG  1 
ATOM   839  C CD  . GLN A 1 110 ? -1.217  3.987   8.171   1.00 8.20  ? 111 GLN A CD  1 
ATOM   840  O OE1 . GLN A 1 110 ? -0.656  2.921   8.455   1.00 9.28  ? 111 GLN A OE1 1 
ATOM   841  N NE2 . GLN A 1 110 ? -1.449  4.939   9.071   1.00 9.80  ? 111 GLN A NE2 1 
ATOM   842  N N   . PHE A 1 111 ? -1.990  1.242   3.581   1.00 4.78  ? 112 PHE A N   1 
ATOM   843  C CA  . PHE A 1 111 ? -2.100  0.010   2.816   1.00 5.19  ? 112 PHE A CA  1 
ATOM   844  C C   . PHE A 1 111 ? -0.932  -0.889  3.182   1.00 5.13  ? 112 PHE A C   1 
ATOM   845  O O   . PHE A 1 111 ? 0.051   -0.432  3.777   1.00 5.10  ? 112 PHE A O   1 
ATOM   846  C CB  . PHE A 1 111 ? -2.054  0.310   1.316   1.00 4.87  ? 112 PHE A CB  1 
ATOM   847  C CG  . PHE A 1 111 ? -0.748  0.915   0.894   1.00 5.31  ? 112 PHE A CG  1 
ATOM   848  C CD1 . PHE A 1 111 ? 0.318   0.100   0.524   1.00 6.30  ? 112 PHE A CD1 1 
ATOM   849  C CD2 . PHE A 1 111 ? -0.559  2.291   0.932   1.00 6.54  ? 112 PHE A CD2 1 
ATOM   850  C CE1 . PHE A 1 111 ? 1.541   0.646   0.182   1.00 6.64  ? 112 PHE A CE1 1 
ATOM   851  C CE2 . PHE A 1 111 ? 0.662   2.838   0.588   1.00 5.64  ? 112 PHE A CE2 1 
ATOM   852  C CZ  . PHE A 1 111 ? 1.708   2.021   0.211   1.00 6.98  ? 112 PHE A CZ  1 
ATOM   853  N N   . PHE A 1 112 ? -1.003  -2.153  2.787   1.00 4.52  ? 113 PHE A N   1 
ATOM   854  C CA  . PHE A 1 112 ? 0.167   -3.011  2.915   1.00 4.54  ? 113 PHE A CA  1 
ATOM   855  C C   . PHE A 1 112 ? 0.292   -3.965  1.736   1.00 4.95  ? 113 PHE A C   1 
ATOM   856  O O   . PHE A 1 112 ? -0.694  -4.304  1.070   1.00 5.16  ? 113 PHE A O   1 
ATOM   857  C CB  . PHE A 1 112 ? 0.167   -3.780  4.252   1.00 5.38  ? 113 PHE A CB  1 
ATOM   858  C CG  . PHE A 1 112 ? -1.014  -4.689  4.465   1.00 4.75  ? 113 PHE A CG  1 
ATOM   859  C CD1 . PHE A 1 112 ? -2.236  -4.182  4.871   1.00 4.87  ? 113 PHE A CD1 1 
ATOM   860  C CD2 . PHE A 1 112 ? -0.881  -6.060  4.330   1.00 5.76  ? 113 PHE A CD2 1 
ATOM   861  C CE1 . PHE A 1 112 ? -3.317  -5.022  5.099   1.00 5.59  ? 113 PHE A CE1 1 
ATOM   862  C CE2 . PHE A 1 112 ? -1.950  -6.907  4.565   1.00 5.95  ? 113 PHE A CE2 1 
ATOM   863  C CZ  . PHE A 1 112 ? -3.175  -6.381  4.955   1.00 5.58  ? 113 PHE A CZ  1 
ATOM   864  N N   . ILE A 1 113 ? 1.537   -4.344  1.468   1.00 5.11  ? 114 ILE A N   1 
ATOM   865  C CA  . ILE A 1 113 ? 1.875   -5.296  0.421   1.00 5.23  ? 114 ILE A CA  1 
ATOM   866  C C   . ILE A 1 113 ? 2.364   -6.576  1.087   1.00 5.75  ? 114 ILE A C   1 
ATOM   867  O O   . ILE A 1 113 ? 3.387   -6.562  1.774   1.00 6.04  ? 114 ILE A O   1 
ATOM   868  C CB  . ILE A 1 113 ? 2.971   -4.769  -0.511  1.00 5.34  ? 114 ILE A CB  1 
ATOM   869  C CG1 . ILE A 1 113 ? 2.620   -3.380  -1.049  1.00 6.37  ? 114 ILE A CG1 1 
ATOM   870  C CG2 . ILE A 1 113 ? 3.204   -5.763  -1.641  1.00 6.32  ? 114 ILE A CG2 1 
ATOM   871  C CD1 . ILE A 1 113 ? 3.798   -2.694  -1.740  1.00 8.56  ? 114 ILE A CD1 1 
ATOM   872  N N   . CYS A 1 114 ? 1.649   -7.676  0.881   1.00 6.44  ? 115 CYS A N   1 
ATOM   873  C CA  . CYS A 1 114 ? 2.034   -8.954  1.471   1.00 7.06  ? 115 CYS A CA  1 
ATOM   874  C C   . CYS A 1 114 ? 3.220   -9.572  0.756   1.00 6.02  ? 115 CYS A C   1 
ATOM   875  O O   . CYS A 1 114 ? 3.345   -9.464  -0.463  1.00 7.37  ? 115 CYS A O   1 
ATOM   876  C CB  . CYS A 1 114 ? 0.867   -9.935  1.421   1.00 7.02  ? 115 CYS A CB  1 
ATOM   877  S SG  . CYS A 1 114 ? -0.584  -9.370  2.310   1.00 10.10 ? 115 CYS A SG  1 
ATOM   878  N N   . THR A 1 115 ? 4.085   -10.251 1.505   1.00 6.96  ? 116 THR A N   1 
ATOM   879  C CA  . THR A 1 115 ? 5.144   -11.034 0.876   1.00 7.50  ? 116 THR A CA  1 
ATOM   880  C C   . THR A 1 115 ? 4.933   -12.516 1.177   1.00 9.16  ? 116 THR A C   1 
ATOM   881  O O   . THR A 1 115 ? 5.805   -13.352 0.918   1.00 9.92  ? 116 THR A O   1 
ATOM   882  C CB  . THR A 1 115 ? 6.547   -10.579 1.329   1.00 9.37  ? 116 THR A CB  1 
ATOM   883  O OG1 . THR A 1 115 ? 6.662   -10.674 2.754   1.00 10.97 ? 116 THR A OG1 1 
ATOM   884  C CG2 . THR A 1 115 ? 6.790   -9.135  0.893   1.00 9.31  ? 116 THR A CG2 1 
ATOM   885  N N   . ALA A 1 116 ? 3.753   -12.832 1.703   1.00 6.50  ? 117 ALA A N   1 
ATOM   886  C CA  . ALA A 1 116 ? 3.366   -14.204 2.018   1.00 7.89  ? 117 ALA A CA  1 
ATOM   887  C C   . ALA A 1 116 ? 1.849   -14.300 2.114   1.00 8.18  ? 117 ALA A C   1 
ATOM   888  O O   . ALA A 1 116 ? 1.165   -13.278 2.216   1.00 7.76  ? 117 ALA A O   1 
ATOM   889  C CB  . ALA A 1 116 ? 4.014   -14.661 3.327   1.00 8.83  ? 117 ALA A CB  1 
ATOM   890  N N   . LYS A 1 117 ? 1.331   -15.522 2.076   1.00 6.81  ? 118 LYS A N   1 
ATOM   891  C CA  . LYS A 1 117 ? -0.075  -15.788 2.375   1.00 7.87  ? 118 LYS A CA  1 
ATOM   892  C C   . LYS A 1 117 ? -0.367  -15.452 3.834   1.00 6.82  ? 118 LYS A C   1 
ATOM   893  O O   . LYS A 1 117 ? 0.316   -15.940 4.730   1.00 7.50  ? 118 LYS A O   1 
ATOM   894  C CB  . LYS A 1 117 ? -0.407  -17.254 2.083   1.00 8.23  ? 118 LYS A CB  1 
ATOM   895  C CG  . LYS A 1 117 ? -1.768  -17.727 2.575   1.00 7.14  ? 118 LYS A CG  1 
ATOM   896  C CD  . LYS A 1 117 ? -2.042  -19.140 2.087   1.00 7.67  ? 118 LYS A CD  1 
ATOM   897  C CE  . LYS A 1 117 ? -3.386  -19.655 2.566   1.00 10.64 ? 118 LYS A CE  1 
ATOM   898  N NZ  . LYS A 1 117 ? -3.349  -20.085 3.994   1.00 9.72  ? 118 LYS A NZ  1 
ATOM   899  N N   . THR A 1 118 ? -1.366  -14.602 4.063   1.00 6.73  ? 119 THR A N   1 
ATOM   900  C CA  . THR A 1 118 ? -1.698  -14.137 5.408   1.00 7.02  ? 119 THR A CA  1 
ATOM   901  C C   . THR A 1 118 ? -3.205  -14.282 5.659   1.00 6.78  ? 119 THR A C   1 
ATOM   902  O O   . THR A 1 118 ? -3.927  -13.284 5.830   1.00 6.65  ? 119 THR A O   1 
ATOM   903  C CB  . THR A 1 118 ? -1.258  -12.664 5.632   1.00 6.69  ? 119 THR A CB  1 
ATOM   904  O OG1 . THR A 1 118 ? -1.895  -11.809 4.669   1.00 6.71  ? 119 THR A OG1 1 
ATOM   905  C CG2 . THR A 1 118 ? 0.257   -12.517 5.478   1.00 8.40  ? 119 THR A CG2 1 
ATOM   906  N N   . GLU A 1 119 ? -3.674  -15.528 5.694   1.00 7.44  ? 120 GLU A N   1 
ATOM   907  C CA  . GLU A 1 119 ? -5.109  -15.797 5.687   1.00 7.25  ? 120 GLU A CA  1 
ATOM   908  C C   . GLU A 1 119 ? -5.824  -15.322 6.948   1.00 8.52  ? 120 GLU A C   1 
ATOM   909  O O   . GLU A 1 119 ? -7.040  -15.124 6.922   1.00 8.30  ? 120 GLU A O   1 
ATOM   910  C CB  . GLU A 1 119 ? -5.374  -17.292 5.479   1.00 7.87  ? 120 GLU A CB  1 
ATOM   911  C CG  . GLU A 1 119 ? -5.058  -18.178 6.684   1.00 9.63  ? 120 GLU A CG  1 
ATOM   912  C CD  . GLU A 1 119 ? -3.570  -18.304 6.954   1.00 8.75  ? 120 GLU A CD  1 
ATOM   913  O OE1 . GLU A 1 119 ? -2.774  -18.203 5.993   1.00 8.56  ? 120 GLU A OE1 1 
ATOM   914  O OE2 . GLU A 1 119 ? -3.202  -18.504 8.127   1.00 9.54  ? 120 GLU A OE2 1 
ATOM   915  N N   . TRP A 1 120 ? -5.083  -15.121 8.038   1.00 7.04  ? 121 TRP A N   1 
ATOM   916  C CA  . TRP A 1 120 ? -5.698  -14.643 9.274   1.00 8.36  ? 121 TRP A CA  1 
ATOM   917  C C   . TRP A 1 120 ? -6.151  -13.180 9.150   1.00 9.46  ? 121 TRP A C   1 
ATOM   918  O O   . TRP A 1 120 ? -6.871  -12.678 10.012  1.00 9.01  ? 121 TRP A O   1 
ATOM   919  C CB  . TRP A 1 120 ? -4.744  -14.821 10.465  1.00 8.85  ? 121 TRP A CB  1 
ATOM   920  C CG  . TRP A 1 120 ? -3.479  -14.022 10.399  1.00 8.95  ? 121 TRP A CG  1 
ATOM   921  C CD1 . TRP A 1 120 ? -3.251  -12.802 10.966  1.00 8.85  ? 121 TRP A CD1 1 
ATOM   922  C CD2 . TRP A 1 120 ? -2.258  -14.399 9.752   1.00 7.84  ? 121 TRP A CD2 1 
ATOM   923  N NE1 . TRP A 1 120 ? -1.964  -12.393 10.706  1.00 8.61  ? 121 TRP A NE1 1 
ATOM   924  C CE2 . TRP A 1 120 ? -1.336  -13.354 9.955   1.00 8.11  ? 121 TRP A CE2 1 
ATOM   925  C CE3 . TRP A 1 120 ? -1.857  -15.519 9.013   1.00 8.48  ? 121 TRP A CE3 1 
ATOM   926  C CZ2 . TRP A 1 120 ? -0.033  -13.393 9.448   1.00 9.45  ? 121 TRP A CZ2 1 
ATOM   927  C CZ3 . TRP A 1 120 ? -0.562  -15.557 8.513   1.00 8.20  ? 121 TRP A CZ3 1 
ATOM   928  C CH2 . TRP A 1 120 ? 0.328   -14.500 8.731   1.00 8.89  ? 121 TRP A CH2 1 
ATOM   929  N N   . LEU A 1 121 ? -5.764  -12.513 8.064   1.00 6.99  ? 122 LEU A N   1 
ATOM   930  C CA  . LEU A 1 121 ? -6.246  -11.159 7.790   1.00 7.89  ? 122 LEU A CA  1 
ATOM   931  C C   . LEU A 1 121 ? -7.491  -11.151 6.897   1.00 8.09  ? 122 LEU A C   1 
ATOM   932  O O   . LEU A 1 121 ? -8.111  -10.096 6.704   1.00 6.77  ? 122 LEU A O   1 
ATOM   933  C CB  . LEU A 1 121 ? -5.140  -10.318 7.149   1.00 6.87  ? 122 LEU A CB  1 
ATOM   934  C CG  . LEU A 1 121 ? -3.858  -10.230 7.981   1.00 7.55  ? 122 LEU A CG  1 
ATOM   935  C CD1 . LEU A 1 121 ? -2.833  -9.365  7.280   1.00 7.78  ? 122 LEU A CD1 1 
ATOM   936  C CD2 . LEU A 1 121 ? -4.146  -9.686  9.379   1.00 8.49  ? 122 LEU A CD2 1 
ATOM   937  N N   . ASP A 1 122 ? -7.854  -12.311 6.354   1.00 8.00  ? 123 ASP A N   1 
ATOM   938  C CA  . ASP A 1 122 ? -9.048  -12.427 5.511   1.00 8.07  ? 123 ASP A CA  1 
ATOM   939  C C   . ASP A 1 122 ? -10.288 -12.038 6.306   1.00 9.05  ? 123 ASP A C   1 
ATOM   940  O O   . ASP A 1 122 ? -10.468 -12.486 7.443   1.00 10.42 ? 123 ASP A O   1 
ATOM   941  C CB  . ASP A 1 122 ? -9.217  -13.851 4.964   1.00 9.28  ? 123 ASP A CB  1 
ATOM   942  C CG  . ASP A 1 122 ? -8.126  -14.245 3.994   1.00 10.77 ? 123 ASP A CG  1 
ATOM   943  O OD1 . ASP A 1 122 ? -7.386  -13.355 3.526   1.00 9.76  ? 123 ASP A OD1 1 
ATOM   944  O OD2 . ASP A 1 122 ? -8.012  -15.453 3.682   1.00 11.33 ? 123 ASP A OD2 1 
ATOM   945  N N   . GLY A 1 123 ? -11.128 -11.197 5.712   1.00 10.22 ? 124 GLY A N   1 
ATOM   946  C CA  . GLY A 1 123 ? -12.351 -10.749 6.364   1.00 10.11 ? 124 GLY A CA  1 
ATOM   947  C C   . GLY A 1 123 ? -12.143 -9.605  7.343   1.00 12.02 ? 124 GLY A C   1 
ATOM   948  O O   . GLY A 1 123 ? -13.093 -9.146  7.983   1.00 11.67 ? 124 GLY A O   1 
ATOM   949  N N   . LYS A 1 124 ? -10.899 -9.156  7.472   1.00 9.44  ? 125 LYS A N   1 
ATOM   950  C CA  . LYS A 1 124 ? -10.550 -8.067  8.381   1.00 9.08  ? 125 LYS A CA  1 
ATOM   951  C C   . LYS A 1 124 ? -9.924  -6.895  7.620   1.00 10.14 ? 125 LYS A C   1 
ATOM   952  O O   . LYS A 1 124 ? -10.075 -5.740  8.009   1.00 11.44 ? 125 LYS A O   1 
ATOM   953  C CB  . LYS A 1 124 ? -9.591  -8.563  9.470   1.00 10.52 ? 125 LYS A CB  1 
ATOM   954  C CG  . LYS A 1 124 ? -10.134 -9.706  10.323  1.00 13.78 ? 125 LYS A CG  1 
ATOM   955  C CD  . LYS A 1 124 ? -9.083  -10.184 11.318  1.00 19.87 ? 125 LYS A CD  1 
ATOM   956  C CE  . LYS A 1 124 ? -9.590  -11.349 12.153  1.00 35.62 ? 125 LYS A CE  1 
ATOM   957  N NZ  . LYS A 1 124 ? -9.636  -12.618 11.373  1.00 42.83 ? 125 LYS A NZ  1 
ATOM   958  N N   . HIS A 1 125 ? -9.212  -7.202  6.540   1.00 7.94  ? 126 HIS A N   1 
ATOM   959  C CA  . HIS A 1 125 ? -8.623  -6.177  5.685   1.00 7.83  ? 126 HIS A CA  1 
ATOM   960  C C   . HIS A 1 125 ? -9.114  -6.372  4.260   1.00 7.57  ? 126 HIS A C   1 
ATOM   961  O O   . HIS A 1 125 ? -9.173  -7.498  3.778   1.00 8.35  ? 126 HIS A O   1 
ATOM   962  C CB  . HIS A 1 125 ? -7.093  -6.235  5.747   1.00 6.72  ? 126 HIS A CB  1 
ATOM   963  C CG  . HIS A 1 125 ? -6.539  -5.945  7.107   1.00 6.91  ? 126 HIS A CG  1 
ATOM   964  N ND1 . HIS A 1 125 ? -6.117  -4.691  7.485   1.00 7.21  ? 126 HIS A ND1 1 
ATOM   965  C CD2 . HIS A 1 125 ? -6.363  -6.746  8.186   1.00 7.86  ? 126 HIS A CD2 1 
ATOM   966  C CE1 . HIS A 1 125 ? -5.694  -4.730  8.738   1.00 7.58  ? 126 HIS A CE1 1 
ATOM   967  N NE2 . HIS A 1 125 ? -5.825  -5.968  9.183   1.00 8.25  ? 126 HIS A NE2 1 
ATOM   968  N N   . VAL A 1 126 ? -9.488  -5.281  3.597   1.00 7.05  ? 127 VAL A N   1 
ATOM   969  C CA  . VAL A 1 126 ? -9.993  -5.360  2.238   1.00 6.77  ? 127 VAL A CA  1 
ATOM   970  C C   . VAL A 1 126 ? -8.854  -5.460  1.227   1.00 6.48  ? 127 VAL A C   1 
ATOM   971  O O   . VAL A 1 126 ? -8.039  -4.539  1.081   1.00 6.97  ? 127 VAL A O   1 
ATOM   972  C CB  . VAL A 1 126 ? -10.863 -4.145  1.892   1.00 7.79  ? 127 VAL A CB  1 
ATOM   973  C CG1 . VAL A 1 126 ? -11.315 -4.216  0.437   1.00 7.78  ? 127 VAL A CG1 1 
ATOM   974  C CG2 . VAL A 1 126 ? -12.059 -4.074  2.836   1.00 8.60  ? 127 VAL A CG2 1 
ATOM   975  N N   . VAL A 1 127 ? -8.805  -6.595  0.538   1.00 7.72  ? 128 VAL A N   1 
ATOM   976  C CA  . VAL A 1 127 ? -7.858  -6.826  -0.540  1.00 7.68  ? 128 VAL A CA  1 
ATOM   977  C C   . VAL A 1 127 ? -8.373  -6.158  -1.813  1.00 8.19  ? 128 VAL A C   1 
ATOM   978  O O   . VAL A 1 127 ? -9.542  -6.332  -2.171  1.00 7.96  ? 128 VAL A O   1 
ATOM   979  C CB  . VAL A 1 127 ? -7.664  -8.332  -0.778  1.00 7.19  ? 128 VAL A CB  1 
ATOM   980  C CG1 . VAL A 1 127 ? -6.819  -8.584  -2.020  1.00 7.67  ? 128 VAL A CG1 1 
ATOM   981  C CG2 . VAL A 1 127 ? -7.053  -8.986  0.464   1.00 8.08  ? 128 VAL A CG2 1 
ATOM   982  N N   . PHE A 1 128 ? -7.521  -5.388  -2.489  1.00 5.60  ? 129 PHE A N   1 
ATOM   983  C CA  . PHE A 1 128 ? -7.992  -4.614  -3.641  1.00 6.92  ? 129 PHE A CA  1 
ATOM   984  C C   . PHE A 1 128 ? -7.010  -4.541  -4.810  1.00 7.61  ? 129 PHE A C   1 
ATOM   985  O O   . PHE A 1 128 ? -7.267  -3.845  -5.788  1.00 7.44  ? 129 PHE A O   1 
ATOM   986  C CB  . PHE A 1 128 ? -8.364  -3.190  -3.195  1.00 6.70  ? 129 PHE A CB  1 
ATOM   987  C CG  . PHE A 1 128 ? -7.193  -2.355  -2.742  1.00 5.20  ? 129 PHE A CG  1 
ATOM   988  C CD1 . PHE A 1 128 ? -6.748  -2.418  -1.429  1.00 5.53  ? 129 PHE A CD1 1 
ATOM   989  C CD2 . PHE A 1 128 ? -6.561  -1.490  -3.621  1.00 5.95  ? 129 PHE A CD2 1 
ATOM   990  C CE1 . PHE A 1 128 ? -5.672  -1.651  -1.008  1.00 6.19  ? 129 PHE A CE1 1 
ATOM   991  C CE2 . PHE A 1 128 ? -5.491  -0.717  -3.207  1.00 7.00  ? 129 PHE A CE2 1 
ATOM   992  C CZ  . PHE A 1 128 ? -5.044  -0.797  -1.896  1.00 5.51  ? 129 PHE A CZ  1 
ATOM   993  N N   . GLY A 1 129 ? -5.901  -5.272  -4.729  1.00 6.20  ? 130 GLY A N   1 
ATOM   994  C CA  . GLY A 1 129 ? -4.940  -5.258  -5.812  1.00 7.02  ? 130 GLY A CA  1 
ATOM   995  C C   . GLY A 1 129 ? -3.833  -6.280  -5.650  1.00 6.11  ? 130 GLY A C   1 
ATOM   996  O O   . GLY A 1 129 ? -3.822  -7.058  -4.692  1.00 6.79  ? 130 GLY A O   1 
ATOM   997  N N   . LYS A 1 130 ? -2.900  -6.274  -6.595  1.00 6.72  ? 131 LYS A N   1 
ATOM   998  C CA  . LYS A 1 130 ? -1.746  -7.162  -6.546  1.00 6.97  ? 131 LYS A CA  1 
ATOM   999  C C   . LYS A 1 130 ? -0.583  -6.541  -7.308  1.00 7.91  ? 131 LYS A C   1 
ATOM   1000 O O   . LYS A 1 130 ? -0.780  -5.838  -8.304  1.00 9.60  ? 131 LYS A O   1 
ATOM   1001 C CB  . LYS A 1 130 ? -2.091  -8.537  -7.130  1.00 10.03 ? 131 LYS A CB  1 
ATOM   1002 C CG  . LYS A 1 130 ? -1.078  -9.636  -6.817  1.00 15.96 ? 131 LYS A CG  1 
ATOM   1003 C CD  . LYS A 1 130 ? -1.464  -10.962 -7.476  1.00 23.88 ? 131 LYS A CD  1 
ATOM   1004 C CE  . LYS A 1 130 ? -2.769  -11.510 -6.918  1.00 37.51 ? 131 LYS A CE  1 
ATOM   1005 N NZ  . LYS A 1 130 ? -3.091  -12.853 -7.484  1.00 38.93 ? 131 LYS A NZ  1 
ATOM   1006 N N   . VAL A 1 131 ? 0.635   -6.787  -6.836  1.00 6.52  ? 132 VAL A N   1 
ATOM   1007 C CA  . VAL A 1 131 ? 1.823   -6.384  -7.571  1.00 7.57  ? 132 VAL A CA  1 
ATOM   1008 C C   . VAL A 1 131 ? 1.834   -7.023  -8.958  1.00 8.07  ? 132 VAL A C   1 
ATOM   1009 O O   . VAL A 1 131 ? 1.648   -8.234  -9.096  1.00 9.14  ? 132 VAL A O   1 
ATOM   1010 C CB  . VAL A 1 131 ? 3.095   -6.764  -6.799  1.00 7.72  ? 132 VAL A CB  1 
ATOM   1011 C CG1 . VAL A 1 131 ? 4.338   -6.527  -7.658  1.00 8.70  ? 132 VAL A CG1 1 
ATOM   1012 C CG2 . VAL A 1 131 ? 3.166   -5.974  -5.482  1.00 6.59  ? 132 VAL A CG2 1 
ATOM   1013 N N   . LYS A 1 132 ? 2.031   -6.176  -9.966  1.00 8.00  ? 133 LYS A N   1 
ATOM   1014 C CA  . LYS A 1 132 ? 2.081   -6.569  -11.368 1.00 9.99  ? 133 LYS A CA  1 
ATOM   1015 C C   . LYS A 1 132 ? 3.523   -6.728  -11.864 1.00 12.21 ? 133 LYS A C   1 
ATOM   1016 O O   . LYS A 1 132 ? 3.836   -7.630  -12.642 1.00 15.72 ? 133 LYS A O   1 
ATOM   1017 C CB  . LYS A 1 132 ? 1.347   -5.518  -12.207 1.00 13.26 ? 133 LYS A CB  1 
ATOM   1018 C CG  . LYS A 1 132 ? 1.191   -5.866  -13.665 1.00 20.99 ? 133 LYS A CG  1 
ATOM   1019 C CD  . LYS A 1 132 ? 0.367   -4.806  -14.370 1.00 16.54 ? 133 LYS A CD  1 
ATOM   1020 C CE  . LYS A 1 132 ? 0.309   -5.071  -15.865 1.00 25.55 ? 133 LYS A CE  1 
ATOM   1021 N NZ  . LYS A 1 132 ? -0.513  -4.051  -16.575 1.00 40.47 ? 133 LYS A NZ  1 
ATOM   1022 N N   . GLU A 1 133 ? 4.387   -5.824  -11.422 1.00 9.31  ? 134 GLU A N   1 
ATOM   1023 C CA  . GLU A 1 133 ? 5.799   -5.834  -11.773 1.00 9.90  ? 134 GLU A CA  1 
ATOM   1024 C C   . GLU A 1 133 ? 6.578   -5.256  -10.597 1.00 10.21 ? 134 GLU A C   1 
ATOM   1025 O O   . GLU A 1 133 ? 6.058   -4.416  -9.861  1.00 7.76  ? 134 GLU A O   1 
ATOM   1026 C CB  . GLU A 1 133 ? 6.051   -5.028  -13.052 1.00 13.84 ? 134 GLU A CB  1 
ATOM   1027 C CG  . GLU A 1 133 ? 7.480   -5.075  -13.557 1.00 23.99 ? 134 GLU A CG  1 
ATOM   1028 C CD  . GLU A 1 133 ? 7.671   -4.268  -14.829 1.00 48.27 ? 134 GLU A CD  1 
ATOM   1029 O OE1 . GLU A 1 133 ? 6.657   -3.910  -15.470 1.00 28.41 ? 134 GLU A OE1 1 
ATOM   1030 O OE2 . GLU A 1 133 ? 8.837   -3.989  -15.183 1.00 45.34 ? 134 GLU A OE2 1 
ATOM   1031 N N   . GLY A 1 134 ? 7.805   -5.724  -10.392 1.00 9.81  ? 135 GLY A N   1 
ATOM   1032 C CA  . GLY A 1 134 ? 8.638   -5.182  -9.337  1.00 9.39  ? 135 GLY A CA  1 
ATOM   1033 C C   . GLY A 1 134 ? 8.542   -5.908  -8.007  1.00 9.16  ? 135 GLY A C   1 
ATOM   1034 O O   . GLY A 1 134 ? 8.875   -5.348  -6.965  1.00 8.56  ? 135 GLY A O   1 
ATOM   1035 N N   . MET A 1 135 ? 8.107   -7.164  -8.022  1.00 9.56  ? 136 MET A N   1 
ATOM   1036 C CA  . MET A 1 135 ? 8.111   -7.927  -6.787  1.00 9.92  ? 136 MET A CA  1 
ATOM   1037 C C   . MET A 1 135 ? 9.547   -8.078  -6.262  1.00 11.05 ? 136 MET A C   1 
ATOM   1038 O O   . MET A 1 135 ? 9.755   -8.196  -5.055  1.00 10.72 ? 136 MET A O   1 
ATOM   1039 C CB  . MET A 1 135 ? 7.455   -9.293  -6.982  1.00 11.93 ? 136 MET A CB  1 
ATOM   1040 C CG  . MET A 1 135 ? 7.012   -9.929  -5.676  1.00 19.58 ? 136 MET A CG  1 
ATOM   1041 S SD  . MET A 1 135 ? 5.788   -8.956  -4.756  1.00 12.20 ? 136 MET A SD  1 
ATOM   1042 C CE  . MET A 1 135 ? 6.051   -9.628  -3.120  1.00 15.05 ? 136 MET A CE  1 
ATOM   1043 N N   . ASN A 1 136 ? 10.540  -8.037  -7.152  1.00 10.16 ? 137 ASN A N   1 
ATOM   1044 C CA  . ASN A 1 136 ? 11.923  -8.067  -6.686  1.00 10.54 ? 137 ASN A CA  1 
ATOM   1045 C C   . ASN A 1 136 ? 12.294  -6.796  -5.911  1.00 8.72  ? 137 ASN A C   1 
ATOM   1046 O O   . ASN A 1 136 ? 13.151  -6.820  -5.027  1.00 8.65  ? 137 ASN A O   1 
ATOM   1047 C CB  . ASN A 1 136 ? 12.895  -8.292  -7.853  1.00 10.68 ? 137 ASN A CB  1 
ATOM   1048 C CG  . ASN A 1 136 ? 12.961  -7.121  -8.807  1.00 13.38 ? 137 ASN A CG  1 
ATOM   1049 O OD1 . ASN A 1 136 ? 11.936  -6.571  -9.221  1.00 13.30 ? 137 ASN A OD1 1 
ATOM   1050 N ND2 . ASN A 1 136 ? 14.183  -6.727  -9.167  1.00 15.25 ? 137 ASN A ND2 1 
ATOM   1051 N N   . ILE A 1 137 ? 11.636  -5.685  -6.229  1.00 8.55  ? 138 ILE A N   1 
ATOM   1052 C CA  . ILE A 1 137 ? 11.837  -4.454  -5.473  1.00 8.90  ? 138 ILE A CA  1 
ATOM   1053 C C   . ILE A 1 137 ? 11.228  -4.560  -4.066  1.00 7.88  ? 138 ILE A C   1 
ATOM   1054 O O   . ILE A 1 137 ? 11.832  -4.119  -3.087  1.00 7.36  ? 138 ILE A O   1 
ATOM   1055 C CB  . ILE A 1 137 ? 11.232  -3.253  -6.216  1.00 6.54  ? 138 ILE A CB  1 
ATOM   1056 C CG1 . ILE A 1 137 ? 11.881  -3.099  -7.599  1.00 7.85  ? 138 ILE A CG1 1 
ATOM   1057 C CG2 . ILE A 1 137 ? 11.373  -1.975  -5.393  1.00 7.45  ? 138 ILE A CG2 1 
ATOM   1058 C CD1 . ILE A 1 137 ? 13.407  -3.064  -7.581  1.00 8.34  ? 138 ILE A CD1 1 
ATOM   1059 N N   . VAL A 1 138 ? 10.044  -5.157  -3.969  1.00 7.64  ? 139 VAL A N   1 
ATOM   1060 C CA  . VAL A 1 138 ? 9.419   -5.401  -2.671  1.00 8.45  ? 139 VAL A CA  1 
ATOM   1061 C C   . VAL A 1 138 ? 10.301  -6.315  -1.823  1.00 10.07 ? 139 VAL A C   1 
ATOM   1062 O O   . VAL A 1 138 ? 10.468  -6.098  -0.625  1.00 9.27  ? 139 VAL A O   1 
ATOM   1063 C CB  . VAL A 1 138 ? 8.017   -6.022  -2.835  1.00 7.38  ? 139 VAL A CB  1 
ATOM   1064 C CG1 . VAL A 1 138 ? 7.403   -6.333  -1.473  1.00 9.68  ? 139 VAL A CG1 1 
ATOM   1065 C CG2 . VAL A 1 138 ? 7.113   -5.084  -3.621  1.00 8.14  ? 139 VAL A CG2 1 
ATOM   1066 N N   . GLU A 1 139 ? 10.883  -7.330  -2.454  1.00 10.27 ? 140 GLU A N   1 
ATOM   1067 C CA  . GLU A 1 139 ? 11.782  -8.223  -1.739  1.00 10.06 ? 140 GLU A CA  1 
ATOM   1068 C C   . GLU A 1 139 ? 13.041  -7.489  -1.275  1.00 10.53 ? 140 GLU A C   1 
ATOM   1069 O O   . GLU A 1 139 ? 13.516  -7.720  -0.162  1.00 10.88 ? 140 GLU A O   1 
ATOM   1070 C CB  . GLU A 1 139 ? 12.147  -9.432  -2.608  1.00 11.91 ? 140 GLU A CB  1 
ATOM   1071 C CG  . GLU A 1 139 ? 10.961  -10.366 -2.858  1.00 18.41 ? 140 GLU A CG  1 
ATOM   1072 C CD  . GLU A 1 139 ? 11.270  -11.457 -3.863  1.00 39.69 ? 140 GLU A CD  1 
ATOM   1073 O OE1 . GLU A 1 139 ? 12.368  -11.428 -4.460  1.00 50.63 ? 140 GLU A OE1 1 
ATOM   1074 O OE2 . GLU A 1 139 ? 10.409  -12.342 -4.060  1.00 45.73 ? 140 GLU A OE2 1 
ATOM   1075 N N   . ALA A 1 140 ? 13.572  -6.596  -2.112  1.00 9.24  ? 141 ALA A N   1 
ATOM   1076 C CA  . ALA A 1 140 ? 14.706  -5.770  -1.708  1.00 9.69  ? 141 ALA A CA  1 
ATOM   1077 C C   . ALA A 1 140 ? 14.338  -4.888  -0.504  1.00 10.81 ? 141 ALA A C   1 
ATOM   1078 O O   . ALA A 1 140 ? 15.133  -4.723  0.422   1.00 9.78  ? 141 ALA A O   1 
ATOM   1079 C CB  . ALA A 1 140 ? 15.201  -4.917  -2.884  1.00 10.16 ? 141 ALA A CB  1 
ATOM   1080 N N   . MET A 1 141 ? 13.125  -4.337  -0.512  1.00 8.80  ? 142 MET A N   1 
ATOM   1081 C CA  . MET A 1 141 ? 12.657  -3.513  0.598   1.00 8.74  ? 142 MET A CA  1 
ATOM   1082 C C   . MET A 1 141 ? 12.713  -4.256  1.931   1.00 9.66  ? 142 MET A C   1 
ATOM   1083 O O   . MET A 1 141 ? 12.976  -3.654  2.967   1.00 9.45  ? 142 MET A O   1 
ATOM   1084 C CB  . MET A 1 141 ? 11.232  -3.025  0.337   1.00 9.02  ? 142 MET A CB  1 
ATOM   1085 C CG  . MET A 1 141 ? 11.139  -1.989  -0.772  1.00 8.09  ? 142 MET A CG  1 
ATOM   1086 S SD  . MET A 1 141 ? 9.446   -1.726  -1.348  1.00 10.53 ? 142 MET A SD  1 
ATOM   1087 C CE  . MET A 1 141 ? 8.675   -1.122  0.151   1.00 10.30 ? 142 MET A CE  1 
ATOM   1088 N N   . GLU A 1 142 ? 12.487  -5.564  1.900   1.00 10.21 ? 143 GLU A N   1 
ATOM   1089 C CA  . GLU A 1 142 ? 12.499  -6.344  3.136   1.00 10.49 ? 143 GLU A CA  1 
ATOM   1090 C C   . GLU A 1 142 ? 13.854  -6.335  3.849   1.00 12.37 ? 143 GLU A C   1 
ATOM   1091 O O   . GLU A 1 142 ? 13.915  -6.535  5.058   1.00 13.16 ? 143 GLU A O   1 
ATOM   1092 C CB  . GLU A 1 142 ? 12.067  -7.790  2.858   1.00 11.44 ? 143 GLU A CB  1 
ATOM   1093 C CG  . GLU A 1 142 ? 10.621  -7.925  2.442   1.00 12.48 ? 143 GLU A CG  1 
ATOM   1094 C CD  . GLU A 1 142 ? 10.174  -9.372  2.337   1.00 15.33 ? 143 GLU A CD  1 
ATOM   1095 O OE1 . GLU A 1 142 ? 10.642  -10.082 1.419   1.00 21.43 ? 143 GLU A OE1 1 
ATOM   1096 O OE2 . GLU A 1 142 ? 9.354   -9.797  3.176   1.00 15.42 ? 143 GLU A OE2 1 
ATOM   1097 N N   . ARG A 1 143 ? 14.945  -6.104  3.121   1.00 11.11 ? 144 ARG A N   1 
ATOM   1098 C CA  . ARG A 1 143 ? 16.258  -6.079  3.769   1.00 12.80 ? 144 ARG A CA  1 
ATOM   1099 C C   . ARG A 1 143 ? 16.355  -4.935  4.780   1.00 13.82 ? 144 ARG A C   1 
ATOM   1100 O O   . ARG A 1 143 ? 17.135  -4.990  5.739   1.00 17.88 ? 144 ARG A O   1 
ATOM   1101 C CB  . ARG A 1 143 ? 17.389  -5.978  2.736   1.00 18.46 ? 144 ARG A CB  1 
ATOM   1102 C CG  . ARG A 1 143 ? 18.562  -5.097  3.176   1.00 25.21 ? 144 ARG A CG  1 
ATOM   1103 C CD  . ARG A 1 143 ? 19.816  -5.321  2.355   1.00 37.02 ? 144 ARG A CD  1 
ATOM   1104 N NE  . ARG A 1 143 ? 21.018  -4.850  3.044   1.00 38.80 ? 144 ARG A NE  1 
ATOM   1105 C CZ  . ARG A 1 143 ? 22.250  -4.963  2.555   1.00 44.39 ? 144 ARG A CZ  1 
ATOM   1106 N NH1 . ARG A 1 143 ? 22.448  -5.548  1.382   1.00 52.44 ? 144 ARG A NH1 1 
ATOM   1107 N NH2 . ARG A 1 143 ? 23.289  -4.508  3.243   1.00 53.79 ? 144 ARG A NH2 1 
ATOM   1108 N N   . PHE A 1 144 ? 15.534  -3.909  4.592   1.00 11.38 ? 145 PHE A N   1 
ATOM   1109 C CA  . PHE A 1 144 ? 15.593  -2.732  5.447   1.00 10.70 ? 145 PHE A CA  1 
ATOM   1110 C C   . PHE A 1 144 ? 14.532  -2.765  6.538   1.00 10.08 ? 145 PHE A C   1 
ATOM   1111 O O   . PHE A 1 144 ? 14.339  -1.787  7.247   1.00 11.51 ? 145 PHE A O   1 
ATOM   1112 C CB  . PHE A 1 144 ? 15.472  -1.473  4.594   1.00 11.33 ? 145 PHE A CB  1 
ATOM   1113 C CG  . PHE A 1 144 ? 16.442  -1.449  3.458   1.00 10.96 ? 145 PHE A CG  1 
ATOM   1114 C CD1 . PHE A 1 144 ? 17.778  -1.164  3.689   1.00 12.95 ? 145 PHE A CD1 1 
ATOM   1115 C CD2 . PHE A 1 144 ? 16.032  -1.748  2.169   1.00 12.60 ? 145 PHE A CD2 1 
ATOM   1116 C CE1 . PHE A 1 144 ? 18.693  -1.163  2.651   1.00 12.46 ? 145 PHE A CE1 1 
ATOM   1117 C CE2 . PHE A 1 144 ? 16.944  -1.747  1.125   1.00 11.42 ? 145 PHE A CE2 1 
ATOM   1118 C CZ  . PHE A 1 144 ? 18.276  -1.456  1.371   1.00 12.52 ? 145 PHE A CZ  1 
ATOM   1119 N N   . GLY A 1 145 ? 13.876  -3.914  6.677   1.00 10.96 ? 146 GLY A N   1 
ATOM   1120 C CA  . GLY A 1 145 ? 12.889  -4.100  7.729   1.00 10.83 ? 146 GLY A CA  1 
ATOM   1121 C C   . GLY A 1 145 ? 13.475  -4.816  8.932   1.00 13.44 ? 146 GLY A C   1 
ATOM   1122 O O   . GLY A 1 145 ? 14.680  -5.073  8.992   1.00 15.19 ? 146 GLY A O   1 
ATOM   1123 N N   . SER A 1 146 ? 12.611  -5.149  9.887   1.00 9.55  ? 147 SER A N   1 
ATOM   1124 C CA  . SER A 1 146 ? 13.030  -5.805  11.124  1.00 10.00 ? 147 SER A CA  1 
ATOM   1125 C C   . SER A 1 146 ? 11.853  -6.564  11.712  1.00 10.70 ? 147 SER A C   1 
ATOM   1126 O O   . SER A 1 146 ? 10.727  -6.446  11.228  1.00 9.40  ? 147 SER A O   1 
ATOM   1127 C CB  . SER A 1 146 ? 13.560  -4.782  12.132  1.00 11.19 ? 147 SER A CB  1 
ATOM   1128 O OG  . SER A 1 146 ? 12.543  -3.872  12.528  1.00 12.65 ? 147 SER A OG  1 
ATOM   1129 N N   . ARG A 1 147 ? 12.115  -7.325  12.772  1.00 10.62 ? 148 ARG A N   1 
ATOM   1130 C CA  . ARG A 1 147 ? 11.090  -8.149  13.408  1.00 14.20 ? 148 ARG A CA  1 
ATOM   1131 C C   . ARG A 1 147 ? 9.859   -7.350  13.825  1.00 11.88 ? 148 ARG A C   1 
ATOM   1132 O O   . ARG A 1 147 ? 8.724   -7.760  13.574  1.00 12.59 ? 148 ARG A O   1 
ATOM   1133 C CB  . ARG A 1 147 ? 11.678  -8.867  14.628  1.00 17.95 ? 148 ARG A CB  1 
ATOM   1134 C CG  . ARG A 1 147 ? 10.708  -9.797  15.333  1.00 21.27 ? 148 ARG A CG  1 
ATOM   1135 C CD  . ARG A 1 147 ? 11.344  -10.431 16.570  1.00 19.58 ? 148 ARG A CD  1 
ATOM   1136 N NE  . ARG A 1 147 ? 12.260  -11.526 16.256  1.00 37.45 ? 148 ARG A NE  1 
ATOM   1137 C CZ  . ARG A 1 147 ? 13.583  -11.412 16.222  1.00 30.39 ? 148 ARG A CZ  1 
ATOM   1138 N NH1 . ARG A 1 147 ? 14.159  -10.243 16.473  1.00 29.04 ? 148 ARG A NH1 1 
ATOM   1139 N NH2 . ARG A 1 147 ? 14.335  -12.466 15.934  1.00 30.13 ? 148 ARG A NH2 1 
ATOM   1140 N N   . ASN A 1 148 ? 10.081  -6.207  14.461  1.00 9.81  ? 149 ASN A N   1 
ATOM   1141 C CA  . ASN A 1 148 ? 8.968   -5.393  14.929  1.00 9.15  ? 149 ASN A CA  1 
ATOM   1142 C C   . ASN A 1 148 ? 8.520   -4.358  13.905  1.00 11.06 ? 149 ASN A C   1 
ATOM   1143 O O   . ASN A 1 148 ? 7.551   -3.636  14.141  1.00 12.12 ? 149 ASN A O   1 
ATOM   1144 C CB  . ASN A 1 148 ? 9.325   -4.701  16.243  1.00 9.12  ? 149 ASN A CB  1 
ATOM   1145 C CG  . ASN A 1 148 ? 9.475   -5.683  17.392  1.00 9.09  ? 149 ASN A CG  1 
ATOM   1146 O OD1 . ASN A 1 148 ? 9.117   -6.854  17.276  1.00 9.34  ? 149 ASN A OD1 1 
ATOM   1147 N ND2 . ASN A 1 148 ? 9.981   -5.199  18.514  1.00 9.35  ? 149 ASN A ND2 1 
ATOM   1148 N N   . GLY A 1 149 ? 9.224   -4.281  12.777  1.00 9.70  ? 150 GLY A N   1 
ATOM   1149 C CA  . GLY A 1 149 ? 8.783   -3.454  11.661  1.00 9.97  ? 150 GLY A CA  1 
ATOM   1150 C C   . GLY A 1 149 ? 9.526   -2.145  11.438  1.00 10.09 ? 150 GLY A C   1 
ATOM   1151 O O   . GLY A 1 149 ? 9.410   -1.537  10.370  1.00 9.08  ? 150 GLY A O   1 
ATOM   1152 N N   . LYS A 1 150 ? 10.282  -1.703  12.436  1.00 11.09 ? 151 LYS A N   1 
ATOM   1153 C CA  . LYS A 1 150 ? 11.083  -0.485  12.309  1.00 15.08 ? 151 LYS A CA  1 
ATOM   1154 C C   . LYS A 1 150 ? 12.065  -0.642  11.149  1.00 12.18 ? 151 LYS A C   1 
ATOM   1155 O O   . LYS A 1 150 ? 12.721  -1.673  11.023  1.00 13.10 ? 151 LYS A O   1 
ATOM   1156 C CB  . LYS A 1 150 ? 11.831  -0.199  13.615  1.00 19.33 ? 151 LYS A CB  1 
ATOM   1157 C CG  . LYS A 1 150 ? 12.811  0.963   13.579  1.00 30.28 ? 151 LYS A CG  1 
ATOM   1158 C CD  . LYS A 1 150 ? 12.126  2.276   13.258  1.00 29.03 ? 151 LYS A CD  1 
ATOM   1159 C CE  . LYS A 1 150 ? 12.966  3.459   13.733  1.00 48.57 ? 151 LYS A CE  1 
ATOM   1160 N NZ  . LYS A 1 150 ? 14.334  3.045   14.160  1.00 43.18 ? 151 LYS A NZ  1 
ATOM   1161 N N   . THR A 1 151 ? 12.152  0.366   10.285  1.00 11.88 ? 152 THR A N   1 
ATOM   1162 C CA  . THR A 1 151 ? 13.051  0.277   9.132   1.00 12.96 ? 152 THR A CA  1 
ATOM   1163 C C   . THR A 1 151 ? 14.436  0.849   9.455   1.00 12.90 ? 152 THR A C   1 
ATOM   1164 O O   . THR A 1 151 ? 14.556  1.794   10.235  1.00 14.60 ? 152 THR A O   1 
ATOM   1165 C CB  . THR A 1 151 ? 12.464  0.994   7.896   1.00 12.94 ? 152 THR A CB  1 
ATOM   1166 O OG1 . THR A 1 151 ? 12.279  2.386   8.176   1.00 13.31 ? 152 THR A OG1 1 
ATOM   1167 C CG2 . THR A 1 151 ? 11.123  0.374   7.499   1.00 12.28 ? 152 THR A CG2 1 
ATOM   1168 N N   . SER A 1 152 ? 15.469  0.260   8.852   1.00 12.22 ? 153 SER A N   1 
ATOM   1169 C CA  . SER A 1 152 ? 16.858  0.647   9.117   1.00 16.84 ? 153 SER A CA  1 
ATOM   1170 C C   . SER A 1 152 ? 17.340  1.743   8.169   1.00 23.83 ? 153 SER A C   1 
ATOM   1171 O O   . SER A 1 152 ? 18.402  2.330   8.376   1.00 19.67 ? 153 SER A O   1 
ATOM   1172 C CB  . SER A 1 152 ? 17.784  -0.568  9.019   1.00 14.93 ? 153 SER A CB  1 
ATOM   1173 O OG  . SER A 1 152 ? 17.706  -1.178  7.744   1.00 16.41 ? 153 SER A OG  1 
ATOM   1174 N N   . LYS A 1 153 ? 16.561  1.990   7.121   1.00 16.39 ? 154 LYS A N   1 
ATOM   1175 C CA  . LYS A 1 153 ? 16.768  3.117   6.217   1.00 16.99 ? 154 LYS A CA  1 
ATOM   1176 C C   . LYS A 1 153 ? 15.412  3.751   5.939   1.00 14.84 ? 154 LYS A C   1 
ATOM   1177 O O   . LYS A 1 153 ? 14.373  3.125   6.165   1.00 14.44 ? 154 LYS A O   1 
ATOM   1178 C CB  . LYS A 1 153 ? 17.419  2.675   4.902   1.00 15.87 ? 154 LYS A CB  1 
ATOM   1179 C CG  . LYS A 1 153 ? 18.729  1.921   5.056   1.00 21.36 ? 154 LYS A CG  1 
ATOM   1180 C CD  . LYS A 1 153 ? 19.890  2.859   5.294   1.00 28.64 ? 154 LYS A CD  1 
ATOM   1181 C CE  . LYS A 1 153 ? 21.204  2.099   5.318   1.00 28.26 ? 154 LYS A CE  1 
ATOM   1182 N NZ  . LYS A 1 153 ? 21.354  1.242   4.111   1.00 36.89 ? 154 LYS A NZ  1 
ATOM   1183 N N   . LYS A 1 154 ? 15.416  4.986   5.457   1.00 15.07 ? 155 LYS A N   1 
ATOM   1184 C CA  . LYS A 1 154 ? 14.184  5.670   5.088   1.00 12.23 ? 155 LYS A CA  1 
ATOM   1185 C C   . LYS A 1 154 ? 13.721  5.162   3.726   1.00 11.51 ? 155 LYS A C   1 
ATOM   1186 O O   . LYS A 1 154 ? 14.390  5.369   2.716   1.00 10.80 ? 155 LYS A O   1 
ATOM   1187 C CB  . LYS A 1 154 ? 14.401  7.182   5.070   1.00 16.79 ? 155 LYS A CB  1 
ATOM   1188 C CG  . LYS A 1 154 ? 13.151  8.029   5.239   1.00 32.83 ? 155 LYS A CG  1 
ATOM   1189 C CD  . LYS A 1 154 ? 13.497  9.505   5.064   1.00 45.69 ? 155 LYS A CD  1 
ATOM   1190 C CE  . LYS A 1 154 ? 12.454  10.421  5.686   1.00 44.34 ? 155 LYS A CE  1 
ATOM   1191 N NZ  . LYS A 1 154 ? 11.088  10.193  5.137   1.00 38.06 ? 155 LYS A NZ  1 
ATOM   1192 N N   . ILE A 1 155 ? 12.582  4.477   3.713   1.00 9.57  ? 156 ILE A N   1 
ATOM   1193 C CA  . ILE A 1 155 ? 12.049  3.871   2.498   1.00 8.15  ? 156 ILE A CA  1 
ATOM   1194 C C   . ILE A 1 155 ? 10.866  4.691   2.027   1.00 9.72  ? 156 ILE A C   1 
ATOM   1195 O O   . ILE A 1 155 ? 9.805   4.674   2.660   1.00 9.94  ? 156 ILE A O   1 
ATOM   1196 C CB  . ILE A 1 155 ? 11.604  2.417   2.737   1.00 7.51  ? 156 ILE A CB  1 
ATOM   1197 C CG1 . ILE A 1 155 ? 12.705  1.631   3.463   1.00 9.35  ? 156 ILE A CG1 1 
ATOM   1198 C CG2 . ILE A 1 155 ? 11.200  1.743   1.424   1.00 8.61  ? 156 ILE A CG2 1 
ATOM   1199 C CD1 . ILE A 1 155 ? 14.017  1.573   2.699   1.00 11.47 ? 156 ILE A CD1 1 
ATOM   1200 N N   . THR A 1 156 ? 11.042  5.409   0.926   1.00 7.74  ? 157 THR A N   1 
ATOM   1201 C CA  . THR A 1 156 ? 10.051  6.388   0.510   1.00 8.48  ? 157 THR A CA  1 
ATOM   1202 C C   . THR A 1 156 ? 9.487   6.119   -0.873  1.00 7.93  ? 157 THR A C   1 
ATOM   1203 O O   . THR A 1 156 ? 10.104  5.444   -1.705  1.00 7.79  ? 157 THR A O   1 
ATOM   1204 C CB  . THR A 1 156 ? 10.637  7.812   0.517   1.00 10.40 ? 157 THR A CB  1 
ATOM   1205 O OG1 . THR A 1 156 ? 11.768  7.868   -0.359  1.00 10.48 ? 157 THR A OG1 1 
ATOM   1206 C CG2 . THR A 1 156 ? 11.064  8.216   1.926   1.00 11.97 ? 157 THR A CG2 1 
ATOM   1207 N N   . ILE A 1 157 ? 8.293   6.649   -1.101  1.00 7.59  ? 158 ILE A N   1 
ATOM   1208 C CA  . ILE A 1 157 ? 7.699   6.692   -2.426  1.00 7.14  ? 158 ILE A CA  1 
ATOM   1209 C C   . ILE A 1 157 ? 8.136   8.008   -3.064  1.00 8.06  ? 158 ILE A C   1 
ATOM   1210 O O   . ILE A 1 157 ? 7.536   9.053   -2.829  1.00 8.89  ? 158 ILE A O   1 
ATOM   1211 C CB  . ILE A 1 157 ? 6.159   6.575   -2.355  1.00 7.06  ? 158 ILE A CB  1 
ATOM   1212 C CG1 . ILE A 1 157 ? 5.774   5.240   -1.702  1.00 7.58  ? 158 ILE A CG1 1 
ATOM   1213 C CG2 . ILE A 1 157 ? 5.527   6.714   -3.744  1.00 7.49  ? 158 ILE A CG2 1 
ATOM   1214 C CD1 . ILE A 1 157 ? 4.304   5.119   -1.333  1.00 7.19  ? 158 ILE A CD1 1 
ATOM   1215 N N   . ALA A 1 158 ? 9.220   7.953   -3.831  1.00 8.78  ? 159 ALA A N   1 
ATOM   1216 C CA  . ALA A 1 158 ? 9.813   9.165   -4.396  1.00 8.69  ? 159 ALA A CA  1 
ATOM   1217 C C   . ALA A 1 158 ? 8.895   9.778   -5.443  1.00 10.91 ? 159 ALA A C   1 
ATOM   1218 O O   . ALA A 1 158 ? 8.838   10.997  -5.609  1.00 12.50 ? 159 ALA A O   1 
ATOM   1219 C CB  . ALA A 1 158 ? 11.173  8.855   -4.993  1.00 11.93 ? 159 ALA A CB  1 
ATOM   1220 N N   . ASP A 1 159 ? 8.174   8.916   -6.145  1.00 10.05 ? 160 ASP A N   1 
ATOM   1221 C CA  . ASP A 1 159 ? 7.248   9.339   -7.179  1.00 11.18 ? 160 ASP A CA  1 
ATOM   1222 C C   . ASP A 1 159 ? 6.210   8.239   -7.354  1.00 10.45 ? 160 ASP A C   1 
ATOM   1223 O O   . ASP A 1 159 ? 6.461   7.086   -6.996  1.00 9.10  ? 160 ASP A O   1 
ATOM   1224 C CB  . ASP A 1 159 ? 7.992   9.619   -8.491  1.00 13.50 ? 160 ASP A CB  1 
ATOM   1225 C CG  . ASP A 1 159 ? 7.133   10.345  -9.507  1.00 23.21 ? 160 ASP A CG  1 
ATOM   1226 O OD1 . ASP A 1 159 ? 6.162   11.007  -9.094  1.00 20.46 ? 160 ASP A OD1 1 
ATOM   1227 O OD2 . ASP A 1 159 ? 7.436   10.268  -10.718 1.00 29.35 ? 160 ASP A OD2 1 
ATOM   1228 N N   . CYS A 1 160 ? 5.042   8.594   -7.876  1.00 8.88  ? 161 CYS A N   1 
ATOM   1229 C CA  . CYS A 1 160 ? 3.995   7.609   -8.114  1.00 7.14  ? 161 CYS A CA  1 
ATOM   1230 C C   . CYS A 1 160 ? 2.991   8.169   -9.102  1.00 7.79  ? 161 CYS A C   1 
ATOM   1231 O O   . CYS A 1 160 ? 2.963   9.374   -9.350  1.00 9.57  ? 161 CYS A O   1 
ATOM   1232 C CB  . CYS A 1 160 ? 3.313   7.188   -6.796  1.00 7.61  ? 161 CYS A CB  1 
ATOM   1233 S SG  . CYS A 1 160 ? 2.775   8.520   -5.674  1.00 8.23  ? 161 CYS A SG  1 
ATOM   1234 N N   . GLY A 1 161 ? 2.178   7.294   -9.676  1.00 6.47  ? 162 GLY A N   1 
ATOM   1235 C CA  . GLY A 1 161 ? 1.203   7.739   -10.652 1.00 8.24  ? 162 GLY A CA  1 
ATOM   1236 C C   . GLY A 1 161 ? 0.465   6.590   -11.298 1.00 8.17  ? 162 GLY A C   1 
ATOM   1237 O O   . GLY A 1 161 ? 0.567   5.448   -10.856 1.00 8.42  ? 162 GLY A O   1 
ATOM   1238 N N   . GLN A 1 162 ? -0.289  6.900   -12.346 1.00 8.99  ? 163 GLN A N   1 
ATOM   1239 C CA  . GLN A 1 162 ? -1.045  5.890   -13.076 1.00 9.48  ? 163 GLN A CA  1 
ATOM   1240 C C   . GLN A 1 162 ? -0.426  5.629   -14.445 1.00 10.86 ? 163 GLN A C   1 
ATOM   1241 O O   . GLN A 1 162 ? 0.007   6.565   -15.123 1.00 12.01 ? 163 GLN A O   1 
ATOM   1242 C CB  . GLN A 1 162 ? -2.504  6.326   -13.226 1.00 9.16  ? 163 GLN A CB  1 
ATOM   1243 C CG  . GLN A 1 162 ? -3.370  5.317   -13.959 1.00 11.76 ? 163 GLN A CG  1 
ATOM   1244 C CD  . GLN A 1 162 ? -4.834  5.693   -13.936 1.00 11.64 ? 163 GLN A CD  1 
ATOM   1245 O OE1 . GLN A 1 162 ? -5.210  6.760   -13.444 1.00 12.53 ? 163 GLN A OE1 1 
ATOM   1246 N NE2 . GLN A 1 162 ? -5.668  4.822   -14.473 1.00 11.43 ? 163 GLN A NE2 1 
ATOM   1247 N N   . LEU A 1 163 ? -0.377  4.358   -14.837 1.00 11.98 ? 164 LEU A N   1 
ATOM   1248 C CA  . LEU A 1 163 ? 0.134   3.968   -16.149 1.00 12.68 ? 164 LEU A CA  1 
ATOM   1249 C C   . LEU A 1 163 ? -1.011  3.859   -17.148 1.00 19.32 ? 164 LEU A C   1 
ATOM   1250 O O   . LEU A 1 163 ? -0.994  4.508   -18.196 1.00 32.02 ? 164 LEU A O   1 
ATOM   1251 C CB  . LEU A 1 163 ? 0.894   2.640   -16.063 1.00 13.97 ? 164 LEU A CB  1 
ATOM   1252 C CG  . LEU A 1 163 ? 2.140   2.606   -15.174 1.00 15.25 ? 164 LEU A CG  1 
ATOM   1253 C CD1 . LEU A 1 163 ? 2.707   1.196   -15.102 1.00 21.43 ? 164 LEU A CD1 1 
ATOM   1254 C CD2 . LEU A 1 163 ? 3.195   3.587   -15.673 1.00 18.10 ? 164 LEU A CD2 1 
HETATM 1255 N N1  . 78X B 2 .   ? -1.627  -3.416  9.538   1.00 6.50  ? 300 78X A N1  1 
HETATM 1256 N N2  . 78X B 2 .   ? -0.523  -3.725  10.372  1.00 6.54  ? 300 78X A N2  1 
HETATM 1257 C C5  . 78X B 2 .   ? -0.286  -5.844  9.117   1.00 7.05  ? 300 78X A C5  1 
HETATM 1258 C C6  . 78X B 2 .   ? -1.442  -5.391  8.218   1.00 7.62  ? 300 78X A C6  1 
HETATM 1259 C C7  . 78X B 2 .   ? -1.486  -3.867  8.155   1.00 5.69  ? 300 78X A C7  1 
HETATM 1260 C C8  . 78X B 2 .   ? -0.326  -5.180  10.499  1.00 6.20  ? 300 78X A C8  1 
HETATM 1261 C C23 . 78X B 2 .   ? -3.367  1.420   14.723  1.00 13.54 ? 300 78X A C23 1 
HETATM 1262 C C24 . 78X B 2 .   ? -2.762  1.953   16.024  1.00 18.97 ? 300 78X A C24 1 
HETATM 1263 C C25 . 78X B 2 .   ? -3.317  3.360   16.284  1.00 23.15 ? 300 78X A C25 1 
HETATM 1264 C C26 . 78X B 2 .   ? -1.209  1.966   16.014  1.00 26.58 ? 300 78X A C26 1 
HETATM 1265 C C27 . 78X B 2 .   ? -0.602  0.637   15.520  1.00 23.87 ? 300 78X A C27 1 
HETATM 1266 C C28 . 78X B 2 .   ? -0.344  -0.391  16.630  1.00 20.65 ? 300 78X A C28 1 
HETATM 1267 C C29 . 78X B 2 .   ? 1.021   -5.360  11.173  1.00 7.72  ? 300 78X A C29 1 
HETATM 1268 C C30 . 78X B 2 .   ? 2.133   -6.502  12.960  1.00 7.45  ? 300 78X A C30 1 
HETATM 1269 C C31 . 78X B 2 .   ? 2.463   -5.317  13.859  1.00 7.42  ? 300 78X A C31 1 
HETATM 1270 C C32 . 78X B 2 .   ? 1.456   -4.411  14.250  1.00 8.24  ? 300 78X A C32 1 
HETATM 1271 C C33 . 78X B 2 .   ? 1.725   -3.315  15.079  1.00 9.14  ? 300 78X A C33 1 
HETATM 1272 C C34 . 78X B 2 .   ? 3.035   -3.129  15.524  1.00 9.95  ? 300 78X A C34 1 
HETATM 1273 C C35 . 78X B 2 .   ? 4.052   -4.011  15.154  1.00 9.91  ? 300 78X A C35 1 
HETATM 1274 C C36 . 78X B 2 .   ? 3.769   -5.103  14.330  1.00 8.71  ? 300 78X A C36 1 
HETATM 1275 C C37 . 78X B 2 .   ? 0.646   -2.384  15.464  1.00 12.12 ? 300 78X A C37 1 
HETATM 1276 C C38 . 78X B 2 .   ? 0.792   -1.306  16.255  1.00 17.23 ? 300 78X A C38 1 
HETATM 1277 C C39 . 78X B 2 .   ? 0.647   3.216   15.139  1.00 26.28 ? 300 78X A C39 1 
HETATM 1278 C C40 . 78X B 2 .   ? 1.927   -7.831  13.689  1.00 8.44  ? 300 78X A C40 1 
HETATM 1279 O O44 . 78X B 2 .   ? -4.351  0.686   14.713  1.00 14.96 ? 300 78X A O44 1 
HETATM 1280 O O45 . 78X B 2 .   ? 2.052   -4.813  10.832  1.00 8.00  ? 300 78X A O45 1 
HETATM 1281 O O46 . 78X B 2 .   ? -0.761  3.011   15.143  1.00 23.21 ? 300 78X A O46 1 
HETATM 1282 O O47 . 78X B 2 .   ? 0.912   -6.224  12.220  1.00 6.55  ? 300 78X A O47 1 
HETATM 1283 N N3  . 78X B 2 .   ? -3.208  -1.109  11.848  1.00 6.95  ? 300 78X A N3  1 
HETATM 1284 C C10 . 78X B 2 .   ? -2.603  -2.419  11.591  1.00 6.84  ? 300 78X A C10 1 
HETATM 1285 C C11 . 78X B 2 .   ? -3.345  -3.526  12.363  1.00 8.31  ? 300 78X A C11 1 
HETATM 1286 C C12 . 78X B 2 .   ? -3.120  -3.566  13.858  1.00 9.58  ? 300 78X A C12 1 
HETATM 1287 C C17 . 78X B 2 .   ? -3.547  -2.495  14.663  1.00 12.95 ? 300 78X A C17 1 
HETATM 1288 C C16 . 78X B 2 .   ? -3.342  -2.516  16.044  1.00 13.74 ? 300 78X A C16 1 
HETATM 1289 C C13 . 78X B 2 .   ? -2.490  -4.661  14.471  1.00 11.07 ? 300 78X A C13 1 
HETATM 1290 C C14 . 78X B 2 .   ? -2.303  -4.668  15.855  1.00 11.27 ? 300 78X A C14 1 
HETATM 1291 C C15 . 78X B 2 .   ? -2.724  -3.607  16.646  1.00 14.19 ? 300 78X A C15 1 
HETATM 1292 O O42 . 78X B 2 .   ? -1.694  -5.744  16.430  1.00 13.25 ? 300 78X A O42 1 
HETATM 1293 C C9  . 78X B 2 .   ? -2.697  -2.747  10.102  1.00 7.69  ? 300 78X A C9  1 
HETATM 1294 O O41 . 78X B 2 .   ? -3.689  -2.455  9.429   1.00 7.41  ? 300 78X A O41 1 
HETATM 1295 N N4  . 78X B 2 .   ? -2.804  1.765   13.515  1.00 11.41 ? 300 78X A N4  1 
HETATM 1296 C C19 . 78X B 2 .   ? -3.244  1.320   12.189  1.00 9.90  ? 300 78X A C19 1 
HETATM 1297 C C18 . 78X B 2 .   ? -2.461  0.048   11.860  1.00 8.55  ? 300 78X A C18 1 
HETATM 1298 O O43 . 78X B 2 .   ? -1.244  0.098   11.663  1.00 8.55  ? 300 78X A O43 1 
HETATM 1299 C C20 . 78X B 2 .   ? -3.120  2.397   11.089  1.00 9.93  ? 300 78X A C20 1 
HETATM 1300 C C21 . 78X B 2 .   ? -3.700  1.844   9.784   1.00 8.95  ? 300 78X A C21 1 
HETATM 1301 C C22 . 78X B 2 .   ? -3.849  3.703   11.433  1.00 11.91 ? 300 78X A C22 1 
HETATM 1302 O O   . HOH C 3 .   ? 4.643   11.719  -7.904  1.00 22.75 ? 401 HOH A O   1 
HETATM 1303 O O   . HOH C 3 .   ? 6.821   10.027  -12.847 1.00 32.94 ? 402 HOH A O   1 
HETATM 1304 O O   . HOH C 3 .   ? 15.125  -8.355  17.577  1.00 29.43 ? 403 HOH A O   1 
HETATM 1305 O O   . HOH C 3 .   ? -8.423  9.789   7.952   1.00 23.27 ? 404 HOH A O   1 
HETATM 1306 O O   . HOH C 3 .   ? -13.249 -13.984 2.154   1.00 43.80 ? 405 HOH A O   1 
HETATM 1307 O O   . HOH C 3 .   ? -1.949  -15.210 -4.664  1.00 25.29 ? 406 HOH A O   1 
HETATM 1308 O O   . HOH C 3 .   ? -5.882  0.377   16.688  1.00 24.66 ? 407 HOH A O   1 
HETATM 1309 O O   . HOH C 3 .   ? 2.823   12.041  0.771   1.00 24.36 ? 408 HOH A O   1 
HETATM 1310 O O   . HOH C 3 .   ? 2.558   -9.366  -14.012 1.00 22.89 ? 409 HOH A O   1 
HETATM 1311 O O   . HOH C 3 .   ? -6.643  -6.674  -15.735 1.00 23.12 ? 410 HOH A O   1 
HETATM 1312 O O   . HOH C 3 .   ? -2.962  -19.331 -1.447  1.00 29.83 ? 411 HOH A O   1 
HETATM 1313 O O   . HOH C 3 .   ? -12.246 10.110  -7.677  1.00 19.06 ? 412 HOH A O   1 
HETATM 1314 O O   . HOH C 3 .   ? -4.830  -18.939 10.146  1.00 16.54 ? 413 HOH A O   1 
HETATM 1315 O O   . HOH C 3 .   ? 7.843   -7.778  3.960   1.00 14.84 ? 414 HOH A O   1 
HETATM 1316 O O   . HOH C 3 .   ? 3.821   5.255   2.056   1.00 11.94 ? 415 HOH A O   1 
HETATM 1317 O O   . HOH C 3 .   ? -0.662  3.197   -20.489 1.00 31.80 ? 416 HOH A O   1 
HETATM 1318 O O   . HOH C 3 .   ? -4.977  -14.187 -5.546  1.00 26.65 ? 417 HOH A O   1 
HETATM 1319 O O   . HOH C 3 .   ? -15.464 -10.381 7.836   1.00 19.17 ? 418 HOH A O   1 
HETATM 1320 O O   . HOH C 3 .   ? -10.068 13.744  -9.395  1.00 24.91 ? 419 HOH A O   1 
HETATM 1321 O O   . HOH C 3 .   ? -19.751 5.356   -1.825  1.00 38.78 ? 420 HOH A O   1 
HETATM 1322 O O   . HOH C 3 .   ? -9.974  -2.842  5.374   1.00 7.68  ? 421 HOH A O   1 
HETATM 1323 O O   . HOH C 3 .   ? 22.120  4.950   3.907   1.00 29.31 ? 422 HOH A O   1 
HETATM 1324 O O   . HOH C 3 .   ? -6.250  2.621   5.581   1.00 8.77  ? 423 HOH A O   1 
HETATM 1325 O O   . HOH C 3 .   ? -18.728 -1.812  -4.335  1.00 19.81 ? 424 HOH A O   1 
HETATM 1326 O O   . HOH C 3 .   ? 7.711   0.841   12.565  1.00 27.47 ? 425 HOH A O   1 
HETATM 1327 O O   . HOH C 3 .   ? 21.227  9.589   -7.642  1.00 16.65 ? 426 HOH A O   1 
HETATM 1328 O O   . HOH C 3 .   ? -4.600  12.648  9.790   1.00 23.78 ? 427 HOH A O   1 
HETATM 1329 O O   . HOH C 3 .   ? -11.027 -8.427  0.658   1.00 33.57 ? 428 HOH A O   1 
HETATM 1330 O O   . HOH C 3 .   ? 1.968   -10.707 -8.039  1.00 25.52 ? 429 HOH A O   1 
HETATM 1331 O O   . HOH C 3 .   ? -9.342  -17.396 5.026   1.00 18.37 ? 430 HOH A O   1 
HETATM 1332 O O   . HOH C 3 .   ? 5.026   8.910   5.547   1.00 15.29 ? 431 HOH A O   1 
HETATM 1333 O O   . HOH C 3 .   ? -12.728 2.044   -9.432  1.00 16.56 ? 432 HOH A O   1 
HETATM 1334 O O   . HOH C 3 .   ? 12.308  10.158  -1.715  1.00 21.31 ? 433 HOH A O   1 
HETATM 1335 O O   . HOH C 3 .   ? -14.872 10.157  5.780   1.00 28.03 ? 434 HOH A O   1 
HETATM 1336 O O   . HOH C 3 .   ? 1.790   14.775  2.538   1.00 33.59 ? 435 HOH A O   1 
HETATM 1337 O O   . HOH C 3 .   ? 7.703   -13.537 -1.023  1.00 24.11 ? 436 HOH A O   1 
HETATM 1338 O O   . HOH C 3 .   ? -7.909  2.319   -1.164  1.00 10.27 ? 437 HOH A O   1 
HETATM 1339 O O   . HOH C 3 .   ? -8.938  17.071  -8.800  1.00 24.98 ? 438 HOH A O   1 
HETATM 1340 O O   . HOH C 3 .   ? 20.304  3.421   -7.065  1.00 15.27 ? 439 HOH A O   1 
HETATM 1341 O O   . HOH C 3 .   ? 20.282  -1.161  6.844   1.00 27.40 ? 440 HOH A O   1 
HETATM 1342 O O   . HOH C 3 .   ? -13.844 11.793  -3.752  1.00 19.56 ? 441 HOH A O   1 
HETATM 1343 O O   . HOH C 3 .   ? 3.550   5.798   6.107   1.00 9.98  ? 442 HOH A O   1 
HETATM 1344 O O   . HOH C 3 .   ? -5.003  -6.981  11.584  1.00 16.75 ? 443 HOH A O   1 
HETATM 1345 O O   . HOH C 3 .   ? -6.825  -12.443 -3.776  1.00 16.42 ? 444 HOH A O   1 
HETATM 1346 O O   . HOH C 3 .   ? -8.937  -5.253  11.151  1.00 21.92 ? 445 HOH A O   1 
HETATM 1347 O O   . HOH C 3 .   ? 6.413   -9.096  14.172  1.00 15.60 ? 446 HOH A O   1 
HETATM 1348 O O   . HOH C 3 .   ? -1.807  -7.875  14.718  1.00 15.30 ? 447 HOH A O   1 
HETATM 1349 O O   . HOH C 3 .   ? -5.135  12.570  -4.691  1.00 9.84  ? 448 HOH A O   1 
HETATM 1350 O O   . HOH C 3 .   ? -0.046  -18.459 6.106   1.00 12.53 ? 449 HOH A O   1 
HETATM 1351 O O   . HOH C 3 .   ? 24.724  -4.179  0.680   1.00 21.20 ? 450 HOH A O   1 
HETATM 1352 O O   . HOH C 3 .   ? 23.715  10.939  -5.367  1.00 16.94 ? 451 HOH A O   1 
HETATM 1353 O O   . HOH C 3 .   ? -12.345 -2.535  -13.738 1.00 28.92 ? 452 HOH A O   1 
HETATM 1354 O O   . HOH C 3 .   ? -5.888  -21.026 4.481   1.00 16.09 ? 453 HOH A O   1 
HETATM 1355 O O   . HOH C 3 .   ? -7.417  3.134   10.132  1.00 15.02 ? 454 HOH A O   1 
HETATM 1356 O O   . HOH C 3 .   ? 6.249   -1.229  13.820  1.00 11.55 ? 455 HOH A O   1 
HETATM 1357 O O   . HOH C 3 .   ? -4.624  9.305   -14.338 1.00 18.48 ? 456 HOH A O   1 
HETATM 1358 O O   . HOH C 3 .   ? -0.495  17.530  -0.218  1.00 28.14 ? 457 HOH A O   1 
HETATM 1359 O O   . HOH C 3 .   ? 21.825  8.249   0.655   1.00 20.53 ? 458 HOH A O   1 
HETATM 1360 O O   . HOH C 3 .   ? 8.512   10.474  4.179   1.00 27.90 ? 459 HOH A O   1 
HETATM 1361 O O   . HOH C 3 .   ? 18.416  -7.092  6.995   1.00 45.09 ? 460 HOH A O   1 
HETATM 1362 O O   . HOH C 3 .   ? -5.879  -16.468 2.240   1.00 11.73 ? 461 HOH A O   1 
HETATM 1363 O O   . HOH C 3 .   ? -1.786  -7.750  -14.003 1.00 25.31 ? 462 HOH A O   1 
HETATM 1364 O O   . HOH C 3 .   ? 14.199  7.474   0.911   1.00 13.66 ? 463 HOH A O   1 
HETATM 1365 O O   . HOH C 3 .   ? 7.447   -1.970  -12.059 1.00 17.42 ? 464 HOH A O   1 
HETATM 1366 O O   . HOH C 3 .   ? -15.666 3.826   11.444  1.00 27.13 ? 465 HOH A O   1 
HETATM 1367 O O   . HOH C 3 .   ? 20.077  3.737   -1.243  1.00 17.80 ? 466 HOH A O   1 
HETATM 1368 O O   . HOH C 3 .   ? -14.239 0.254   14.032  1.00 20.19 ? 467 HOH A O   1 
HETATM 1369 O O   . HOH C 3 .   ? -14.976 -14.686 -1.600  1.00 32.07 ? 468 HOH A O   1 
HETATM 1370 O O   . HOH C 3 .   ? -17.958 -6.375  -6.488  1.00 22.92 ? 469 HOH A O   1 
HETATM 1371 O O   . HOH C 3 .   ? -13.928 -7.070  9.646   1.00 17.92 ? 470 HOH A O   1 
HETATM 1372 O O   . HOH C 3 .   ? 2.546   -16.216 6.386   1.00 11.45 ? 471 HOH A O   1 
HETATM 1373 O O   . HOH C 3 .   ? 22.546  10.075  -1.101  1.00 19.76 ? 472 HOH A O   1 
HETATM 1374 O O   . HOH C 3 .   ? -12.170 -14.671 -3.980  1.00 29.73 ? 473 HOH A O   1 
HETATM 1375 O O   . HOH C 3 .   ? -0.893  15.966  -4.913  1.00 20.43 ? 474 HOH A O   1 
HETATM 1376 O O   . HOH C 3 .   ? -10.841 13.393  1.006   1.00 12.34 ? 475 HOH A O   1 
HETATM 1377 O O   . HOH C 3 .   ? 11.171  -5.742  -11.781 1.00 17.91 ? 476 HOH A O   1 
HETATM 1378 O O   . HOH C 3 .   ? -12.480 -4.789  9.074   1.00 15.92 ? 477 HOH A O   1 
HETATM 1379 O O   . HOH C 3 .   ? -15.401 5.975   -5.924  1.00 17.24 ? 478 HOH A O   1 
HETATM 1380 O O   . HOH C 3 .   ? 8.091   -13.976 2.405   1.00 14.79 ? 479 HOH A O   1 
HETATM 1381 O O   . HOH C 3 .   ? 6.894   -15.968 5.458   1.00 15.56 ? 480 HOH A O   1 
HETATM 1382 O O   . HOH C 3 .   ? -17.337 7.307   1.921   1.00 23.52 ? 481 HOH A O   1 
HETATM 1383 O O   . HOH C 3 .   ? 10.831  8.903   7.610   1.00 31.82 ? 482 HOH A O   1 
HETATM 1384 O O   . HOH C 3 .   ? 11.008  3.937   6.114   1.00 14.06 ? 483 HOH A O   1 
HETATM 1385 O O   . HOH C 3 .   ? 17.136  -3.842  8.441   1.00 21.38 ? 484 HOH A O   1 
HETATM 1386 O O   . HOH C 3 .   ? 15.466  -1.785  11.579  1.00 24.38 ? 485 HOH A O   1 
HETATM 1387 O O   . HOH C 3 .   ? -10.466 3.404   -10.348 1.00 13.16 ? 486 HOH A O   1 
HETATM 1388 O O   . HOH C 3 .   ? 7.480   -12.822 9.110   1.00 16.00 ? 487 HOH A O   1 
HETATM 1389 O O   . HOH C 3 .   ? -16.766 -4.329  8.098   1.00 19.29 ? 488 HOH A O   1 
HETATM 1390 O O   . HOH C 3 .   ? -11.543 -1.035  8.067   1.00 11.04 ? 489 HOH A O   1 
HETATM 1391 O O   . HOH C 3 .   ? -11.903 7.408   -11.760 1.00 20.65 ? 490 HOH A O   1 
HETATM 1392 O O   . HOH C 3 .   ? 3.889   -13.942 7.423   1.00 13.11 ? 491 HOH A O   1 
HETATM 1393 O O   . HOH C 3 .   ? -12.140 -12.601 9.708   1.00 21.42 ? 492 HOH A O   1 
HETATM 1394 O O   . HOH C 3 .   ? -5.835  8.370   9.826   1.00 30.15 ? 493 HOH A O   1 
HETATM 1395 O O   . HOH C 3 .   ? -1.345  -12.545 1.155   1.00 11.33 ? 494 HOH A O   1 
HETATM 1396 O O   . HOH C 3 .   ? -2.670  6.767   -18.431 1.00 28.87 ? 495 HOH A O   1 
HETATM 1397 O O   . HOH C 3 .   ? -11.981 -12.719 2.721   1.00 32.21 ? 496 HOH A O   1 
HETATM 1398 O O   . HOH C 3 .   ? 3.594   -2.544  -15.012 1.00 24.79 ? 497 HOH A O   1 
HETATM 1399 O O   . HOH C 3 .   ? 13.053  4.685   -7.701  1.00 13.11 ? 498 HOH A O   1 
HETATM 1400 O O   . HOH C 3 .   ? -12.909 -0.854  1.612   1.00 10.84 ? 499 HOH A O   1 
HETATM 1401 O O   . HOH C 3 .   ? 17.991  6.827   7.349   1.00 33.52 ? 500 HOH A O   1 
HETATM 1402 O O   . HOH C 3 .   ? -9.255  -14.826 8.664   1.00 16.97 ? 501 HOH A O   1 
HETATM 1403 O O   . HOH C 3 .   ? -10.059 -10.134 3.227   1.00 11.51 ? 502 HOH A O   1 
HETATM 1404 O O   . HOH C 3 .   ? 10.129  2.663   10.362  1.00 17.36 ? 503 HOH A O   1 
HETATM 1405 O O   . HOH C 3 .   ? -8.980  -14.112 -3.446  1.00 20.12 ? 504 HOH A O   1 
HETATM 1406 O O   . HOH C 3 .   ? 13.658  -10.326 0.983   1.00 21.34 ? 505 HOH A O   1 
HETATM 1407 O O   . HOH C 3 .   ? -17.715 -9.682  1.539   1.00 19.15 ? 506 HOH A O   1 
HETATM 1408 O O   . HOH C 3 .   ? 20.075  1.940   10.657  1.00 35.86 ? 507 HOH A O   1 
HETATM 1409 O O   . HOH C 3 .   ? 15.088  -8.916  -5.178  1.00 17.47 ? 508 HOH A O   1 
HETATM 1410 O O   . HOH C 3 .   ? 2.052   14.098  -1.696  1.00 15.22 ? 509 HOH A O   1 
HETATM 1411 O O   . HOH C 3 .   ? -2.946  -9.370  -10.993 1.00 21.07 ? 510 HOH A O   1 
HETATM 1412 O O   . HOH C 3 .   ? -18.866 -2.417  5.630   1.00 22.07 ? 511 HOH A O   1 
HETATM 1413 O O   . HOH C 3 .   ? 4.145   0.544   15.806  1.00 16.68 ? 512 HOH A O   1 
HETATM 1414 O O   . HOH C 3 .   ? -16.130 4.539   7.584   1.00 19.51 ? 513 HOH A O   1 
HETATM 1415 O O   . HOH C 3 .   ? -16.880 -2.747  -10.363 1.00 20.74 ? 514 HOH A O   1 
HETATM 1416 O O   . HOH C 3 .   ? 4.044   10.662  -11.698 1.00 29.13 ? 515 HOH A O   1 
HETATM 1417 O O   . HOH C 3 .   ? 0.649   11.197  -4.832  1.00 10.17 ? 516 HOH A O   1 
HETATM 1418 O O   . HOH C 3 .   ? -6.215  6.871   11.384  1.00 30.72 ? 517 HOH A O   1 
HETATM 1419 O O   . HOH C 3 .   ? 9.021   12.791  -3.340  1.00 20.18 ? 518 HOH A O   1 
HETATM 1420 O O   . HOH C 3 .   ? -4.875  5.970   6.697   1.00 12.18 ? 519 HOH A O   1 
HETATM 1421 O O   . HOH C 3 .   ? 9.987   12.477  1.203   1.00 29.64 ? 520 HOH A O   1 
HETATM 1422 O O   . HOH C 3 .   ? -16.599 1.235   0.778   1.00 19.22 ? 521 HOH A O   1 
HETATM 1423 O O   . HOH C 3 .   ? 10.715  -10.763 10.314  1.00 16.36 ? 522 HOH A O   1 
HETATM 1424 O O   . HOH C 3 .   ? -0.558  -10.154 11.922  1.00 13.10 ? 523 HOH A O   1 
HETATM 1425 O O   . HOH C 3 .   ? -12.102 -7.753  -1.830  1.00 13.41 ? 524 HOH A O   1 
HETATM 1426 O O   . HOH C 3 .   ? -10.755 2.409   15.442  1.00 30.64 ? 525 HOH A O   1 
HETATM 1427 O O   . HOH C 3 .   ? -4.186  2.519   -15.642 1.00 14.14 ? 526 HOH A O   1 
HETATM 1428 O O   . HOH C 3 .   ? 0.484   -14.724 -4.838  1.00 21.71 ? 527 HOH A O   1 
HETATM 1429 O O   . HOH C 3 .   ? 6.634   1.232   -15.778 1.00 18.53 ? 528 HOH A O   1 
HETATM 1430 O O   . HOH C 3 .   ? -0.249  9.774   -12.922 1.00 14.52 ? 529 HOH A O   1 
HETATM 1431 O O   . HOH C 3 .   ? -5.607  0.297   -17.166 1.00 25.31 ? 530 HOH A O   1 
HETATM 1432 O O   . HOH C 3 .   ? 12.715  -3.057  15.359  1.00 31.66 ? 531 HOH A O   1 
HETATM 1433 O O   . HOH C 3 .   ? 14.976  -7.823  13.330  1.00 21.25 ? 532 HOH A O   1 
HETATM 1434 O O   . HOH C 3 .   ? -18.280 -5.341  3.725   1.00 26.69 ? 533 HOH A O   1 
HETATM 1435 O O   . HOH C 3 .   ? -5.434  -4.291  -16.067 1.00 23.23 ? 534 HOH A O   1 
HETATM 1436 O O   . HOH C 3 .   ? -18.105 -0.332  12.284  1.00 30.75 ? 535 HOH A O   1 
HETATM 1437 O O   . HOH C 3 .   ? 1.184   11.202  -10.895 1.00 23.43 ? 536 HOH A O   1 
HETATM 1438 O O   . HOH C 3 .   ? 19.252  2.181   -3.416  1.00 14.61 ? 537 HOH A O   1 
HETATM 1439 O O   . HOH C 3 .   ? -19.078 -4.515  -2.870  1.00 41.34 ? 538 HOH A O   1 
HETATM 1440 O O   . HOH C 3 .   ? 15.781  -8.031  6.884   1.00 25.11 ? 539 HOH A O   1 
HETATM 1441 O O   . HOH C 3 .   ? -2.608  14.704  -10.471 1.00 28.94 ? 540 HOH A O   1 
HETATM 1442 O O   . HOH C 3 .   ? 8.990   -7.870  -12.151 1.00 23.98 ? 541 HOH A O   1 
HETATM 1443 O O   . HOH C 3 .   ? 12.714  -5.549  15.787  1.00 18.42 ? 542 HOH A O   1 
HETATM 1444 O O   . HOH C 3 .   ? 8.972   -10.633 12.610  1.00 26.99 ? 543 HOH A O   1 
HETATM 1445 O O   . HOH C 3 .   ? 3.920   3.813   14.366  1.00 32.00 ? 544 HOH A O   1 
HETATM 1446 O O   . HOH C 3 .   ? 6.815   -8.788  -10.289 1.00 21.13 ? 545 HOH A O   1 
HETATM 1447 O O   . HOH C 3 .   ? 0.194   14.716  0.320   1.00 15.13 ? 546 HOH A O   1 
HETATM 1448 O O   . HOH C 3 .   ? 9.581   -8.937  -10.070 1.00 20.69 ? 547 HOH A O   1 
HETATM 1449 O O   . HOH C 3 .   ? -14.109 9.120   9.232   1.00 21.95 ? 548 HOH A O   1 
HETATM 1450 O O   . HOH C 3 .   ? -9.098  11.250  -13.228 1.00 25.92 ? 549 HOH A O   1 
HETATM 1451 O O   . HOH C 3 .   ? 13.624  5.103   8.874   1.00 28.62 ? 550 HOH A O   1 
HETATM 1452 O O   . HOH C 3 .   ? 9.587   -1.137  -14.143 1.00 27.06 ? 551 HOH A O   1 
HETATM 1453 O O   . HOH C 3 .   ? 1.743   11.771  -7.341  1.00 15.48 ? 552 HOH A O   1 
HETATM 1454 O O   . HOH C 3 .   ? 12.432  3.619   -9.867  1.00 20.28 ? 553 HOH A O   1 
HETATM 1455 O O   . HOH C 3 .   ? 9.552   -1.605  15.489  1.00 19.68 ? 554 HOH A O   1 
HETATM 1456 O O   . HOH C 3 .   ? 6.974   7.179   9.787   1.00 23.82 ? 555 HOH A O   1 
HETATM 1457 O O   . HOH C 3 .   ? 4.058   -12.312 -6.544  1.00 23.99 ? 556 HOH A O   1 
HETATM 1458 O O   . HOH C 3 .   ? -8.984  -5.851  -16.321 1.00 24.08 ? 557 HOH A O   1 
HETATM 1459 O O   . HOH C 3 .   ? 15.372  -11.059 -3.224  1.00 23.51 ? 558 HOH A O   1 
HETATM 1460 O O   . HOH C 3 .   ? -16.422 7.226   8.444   1.00 22.97 ? 559 HOH A O   1 
HETATM 1461 O O   . HOH C 3 .   ? -0.718  -9.642  -10.885 1.00 25.90 ? 560 HOH A O   1 
HETATM 1462 O O   . HOH C 3 .   ? 0.296   13.799  -3.751  1.00 14.64 ? 561 HOH A O   1 
HETATM 1463 O O   . HOH C 3 .   ? -0.695  -18.491 -4.016  1.00 28.27 ? 562 HOH A O   1 
HETATM 1464 O O   . HOH C 3 .   ? -2.078  -7.736  11.820  1.00 15.26 ? 563 HOH A O   1 
HETATM 1465 O O   . HOH C 3 .   ? -17.382 13.679  2.450   1.00 22.36 ? 564 HOH A O   1 
HETATM 1466 O O   . HOH C 3 .   ? -8.833  6.059   -14.492 1.00 26.52 ? 565 HOH A O   1 
HETATM 1467 O O   . HOH C 3 .   ? -13.298 -13.768 4.866   1.00 27.55 ? 566 HOH A O   1 
HETATM 1468 O O   . HOH C 3 .   ? -4.738  -11.437 -10.209 1.00 23.11 ? 567 HOH A O   1 
HETATM 1469 O O   . HOH C 3 .   ? -4.476  17.242  3.289   1.00 19.95 ? 568 HOH A O   1 
HETATM 1470 O O   . HOH C 3 .   ? -18.466 -3.925  -8.632  1.00 28.71 ? 569 HOH A O   1 
HETATM 1471 O O   . HOH C 3 .   ? -2.911  7.939   -16.558 1.00 38.20 ? 570 HOH A O   1 
HETATM 1472 O O   . HOH C 3 .   ? -16.078 3.748   -7.417  1.00 25.08 ? 571 HOH A O   1 
HETATM 1473 O O   . HOH C 3 .   ? 11.835  -13.619 6.091   1.00 35.12 ? 572 HOH A O   1 
HETATM 1474 O O   . HOH C 3 .   ? 17.434  10.827  2.714   1.00 46.81 ? 573 HOH A O   1 
HETATM 1475 O O   . HOH C 3 .   ? 2.472   -2.085  -16.785 1.00 29.62 ? 574 HOH A O   1 
HETATM 1476 O O   . HOH C 3 .   ? 18.822  2.234   -9.306  1.00 16.45 ? 575 HOH A O   1 
HETATM 1477 O O   . HOH C 3 .   ? 14.576  9.864   2.170   1.00 22.63 ? 576 HOH A O   1 
HETATM 1478 O O   . HOH C 3 .   ? 8.543   9.791   8.407   1.00 36.38 ? 577 HOH A O   1 
HETATM 1479 O O   . HOH C 3 .   ? 4.819   7.465   8.175   1.00 14.08 ? 578 HOH A O   1 
HETATM 1480 O O   . HOH C 3 .   ? 15.215  8.677   -5.739  1.00 21.83 ? 579 HOH A O   1 
HETATM 1481 O O   . HOH C 3 .   ? 12.252  -12.662 4.134   1.00 39.90 ? 580 HOH A O   1 
HETATM 1482 O O   . HOH C 3 .   ? -21.702 -0.148  9.973   1.00 30.48 ? 581 HOH A O   1 
HETATM 1483 O O   . HOH C 3 .   ? 15.672  6.119   12.638  1.00 40.76 ? 582 HOH A O   1 
HETATM 1484 O O   . HOH C 3 .   ? -1.809  16.154  4.185   1.00 32.08 ? 583 HOH A O   1 
HETATM 1485 O O   . HOH C 3 .   ? 16.125  5.645   9.036   1.00 32.16 ? 584 HOH A O   1 
HETATM 1486 O O   . HOH C 3 .   ? -7.258  -17.582 9.770   1.00 18.60 ? 585 HOH A O   1 
HETATM 1487 O O   . HOH C 3 .   ? 18.998  10.394  3.771   1.00 46.34 ? 586 HOH A O   1 
HETATM 1488 O O   . HOH C 3 .   ? -2.144  18.728  -7.395  1.00 30.93 ? 587 HOH A O   1 
HETATM 1489 O O   . HOH C 3 .   ? -5.786  4.014   7.965   1.00 16.25 ? 588 HOH A O   1 
HETATM 1490 O O   . HOH C 3 .   ? -8.758  -18.466 7.353   1.00 20.84 ? 589 HOH A O   1 
HETATM 1491 O O   . HOH C 3 .   ? -18.832 0.359   -0.050  1.00 24.92 ? 590 HOH A O   1 
HETATM 1492 O O   . HOH C 3 .   ? 14.635  3.440   -9.974  1.00 19.04 ? 591 HOH A O   1 
HETATM 1493 O O   . HOH C 3 .   ? 5.345   3.026   12.996  1.00 30.82 ? 592 HOH A O   1 
HETATM 1494 O O   . HOH C 3 .   ? -16.642 11.564  -1.140  1.00 28.06 ? 593 HOH A O   1 
HETATM 1495 O O   . HOH C 3 .   ? 9.577   -7.793  -14.766 1.00 36.42 ? 594 HOH A O   1 
HETATM 1496 O O   . HOH C 3 .   ? -7.614  4.877   12.253  1.00 18.41 ? 595 HOH A O   1 
HETATM 1497 O O   . HOH C 3 .   ? -8.438  -9.915  -14.228 1.00 23.88 ? 596 HOH A O   1 
HETATM 1498 O O   . HOH C 3 .   ? 11.263  -1.611  -17.276 1.00 34.10 ? 597 HOH A O   1 
HETATM 1499 O O   . HOH C 3 .   ? -14.455 4.471   -10.405 1.00 32.17 ? 598 HOH A O   1 
HETATM 1500 O O   . HOH C 3 .   ? 14.499  11.480  0.295   1.00 29.04 ? 599 HOH A O   1 
HETATM 1501 O O   . HOH C 3 .   ? -14.544 1.244   -11.444 1.00 29.03 ? 600 HOH A O   1 
HETATM 1502 O O   . HOH C 3 .   ? 10.945  6.241   7.714   1.00 21.50 ? 601 HOH A O   1 
HETATM 1503 O O   . HOH C 3 .   ? -5.422  18.732  5.709   1.00 22.22 ? 602 HOH A O   1 
HETATM 1504 O O   . HOH C 3 .   ? -18.326 -5.339  6.195   1.00 29.05 ? 603 HOH A O   1 
HETATM 1505 O O   . HOH C 3 .   ? -18.546 3.558   8.006   1.00 30.62 ? 604 HOH A O   1 
HETATM 1506 O O   . HOH C 3 .   ? -2.249  6.777   -21.468 1.00 30.57 ? 605 HOH A O   1 
HETATM 1507 O O   . HOH C 3 .   ? -19.652 -7.417  2.186   1.00 31.99 ? 606 HOH A O   1 
HETATM 1508 O O   . HOH C 3 .   ? 7.728   14.858  -2.601  1.00 33.29 ? 607 HOH A O   1 
HETATM 1509 O O   . HOH C 3 .   ? -6.390  -14.342 13.951  1.00 23.53 ? 608 HOH A O   1 
HETATM 1510 O O   . HOH C 3 .   ? 10.481  12.124  -1.389  1.00 27.67 ? 609 HOH A O   1 
HETATM 1511 O O   . HOH C 3 .   ? 9.174   -16.364 6.575   1.00 30.79 ? 610 HOH A O   1 
HETATM 1512 O O   . HOH C 3 .   ? 5.614   1.689   -18.132 1.00 53.10 ? 611 HOH A O   1 
HETATM 1513 O O   . HOH C 3 .   ? -10.021 4.975   13.001  1.00 31.75 ? 612 HOH A O   1 
HETATM 1514 O O   . HOH C 3 .   ? 9.020   5.796   9.732   1.00 27.64 ? 613 HOH A O   1 
HETATM 1515 O O   . HOH C 3 .   ? 10.248  -12.398 12.326  1.00 35.64 ? 614 HOH A O   1 
HETATM 1516 O O   . HOH C 3 .   ? -10.516 3.366   -13.156 1.00 19.30 ? 615 HOH A O   1 
HETATM 1517 O O   . HOH C 3 .   ? -16.407 -1.308  15.193  1.00 29.13 ? 616 HOH A O   1 
HETATM 1518 O O   . HOH C 3 .   ? -8.586  -17.015 11.800  1.00 34.47 ? 617 HOH A O   1 
HETATM 1519 O O   . HOH C 3 .   ? -6.582  -18.566 0.680   1.00 19.76 ? 618 HOH A O   1 
HETATM 1520 O O   . HOH C 3 .   ? -16.639 -6.429  9.673   1.00 22.58 ? 619 HOH A O   1 
HETATM 1521 O O   . HOH C 3 .   ? 13.535  7.472   -7.791  1.00 17.95 ? 620 HOH A O   1 
HETATM 1522 O O   . HOH C 3 .   ? -17.052 6.246   11.056  1.00 32.57 ? 621 HOH A O   1 
HETATM 1523 O O   . HOH C 3 .   ? -9.360  -16.802 -3.196  1.00 31.66 ? 622 HOH A O   1 
HETATM 1524 O O   . HOH C 3 .   ? 21.036  5.428   -9.198  1.00 16.09 ? 623 HOH A O   1 
HETATM 1525 O O   . HOH C 3 .   ? 6.100   -12.273 11.263  1.00 16.71 ? 624 HOH A O   1 
HETATM 1526 O O   . HOH C 3 .   ? -2.165  19.179  10.258  1.00 28.04 ? 625 HOH A O   1 
HETATM 1527 O O   . HOH C 3 .   ? 7.838   -13.169 13.407  1.00 28.97 ? 626 HOH A O   1 
HETATM 1528 O O   . HOH C 3 .   ? -17.637 -6.223  11.975  1.00 30.15 ? 627 HOH A O   1 
# 
